data_6S2E
#
_entry.id   6S2E
#
_cell.length_a   1.00
_cell.length_b   1.00
_cell.length_c   1.00
_cell.angle_alpha   90.00
_cell.angle_beta   90.00
_cell.angle_gamma   90.00
#
_symmetry.space_group_name_H-M   'P 1'
#
loop_
_entity.id
_entity.type
_entity.pdbx_description
1 polymer 'DNA polymerase epsilon catalytic subunit A'
2 polymer 'Chromosome transmission fidelity protein 8'
3 polymer 'Chromosome transmission fidelity protein 18'
4 polymer 'Sister chromatid cohesion protein DCC1'
5 non-polymer 'IRON/SULFUR CLUSTER'
#
loop_
_entity_poly.entity_id
_entity_poly.type
_entity_poly.pdbx_seq_one_letter_code
_entity_poly.pdbx_strand_id
1 'polypeptide(L)'
;MKHHHHHHSAGLEVLFQGPGTGSEFELMMFGKKKNNGGSSTARYSAGNKYNTLSNNYALSAQQLLNASKIDDIDSMMGFE
RYVPPQYNGRFDAKDIDQIPGRVGWLTNMHATLVSQETLSSGSNGGGNSNDGERVTTNQGISGVDFYFLDEEGGSFKSTV
VYDPYFFIACNDESRVNDVEELVKKYLESCLKSLQIIRKEDLTMDNHLLGLQKTLIKLSFVNSNQLFEARKLLRPILQDN
ANNNVQRNIYNVAANGSEKVDAKHLIEDIREYDVPYHVRVSIDKDIRVGKWYKVTQQGFIEDTRKIAFADPVVMAFAIAT
TKPPLKFPDSAVDQIMMISYMIDGEGFLITNREIISEDIEDFEYTPKPEYPGFFTIFNENDEVALLQRFFEHIRDVRPTV
ISTFNGDFFDWPFIHNRSKIHGLDMFDEIGFAPDAEGEYKSSYCSHMDCFRWVKRDSYLPQGSQGLKAVTQSKLGYNPIE
LDPELMTPYAFEKPQHLSEYSVSDAVATYYLYMKYVHPFIFSLCTIIPLNPDETLRKGTGTLCEMLLMVQAYQHNILLPN
KHTDPIERFYDGHLLESETYVGGHVESLEAGVFRSDLKNEFKIDPSAIDELLQELPEALKFSVEVENKSSVDKVTNFEEI
KNQITQKLLELKENNIRNELPLIYHVDVASMYPNIMTTNRLQPDSIKAERDCASCDFNRPGKTCARKLKWAWRGEFFPSK
MDEYNMIKRALQNETFPNKNKFSKKKVLTFDELSYADQVIHIKKRLTEYSRKVYHRVKVSEIVEREAIVCQRENPFYVDT
VKSFRDRRYEFKGLAKTWKGNLSKIDPSDKHARDEAKKMIVLYDSLQLAHKVILNSFYGYVMRKGSRWYSMEMAGITCLT
GATIIQMARALVERVGRPLELDTDGIWCILPKSFPETYFFTLENGKKLYLSYPCSMLNYRVHQKFTNHQYQELKDPLNYI
YETHSENTIFFEVDGPYKAMILPSSKEEGKGIKKRYAVFNEDGSLAELKGFELKRRGELQLIKNFQSDIFKVFLEGDTLE
GCYSAVASVCNRWLDVLDSHGLMLEDEDLVSLICENRSMSKTLKEYEGQKSTSITTARRLGDFLGEDMVKDKGLQCKYII
SSKPFNAPVTERAIPVAIFSADIPIKRSFLRRWTLDPSLEDLDIRTIIDWGYYRERLGSAIQKIITIPAALQGVSNPVPR
VEHPDWLKRKIAT
;
A
2 'polypeptide(L)'
;MPSVDIDASQWQKLTQSREKQTTVITPLGMMMLEIQGELELPKDFASLARRDSPNEGRFSEQDGETLIRFGSLQIDGERA
TLFVGKKQRLLGKVTKLDVPMGIMHFNSKDNKVELVDVMKYKVIFKDRPLPIM
;
D
3 'polypeptide(L)' GAMGNQTVKIWVKYNEGFSNAVRKNVTWNNLWE E
4 'polypeptide(L)'
;MSINLHSAPEYDPSYKLIQLTPELLDIIQDPVQNHQLRFKSLDKDKSEVVLCSHDKTWVLKQRKHSNTVLLMREFVPEQP
ITFDETLLFGLSKPYMDVVGFAKTESEFETRETHGELNLNSVPIYNGELDFSDKIMKRSSTKVIGTLEELLENSPCSALE
GISKWHKIGGSVKDGVLCILSQDFLFKALHVLLMSAMAESLDLQHLNVEDTHHAVGKDIEDEFNPYTREIIETVLNKFAV
QEQEAENNTWRLRIPFIAQWYGIQALRKYVSGISMPIDEFLIKWKSLFPPFFPCDIDIDMLRGYHFKPTDKTVQYIAKST
LPMDPKERFKVLFRLQSQWDLEDIKPLIEELNSRGMKIDSFIMKYARRKRLGKKTVVTSR
;
B
#
loop_
_chem_comp.id
_chem_comp.type
_chem_comp.name
_chem_comp.formula
SF4 non-polymer 'IRON/SULFUR CLUSTER' 'Fe4 S4'
#
# COMPACT_ATOMS: atom_id res chain seq x y z
N ALA A 58 40.27 1.81 -23.32
CA ALA A 58 40.12 0.95 -24.49
C ALA A 58 38.78 1.19 -25.15
N LEU A 59 37.71 0.92 -24.40
CA LEU A 59 36.34 1.20 -24.81
C LEU A 59 35.92 2.63 -24.46
N SER A 60 36.88 3.54 -24.22
CA SER A 60 36.68 4.99 -24.19
C SER A 60 35.76 5.55 -25.27
N ALA A 61 36.10 5.36 -26.56
CA ALA A 61 35.33 5.98 -27.64
C ALA A 61 33.93 5.41 -27.75
N GLN A 62 33.74 4.17 -27.29
CA GLN A 62 32.43 3.56 -27.28
C GLN A 62 31.61 4.10 -26.12
N GLN A 63 32.25 4.25 -24.96
CA GLN A 63 31.58 4.90 -23.84
C GLN A 63 31.20 6.35 -24.15
N LEU A 64 32.01 7.05 -24.97
CA LEU A 64 31.63 8.41 -25.39
C LEU A 64 30.46 8.38 -26.35
N LEU A 65 30.35 7.32 -27.15
CA LEU A 65 29.22 7.20 -28.04
C LEU A 65 27.96 6.91 -27.25
N ASN A 66 28.07 6.04 -26.24
CA ASN A 66 26.95 5.74 -25.37
C ASN A 66 26.50 6.97 -24.59
N ALA A 67 27.47 7.76 -24.11
CA ALA A 67 27.18 9.03 -23.43
C ALA A 67 26.38 9.98 -24.30
N SER A 68 26.75 10.07 -25.58
CA SER A 68 26.09 11.03 -26.46
C SER A 68 24.67 10.58 -26.81
N LYS A 69 24.50 9.28 -27.02
CA LYS A 69 23.18 8.70 -27.16
C LYS A 69 22.31 8.91 -25.92
N ILE A 70 22.89 8.74 -24.73
CA ILE A 70 22.14 8.98 -23.50
C ILE A 70 21.76 10.45 -23.36
N ASP A 71 22.68 11.36 -23.72
CA ASP A 71 22.38 12.79 -23.75
C ASP A 71 21.21 13.11 -24.68
N ASP A 72 21.14 12.44 -25.83
CA ASP A 72 20.04 12.67 -26.75
C ASP A 72 18.72 12.18 -26.18
N ILE A 73 18.73 10.96 -25.62
CA ILE A 73 17.57 10.42 -24.90
C ILE A 73 17.10 11.35 -23.80
N ASP A 74 18.04 11.82 -22.97
CA ASP A 74 17.75 12.69 -21.84
C ASP A 74 17.14 14.00 -22.28
N SER A 75 17.70 14.60 -23.34
CA SER A 75 17.17 15.87 -23.83
C SER A 75 15.79 15.69 -24.43
N MET A 76 15.56 14.57 -25.14
CA MET A 76 14.23 14.26 -25.62
C MET A 76 13.22 14.12 -24.49
N MET A 77 13.66 13.61 -23.34
CA MET A 77 12.79 13.44 -22.19
C MET A 77 12.86 14.58 -21.19
N GLY A 78 13.51 15.67 -21.52
CA GLY A 78 13.44 16.83 -20.67
C GLY A 78 14.61 17.02 -19.73
N PHE A 79 15.71 16.33 -19.95
CA PHE A 79 16.91 16.50 -19.13
C PHE A 79 18.02 17.06 -20.01
N GLU A 80 17.95 18.35 -20.27
CA GLU A 80 19.01 19.08 -20.92
C GLU A 80 20.13 19.34 -19.93
N ARG A 81 21.36 19.41 -20.42
CA ARG A 81 22.45 19.73 -19.52
C ARG A 81 22.35 21.17 -19.07
N TYR A 82 22.18 21.38 -17.78
CA TYR A 82 22.20 22.71 -17.21
C TYR A 82 23.60 22.95 -16.67
N VAL A 83 24.18 24.09 -17.05
CA VAL A 83 25.47 24.52 -16.54
C VAL A 83 25.24 25.84 -15.85
N PRO A 84 25.41 25.93 -14.53
CA PRO A 84 25.04 27.15 -13.81
C PRO A 84 25.99 28.27 -14.17
N PRO A 85 25.68 29.52 -13.87
CA PRO A 85 26.58 30.60 -14.31
C PRO A 85 27.86 30.61 -13.49
N GLN A 86 28.93 31.08 -14.14
CA GLN A 86 30.17 31.38 -13.42
C GLN A 86 29.87 32.30 -12.26
N TYR A 87 30.52 32.06 -11.14
CA TYR A 87 30.33 32.94 -9.98
C TYR A 87 31.61 32.90 -9.16
N ASN A 88 32.42 33.95 -9.30
CA ASN A 88 33.73 34.10 -8.70
C ASN A 88 33.69 34.28 -7.18
N GLY A 89 32.52 34.54 -6.60
CA GLY A 89 32.39 34.83 -5.18
C GLY A 89 32.73 33.72 -4.21
N ARG A 90 32.31 33.87 -2.97
CA ARG A 90 32.65 32.95 -1.89
C ARG A 90 31.69 31.77 -1.82
N PHE A 91 32.21 30.58 -2.13
CA PHE A 91 31.45 29.35 -1.88
C PHE A 91 31.18 29.28 -0.39
N ASP A 92 29.94 29.52 0.01
CA ASP A 92 29.59 29.45 1.42
C ASP A 92 28.30 28.64 1.49
N ALA A 93 28.20 27.79 2.49
CA ALA A 93 27.02 26.95 2.61
C ALA A 93 25.94 27.56 3.50
N LYS A 94 26.24 28.58 4.31
CA LYS A 94 25.20 28.98 5.25
C LYS A 94 24.23 29.99 4.63
N ASP A 95 24.70 30.86 3.74
CA ASP A 95 23.85 31.81 3.06
C ASP A 95 23.60 31.25 1.66
N ILE A 96 22.37 31.34 1.19
CA ILE A 96 22.02 30.63 -0.04
C ILE A 96 21.38 31.59 -1.04
N ASP A 97 20.59 32.53 -0.52
CA ASP A 97 19.76 33.42 -1.33
C ASP A 97 20.54 34.45 -2.14
N GLN A 98 21.80 34.71 -1.81
CA GLN A 98 22.54 35.63 -2.66
C GLN A 98 23.02 34.95 -3.94
N ILE A 99 23.57 33.74 -3.82
CA ILE A 99 24.31 33.08 -4.90
C ILE A 99 23.41 32.83 -6.10
N PRO A 100 23.88 33.11 -7.32
CA PRO A 100 23.09 32.83 -8.51
C PRO A 100 23.05 31.33 -8.78
N GLY A 101 21.88 30.81 -9.11
CA GLY A 101 21.78 29.40 -9.42
C GLY A 101 20.36 28.91 -9.29
N ARG A 102 20.23 27.59 -9.22
CA ARG A 102 18.90 26.99 -9.23
C ARG A 102 18.79 25.88 -8.22
N VAL A 103 17.71 25.93 -7.45
CA VAL A 103 17.38 24.95 -6.44
C VAL A 103 16.64 23.78 -7.09
N GLY A 104 17.02 22.56 -6.71
CA GLY A 104 16.46 21.36 -7.30
C GLY A 104 16.52 20.23 -6.31
N TRP A 105 15.57 19.31 -6.43
CA TRP A 105 15.55 18.08 -5.66
C TRP A 105 16.21 16.97 -6.46
N LEU A 106 17.24 16.36 -5.89
CA LEU A 106 18.06 15.40 -6.61
C LEU A 106 17.40 14.04 -6.62
N THR A 107 17.27 13.43 -7.80
CA THR A 107 16.52 12.19 -7.89
C THR A 107 17.33 11.03 -8.47
N ASN A 108 18.50 11.30 -9.06
CA ASN A 108 19.28 10.20 -9.62
C ASN A 108 20.68 10.70 -9.92
N MET A 109 21.58 9.74 -10.15
CA MET A 109 22.96 10.00 -10.52
C MET A 109 23.53 8.77 -11.19
N HIS A 110 24.45 8.97 -12.13
CA HIS A 110 25.08 7.84 -12.79
C HIS A 110 26.50 8.19 -13.16
N ALA A 111 27.40 7.21 -13.05
CA ALA A 111 28.72 7.37 -13.65
C ALA A 111 28.59 7.59 -15.15
N THR A 112 29.48 8.41 -15.70
CA THR A 112 29.56 8.69 -17.13
C THR A 112 30.97 9.13 -17.48
N LEU A 113 31.20 9.32 -18.78
CA LEU A 113 32.44 9.82 -19.35
C LEU A 113 32.06 10.95 -20.28
N VAL A 114 32.77 12.07 -20.24
CA VAL A 114 32.29 13.25 -20.95
C VAL A 114 33.44 13.80 -21.79
N SER A 115 33.08 14.32 -22.95
CA SER A 115 34.04 14.95 -23.84
C SER A 115 34.27 16.40 -23.45
N GLN A 116 35.42 16.91 -23.88
CA GLN A 116 35.79 18.33 -23.85
C GLN A 116 34.69 19.29 -24.30
N GLN A 139 40.27 13.16 -25.72
CA GLN A 139 40.07 12.11 -24.74
C GLN A 139 38.95 12.48 -23.77
N GLY A 140 38.22 11.48 -23.25
CA GLY A 140 37.12 11.83 -22.39
C GLY A 140 37.51 12.15 -20.96
N ILE A 141 36.61 12.85 -20.29
CA ILE A 141 36.78 13.32 -18.92
C ILE A 141 35.78 12.59 -18.04
N SER A 142 36.23 12.00 -16.94
CA SER A 142 35.26 11.34 -16.07
C SER A 142 34.41 12.34 -15.29
N GLY A 143 33.13 12.03 -15.16
CA GLY A 143 32.26 12.80 -14.31
C GLY A 143 30.96 12.07 -14.06
N VAL A 144 30.04 12.76 -13.41
CA VAL A 144 28.74 12.21 -13.05
C VAL A 144 27.64 13.19 -13.44
N ASP A 145 26.61 12.69 -14.10
CA ASP A 145 25.40 13.45 -14.37
C ASP A 145 24.41 13.27 -13.22
N PHE A 146 23.90 14.38 -12.69
CA PHE A 146 22.86 14.37 -11.68
C PHE A 146 21.56 14.90 -12.24
N TYR A 147 20.49 14.17 -11.99
CA TYR A 147 19.17 14.47 -12.53
C TYR A 147 18.30 15.08 -11.44
N PHE A 148 17.76 16.26 -11.71
CA PHE A 148 17.01 17.04 -10.74
C PHE A 148 15.61 17.38 -11.21
N LEU A 149 14.72 17.45 -10.22
CA LEU A 149 13.43 18.08 -10.37
C LEU A 149 13.59 19.41 -9.65
N ASP A 150 12.58 20.25 -9.63
CA ASP A 150 12.75 21.53 -8.97
C ASP A 150 11.50 21.90 -8.22
N GLU A 151 11.57 23.02 -7.51
CA GLU A 151 10.39 23.50 -6.79
C GLU A 151 9.37 24.06 -7.75
N GLU A 152 9.73 24.26 -9.01
CA GLU A 152 8.85 24.90 -9.96
C GLU A 152 8.20 23.93 -10.94
N GLY A 153 8.26 22.62 -10.69
CA GLY A 153 7.72 21.64 -11.61
C GLY A 153 8.52 21.23 -12.83
N GLY A 154 9.75 21.67 -12.99
CA GLY A 154 10.55 21.32 -14.13
C GLY A 154 11.69 20.39 -13.77
N SER A 155 12.56 20.18 -14.74
CA SER A 155 13.62 19.23 -14.51
C SER A 155 14.81 19.66 -15.32
N PHE A 156 15.98 19.22 -14.86
CA PHE A 156 17.22 19.45 -15.57
C PHE A 156 18.27 18.48 -15.06
N LYS A 157 19.37 18.39 -15.80
CA LYS A 157 20.50 17.64 -15.32
C LYS A 157 21.71 18.54 -15.31
N SER A 158 22.65 18.22 -14.43
CA SER A 158 23.89 18.98 -14.35
C SER A 158 25.00 18.00 -14.01
N THR A 159 26.22 18.37 -14.36
CA THR A 159 27.30 17.39 -14.36
C THR A 159 28.41 17.89 -13.45
N VAL A 160 28.94 17.00 -12.63
CA VAL A 160 30.06 17.28 -11.75
C VAL A 160 31.20 16.43 -12.28
N VAL A 161 32.35 17.04 -12.41
CA VAL A 161 33.58 16.35 -12.73
C VAL A 161 34.44 16.16 -11.50
N TYR A 162 35.17 15.05 -11.50
CA TYR A 162 35.99 14.63 -10.38
C TYR A 162 37.04 13.68 -10.92
N ASP A 163 38.25 13.92 -10.51
CA ASP A 163 39.37 13.04 -10.79
C ASP A 163 39.31 11.74 -9.98
N PRO A 164 39.23 10.57 -10.61
CA PRO A 164 39.44 9.32 -9.87
C PRO A 164 40.86 9.13 -9.36
N TYR A 165 40.95 8.47 -8.20
CA TYR A 165 42.22 8.26 -7.51
C TYR A 165 42.13 7.01 -6.68
N PHE A 166 43.29 6.44 -6.36
CA PHE A 166 43.36 5.41 -5.34
C PHE A 166 44.74 5.50 -4.72
N PHE A 167 44.98 4.76 -3.65
CA PHE A 167 46.23 4.95 -2.94
C PHE A 167 47.08 3.69 -3.07
N ILE A 168 48.39 3.89 -3.07
CA ILE A 168 49.36 2.82 -2.87
C ILE A 168 50.01 3.01 -1.51
N ALA A 169 50.08 1.92 -0.77
CA ALA A 169 50.78 1.87 0.50
C ALA A 169 52.12 1.21 0.26
N CYS A 170 53.13 1.64 0.99
CA CYS A 170 54.44 1.05 0.85
C CYS A 170 54.77 0.30 2.13
N ASN A 171 55.51 -0.80 1.98
CA ASN A 171 55.98 -1.51 3.16
C ASN A 171 57.34 -1.04 3.65
N ASP A 172 58.08 -0.25 2.85
CA ASP A 172 59.29 0.42 3.34
C ASP A 172 59.20 1.88 2.96
N GLU A 173 58.87 2.74 3.94
CA GLU A 173 58.73 4.18 3.68
C GLU A 173 60.01 4.77 3.12
N SER A 174 61.16 4.35 3.67
CA SER A 174 62.46 4.96 3.37
C SER A 174 62.79 4.91 1.88
N ARG A 175 62.30 3.90 1.19
CA ARG A 175 62.56 3.70 -0.22
C ARG A 175 61.33 3.91 -1.09
N VAL A 176 60.36 4.75 -0.66
CA VAL A 176 59.26 5.15 -1.55
C VAL A 176 59.75 5.69 -2.88
N ASN A 177 60.88 6.42 -2.87
CA ASN A 177 61.42 6.98 -4.09
C ASN A 177 61.82 5.88 -5.06
N ASP A 178 62.32 4.74 -4.55
CA ASP A 178 62.60 3.64 -5.46
C ASP A 178 61.32 3.01 -5.99
N VAL A 179 60.29 2.87 -5.13
CA VAL A 179 59.00 2.31 -5.56
C VAL A 179 58.36 3.22 -6.60
N GLU A 180 58.43 4.54 -6.33
CA GLU A 180 57.92 5.58 -7.23
C GLU A 180 58.52 5.36 -8.61
N GLU A 181 59.84 5.13 -8.65
CA GLU A 181 60.53 4.96 -9.92
C GLU A 181 60.00 3.72 -10.63
N LEU A 182 59.78 2.63 -9.86
CA LEU A 182 59.20 1.39 -10.38
C LEU A 182 57.88 1.68 -11.05
N VAL A 183 57.01 2.44 -10.39
CA VAL A 183 55.65 2.56 -10.91
C VAL A 183 55.72 3.56 -12.07
N LYS A 184 56.62 4.55 -11.98
CA LYS A 184 57.02 5.49 -13.03
C LYS A 184 57.21 4.74 -14.35
N LYS A 185 57.88 3.59 -14.25
CA LYS A 185 58.08 2.71 -15.39
C LYS A 185 56.80 1.95 -15.71
N TYR A 186 56.22 1.27 -14.71
CA TYR A 186 54.98 0.50 -14.89
C TYR A 186 53.85 1.31 -15.52
N LEU A 187 53.74 2.59 -15.19
CA LEU A 187 52.65 3.43 -15.67
C LEU A 187 53.19 4.41 -16.71
N GLU A 188 53.60 3.85 -17.86
CA GLU A 188 54.22 4.62 -18.94
C GLU A 188 53.36 5.79 -19.42
N SER A 189 52.04 5.63 -19.43
CA SER A 189 51.14 6.65 -19.94
C SER A 189 49.84 6.73 -19.18
N CYS A 190 49.55 5.76 -18.31
CA CYS A 190 48.28 5.67 -17.61
C CYS A 190 48.06 6.77 -16.58
N LEU A 191 49.11 7.43 -16.11
CA LEU A 191 49.00 8.24 -14.90
C LEU A 191 48.55 9.66 -15.21
N LYS A 192 47.63 10.16 -14.39
CA LYS A 192 47.20 11.55 -14.50
C LYS A 192 47.90 12.46 -13.51
N SER A 193 48.13 11.99 -12.26
CA SER A 193 48.84 12.78 -11.25
C SER A 193 49.17 11.91 -10.04
N LEU A 194 49.90 12.50 -9.09
CA LEU A 194 50.36 11.82 -7.88
C LEU A 194 50.57 12.81 -6.75
N GLN A 195 50.50 12.32 -5.51
CA GLN A 195 50.55 13.20 -4.35
C GLN A 195 50.77 12.39 -3.07
N ILE A 196 51.47 13.01 -2.11
CA ILE A 196 51.77 12.35 -0.83
C ILE A 196 50.70 12.73 0.18
N ILE A 197 50.11 11.73 0.84
CA ILE A 197 49.08 11.97 1.85
C ILE A 197 49.31 11.01 3.00
N ARG A 198 48.63 11.24 4.13
CA ARG A 198 48.81 10.41 5.31
C ARG A 198 47.41 9.97 5.76
N LYS A 199 47.26 8.69 6.08
CA LYS A 199 46.03 8.16 6.66
C LYS A 199 46.34 7.32 7.88
N GLU A 200 45.31 7.05 8.69
CA GLU A 200 45.43 6.15 9.82
C GLU A 200 45.34 4.69 9.41
N ASP A 201 46.22 3.87 9.97
CA ASP A 201 46.20 2.43 9.75
C ASP A 201 46.02 1.72 11.08
N LEU A 202 44.89 1.02 11.24
CA LEU A 202 44.58 0.43 12.53
C LEU A 202 45.28 -0.89 12.78
N THR A 203 46.01 -1.44 11.82
CA THR A 203 46.86 -2.58 12.10
C THR A 203 48.25 -2.20 12.62
N MET A 204 48.60 -0.92 12.64
CA MET A 204 49.97 -0.50 12.90
C MET A 204 50.15 -0.15 14.36
N ASP A 205 51.24 -0.63 14.94
CA ASP A 205 51.63 -0.28 16.30
C ASP A 205 51.81 1.23 16.47
N ASN A 206 51.28 1.74 17.58
CA ASN A 206 51.28 3.15 18.00
C ASN A 206 50.52 4.08 17.06
N HIS A 207 49.63 3.56 16.22
CA HIS A 207 48.78 4.44 15.42
C HIS A 207 47.82 5.26 16.27
N LEU A 208 47.45 4.75 17.46
CA LEU A 208 46.56 5.45 18.38
C LEU A 208 47.23 6.63 19.09
N LEU A 209 48.55 6.74 19.03
CA LEU A 209 49.25 7.89 19.58
C LEU A 209 49.64 8.88 18.50
N GLY A 210 49.07 8.74 17.32
CA GLY A 210 49.25 9.67 16.24
C GLY A 210 50.27 9.32 15.20
N LEU A 211 51.00 8.20 15.34
CA LEU A 211 51.84 7.76 14.24
C LEU A 211 50.93 7.51 13.03
N GLN A 212 51.26 8.14 11.90
CA GLN A 212 50.38 7.99 10.74
C GLN A 212 51.06 7.20 9.65
N LYS A 213 50.26 6.64 8.76
CA LYS A 213 50.78 6.00 7.58
C LYS A 213 50.84 6.94 6.39
N THR A 214 51.94 6.90 5.67
CA THR A 214 52.15 7.74 4.51
C THR A 214 51.76 6.96 3.25
N LEU A 215 50.95 7.57 2.37
CA LEU A 215 50.44 6.89 1.20
C LEU A 215 50.68 7.77 -0.01
N ILE A 216 50.78 7.13 -1.17
CA ILE A 216 50.76 7.83 -2.46
C ILE A 216 49.38 7.77 -3.11
N LYS A 217 48.74 8.92 -3.26
CA LYS A 217 47.51 9.00 -4.02
C LYS A 217 47.86 9.12 -5.50
N LEU A 218 47.33 8.19 -6.29
CA LEU A 218 47.56 8.07 -7.72
C LEU A 218 46.26 8.38 -8.42
N SER A 219 46.27 9.39 -9.29
CA SER A 219 45.06 9.72 -10.00
C SER A 219 45.17 9.40 -11.47
N PHE A 220 44.00 9.16 -12.07
CA PHE A 220 43.79 8.64 -13.42
C PHE A 220 42.60 9.34 -14.05
N VAL A 221 42.55 9.30 -15.39
CA VAL A 221 41.50 9.99 -16.13
C VAL A 221 40.17 9.23 -16.05
N ASN A 222 40.18 7.90 -16.06
CA ASN A 222 38.93 7.16 -15.97
C ASN A 222 39.15 5.75 -15.43
N SER A 223 38.02 5.05 -15.26
CA SER A 223 37.96 3.74 -14.63
C SER A 223 38.71 2.69 -15.44
N ASN A 224 38.66 2.81 -16.77
CA ASN A 224 39.46 1.93 -17.63
C ASN A 224 40.93 2.03 -17.28
N GLN A 225 41.43 3.25 -17.04
CA GLN A 225 42.85 3.38 -16.68
C GLN A 225 43.11 2.73 -15.33
N LEU A 226 42.17 2.88 -14.39
CA LEU A 226 42.30 2.21 -13.11
C LEU A 226 42.44 0.70 -13.30
N PHE A 227 41.59 0.12 -14.16
CA PHE A 227 41.57 -1.32 -14.36
C PHE A 227 42.83 -1.81 -15.08
N GLU A 228 43.35 -0.99 -15.99
CA GLU A 228 44.63 -1.31 -16.60
C GLU A 228 45.77 -1.19 -15.60
N ALA A 229 45.70 -0.23 -14.68
CA ALA A 229 46.74 -0.12 -13.66
C ALA A 229 46.76 -1.34 -12.78
N ARG A 230 45.57 -1.83 -12.41
CA ARG A 230 45.47 -2.99 -11.52
C ARG A 230 46.00 -4.23 -12.25
N LYS A 231 45.71 -4.33 -13.54
CA LYS A 231 46.23 -5.40 -14.38
C LYS A 231 47.75 -5.34 -14.50
N LEU A 232 48.31 -4.12 -14.53
CA LEU A 232 49.76 -3.93 -14.50
C LEU A 232 50.38 -4.31 -13.16
N LEU A 233 49.67 -4.11 -12.07
CA LEU A 233 50.24 -4.35 -10.75
C LEU A 233 50.13 -5.81 -10.31
N ARG A 234 49.10 -6.53 -10.78
CA ARG A 234 48.88 -7.93 -10.39
C ARG A 234 50.05 -8.90 -10.63
N PRO A 235 50.83 -8.85 -11.73
CA PRO A 235 51.95 -9.81 -11.86
C PRO A 235 53.01 -9.65 -10.78
N ILE A 236 53.29 -8.42 -10.37
CA ILE A 236 54.25 -8.17 -9.29
C ILE A 236 53.80 -8.89 -8.03
N LEU A 237 52.51 -8.79 -7.70
CA LEU A 237 51.96 -9.39 -6.48
C LEU A 237 51.97 -10.91 -6.60
N GLN A 238 51.68 -11.41 -7.80
CA GLN A 238 51.89 -12.81 -8.14
C GLN A 238 53.35 -13.21 -7.86
N ASP A 239 54.29 -12.60 -8.59
CA ASP A 239 55.75 -12.78 -8.44
C ASP A 239 56.18 -12.68 -6.97
N ILE A 269 43.82 -7.29 -2.78
CA ILE A 269 43.30 -6.59 -3.93
C ILE A 269 42.57 -5.35 -3.41
N ARG A 270 42.57 -4.24 -4.16
CA ARG A 270 42.15 -2.99 -3.57
C ARG A 270 41.19 -2.23 -4.47
N GLU A 271 40.21 -1.60 -3.82
CA GLU A 271 39.20 -0.75 -4.46
C GLU A 271 38.47 -1.36 -5.65
N TYR A 272 38.01 -2.61 -5.60
CA TYR A 272 37.53 -3.07 -6.90
C TYR A 272 36.04 -2.90 -7.01
N ASP A 273 35.37 -2.58 -5.92
CA ASP A 273 33.92 -2.46 -5.95
C ASP A 273 33.54 -1.13 -5.34
N VAL A 274 34.42 -0.14 -5.47
CA VAL A 274 34.23 1.24 -5.00
C VAL A 274 33.58 1.97 -6.17
N PRO A 275 32.25 2.09 -6.24
CA PRO A 275 31.65 2.72 -7.41
C PRO A 275 32.01 4.19 -7.51
N TYR A 276 32.23 4.65 -8.75
CA TYR A 276 32.78 5.98 -8.97
C TYR A 276 31.81 7.02 -8.42
N HIS A 277 30.52 6.80 -8.72
CA HIS A 277 29.45 7.66 -8.26
C HIS A 277 29.41 7.68 -6.75
N VAL A 278 29.74 6.55 -6.12
CA VAL A 278 29.77 6.53 -4.67
C VAL A 278 30.89 7.40 -4.16
N ARG A 279 32.07 7.29 -4.79
CA ARG A 279 33.23 8.07 -4.38
C ARG A 279 32.97 9.57 -4.48
N VAL A 280 32.31 10.00 -5.55
CA VAL A 280 32.00 11.43 -5.67
C VAL A 280 30.91 11.85 -4.68
N SER A 281 29.80 11.09 -4.59
CA SER A 281 28.74 11.38 -3.63
C SER A 281 29.24 11.49 -2.21
N ILE A 282 30.17 10.62 -1.81
CA ILE A 282 30.72 10.70 -0.46
C ILE A 282 31.60 11.94 -0.34
N ASP A 283 32.54 12.15 -1.28
CA ASP A 283 33.52 13.22 -1.12
C ASP A 283 32.85 14.59 -1.19
N LYS A 284 31.81 14.70 -2.00
CA LYS A 284 31.00 15.90 -2.16
C LYS A 284 29.83 15.97 -1.21
N ASP A 285 29.55 14.90 -0.44
CA ASP A 285 28.45 14.85 0.53
C ASP A 285 27.12 15.02 -0.18
N ILE A 286 26.91 14.19 -1.20
CA ILE A 286 25.71 14.27 -2.01
C ILE A 286 24.88 13.02 -1.79
N ARG A 287 23.57 13.21 -1.62
CA ARG A 287 22.61 12.12 -1.49
C ARG A 287 21.36 12.38 -2.31
N VAL A 288 20.91 11.34 -3.03
CA VAL A 288 19.61 11.40 -3.71
C VAL A 288 18.55 11.65 -2.64
N GLY A 289 17.53 12.42 -2.96
CA GLY A 289 16.54 12.66 -1.95
C GLY A 289 16.74 13.94 -1.18
N LYS A 290 17.90 14.55 -1.30
CA LYS A 290 18.17 15.83 -0.67
C LYS A 290 18.03 16.96 -1.69
N TRP A 291 17.96 18.17 -1.19
CA TRP A 291 17.73 19.34 -2.02
C TRP A 291 19.03 20.10 -2.15
N TYR A 292 19.33 20.56 -3.36
CA TYR A 292 20.56 21.29 -3.57
C TYR A 292 20.31 22.51 -4.43
N LYS A 293 21.05 23.58 -4.17
CA LYS A 293 21.24 24.61 -5.18
C LYS A 293 22.53 24.22 -5.90
N VAL A 294 22.40 23.99 -7.20
CA VAL A 294 23.55 23.68 -8.05
C VAL A 294 24.31 24.91 -8.54
N THR A 295 25.61 24.97 -8.24
CA THR A 295 26.46 26.12 -8.52
C THR A 295 27.79 25.62 -9.11
N GLN A 296 28.58 26.57 -9.63
CA GLN A 296 29.88 26.24 -10.20
C GLN A 296 30.86 25.72 -9.15
N GLN A 297 30.76 26.21 -7.93
CA GLN A 297 31.59 25.75 -6.83
C GLN A 297 31.22 24.36 -6.36
N GLY A 298 30.01 23.91 -6.64
CA GLY A 298 29.49 22.62 -6.23
C GLY A 298 28.10 22.75 -5.64
N PHE A 299 27.66 21.68 -5.02
CA PHE A 299 26.28 21.58 -4.52
C PHE A 299 26.13 22.10 -3.11
N ILE A 300 25.18 22.99 -2.89
CA ILE A 300 24.90 23.54 -1.57
C ILE A 300 23.53 23.03 -1.13
N GLU A 301 23.52 22.19 -0.09
CA GLU A 301 22.29 21.62 0.44
C GLU A 301 21.34 22.69 0.93
N ASP A 302 20.08 22.62 0.49
CA ASP A 302 19.03 23.46 1.04
C ASP A 302 18.35 22.74 2.19
N THR A 303 18.82 23.05 3.40
CA THR A 303 18.29 22.54 4.65
C THR A 303 16.87 23.02 4.96
N ARG A 304 16.39 24.04 4.26
CA ARG A 304 15.02 24.50 4.48
C ARG A 304 13.95 23.59 3.89
N LYS A 305 14.26 22.85 2.83
CA LYS A 305 13.27 21.97 2.22
C LYS A 305 13.60 20.55 2.62
N ILE A 306 12.66 19.88 3.30
CA ILE A 306 12.82 18.50 3.71
C ILE A 306 11.79 17.59 3.07
N ALA A 307 10.51 18.01 3.05
CA ALA A 307 9.43 17.35 2.33
C ALA A 307 9.82 17.06 0.89
N PHE A 308 9.64 15.80 0.47
CA PHE A 308 9.95 15.40 -0.89
C PHE A 308 9.07 16.16 -1.88
N ALA A 309 9.62 16.39 -3.07
CA ALA A 309 8.78 16.74 -4.20
C ALA A 309 8.01 15.51 -4.67
N ASP A 310 7.14 15.70 -5.65
CA ASP A 310 6.26 14.63 -6.06
C ASP A 310 6.62 14.24 -7.48
N PRO A 311 7.37 13.16 -7.67
CA PRO A 311 7.70 12.67 -9.00
C PRO A 311 6.48 12.17 -9.75
N VAL A 312 6.65 12.10 -11.07
CA VAL A 312 5.74 11.34 -11.92
C VAL A 312 6.04 9.86 -11.71
N VAL A 313 5.02 9.11 -11.34
CA VAL A 313 5.16 7.69 -10.99
C VAL A 313 4.39 6.86 -12.00
N MET A 314 5.06 5.91 -12.63
CA MET A 314 4.37 4.98 -13.51
C MET A 314 4.49 3.57 -12.97
N ALA A 315 3.36 2.86 -12.93
CA ALA A 315 3.37 1.44 -12.63
C ALA A 315 2.71 0.73 -13.81
N PHE A 316 3.23 -0.41 -14.25
CA PHE A 316 2.54 -1.04 -15.36
C PHE A 316 2.47 -2.55 -15.24
N ALA A 317 1.45 -3.11 -15.89
CA ALA A 317 1.28 -4.56 -16.03
C ALA A 317 0.85 -4.88 -17.45
N ILE A 318 1.46 -5.89 -18.03
CA ILE A 318 1.09 -6.46 -19.31
C ILE A 318 0.29 -7.75 -19.19
N ALA A 319 -0.51 -8.01 -20.22
CA ALA A 319 -1.20 -9.27 -20.42
C ALA A 319 -0.76 -9.73 -21.81
N THR A 320 -0.35 -10.99 -21.88
CA THR A 320 0.21 -11.61 -23.08
C THR A 320 -0.53 -12.86 -23.50
N THR A 321 -0.37 -13.20 -24.77
CA THR A 321 -0.83 -14.48 -25.25
C THR A 321 0.09 -15.57 -24.70
N LYS A 322 -0.40 -16.81 -24.72
CA LYS A 322 0.43 -17.97 -24.42
C LYS A 322 -0.23 -19.20 -25.02
N PRO A 323 0.51 -20.28 -25.25
CA PRO A 323 -0.15 -21.51 -25.69
C PRO A 323 -0.89 -22.15 -24.53
N PRO A 324 -1.94 -22.93 -24.83
CA PRO A 324 -2.63 -23.73 -23.80
C PRO A 324 -1.71 -24.60 -22.97
N LEU A 325 -1.90 -24.56 -21.65
CA LEU A 325 -1.18 -25.31 -20.62
C LEU A 325 0.32 -25.06 -20.59
N LYS A 326 0.84 -24.11 -21.35
CA LYS A 326 2.25 -23.79 -21.27
C LYS A 326 2.44 -22.35 -20.79
N PHE A 327 3.65 -22.00 -20.61
CA PHE A 327 3.99 -20.65 -20.19
C PHE A 327 4.17 -19.77 -21.43
N PRO A 328 3.96 -18.45 -21.30
CA PRO A 328 4.31 -17.55 -22.41
C PRO A 328 5.78 -17.69 -22.79
N ASP A 329 6.06 -17.73 -24.09
CA ASP A 329 7.43 -17.75 -24.59
C ASP A 329 7.53 -16.61 -25.59
N SER A 330 8.46 -15.71 -25.31
CA SER A 330 8.54 -14.40 -25.95
C SER A 330 9.03 -14.45 -27.39
N ALA A 331 9.58 -15.58 -27.84
CA ALA A 331 9.92 -15.71 -29.25
C ALA A 331 8.71 -15.71 -30.18
N VAL A 332 7.52 -16.11 -29.71
CA VAL A 332 6.36 -16.23 -30.60
C VAL A 332 5.05 -15.61 -30.09
N ASP A 333 4.85 -15.58 -28.78
CA ASP A 333 3.63 -14.98 -28.25
C ASP A 333 3.62 -13.46 -28.28
N GLN A 334 2.40 -12.92 -28.31
CA GLN A 334 2.09 -11.52 -28.50
C GLN A 334 1.42 -10.93 -27.26
N ILE A 335 1.55 -9.62 -27.14
CA ILE A 335 0.86 -8.83 -26.12
C ILE A 335 -0.60 -8.59 -26.51
N MET A 336 -1.52 -8.88 -25.59
CA MET A 336 -2.90 -8.60 -25.92
C MET A 336 -3.39 -7.33 -25.23
N MET A 337 -2.88 -7.02 -24.04
CA MET A 337 -3.24 -5.76 -23.38
C MET A 337 -2.03 -5.28 -22.58
N ILE A 338 -1.91 -3.96 -22.44
CA ILE A 338 -1.05 -3.36 -21.41
C ILE A 338 -1.84 -2.34 -20.61
N SER A 339 -1.98 -2.57 -19.33
CA SER A 339 -2.57 -1.62 -18.41
C SER A 339 -1.48 -0.88 -17.65
N TYR A 340 -1.73 0.37 -17.30
CA TYR A 340 -0.77 1.07 -16.46
C TYR A 340 -1.49 2.19 -15.73
N MET A 341 -0.84 2.68 -14.68
CA MET A 341 -1.35 3.84 -13.98
C MET A 341 -0.24 4.87 -13.79
N ILE A 342 -0.61 6.14 -13.96
CA ILE A 342 0.27 7.28 -13.71
C ILE A 342 -0.42 8.26 -12.77
N ASP A 343 0.14 8.43 -11.55
CA ASP A 343 -0.30 9.34 -10.49
C ASP A 343 -1.80 9.35 -10.26
N GLY A 344 -2.40 8.17 -10.29
CA GLY A 344 -3.77 8.00 -9.90
C GLY A 344 -4.71 8.03 -11.08
N GLU A 345 -4.19 8.08 -12.30
CA GLU A 345 -5.01 8.07 -13.49
C GLU A 345 -4.65 6.81 -14.26
N GLY A 346 -5.66 6.05 -14.64
CA GLY A 346 -5.47 4.76 -15.27
C GLY A 346 -5.50 4.86 -16.78
N PHE A 347 -4.75 3.98 -17.42
CA PHE A 347 -4.75 3.92 -18.86
C PHE A 347 -4.75 2.45 -19.21
N LEU A 348 -5.44 2.10 -20.30
CA LEU A 348 -5.41 0.74 -20.79
C LEU A 348 -5.31 0.68 -22.30
N ILE A 349 -4.27 0.01 -22.79
CA ILE A 349 -4.04 -0.12 -24.22
C ILE A 349 -4.31 -1.57 -24.62
N THR A 350 -4.97 -1.75 -25.76
CA THR A 350 -5.54 -3.03 -26.20
C THR A 350 -5.04 -3.30 -27.61
N ASN A 351 -4.78 -4.58 -27.94
CA ASN A 351 -4.36 -4.90 -29.31
C ASN A 351 -5.58 -5.56 -29.96
N ARG A 352 -6.35 -4.78 -30.72
CA ARG A 352 -7.62 -5.24 -31.27
C ARG A 352 -7.51 -6.22 -32.41
N GLU A 353 -6.31 -6.60 -32.84
CA GLU A 353 -6.18 -7.79 -33.69
C GLU A 353 -6.47 -9.06 -32.91
N ILE A 354 -6.41 -8.99 -31.60
CA ILE A 354 -6.51 -10.15 -30.71
C ILE A 354 -7.68 -10.00 -29.76
N ILE A 355 -7.76 -8.88 -29.06
CA ILE A 355 -8.89 -8.63 -28.17
C ILE A 355 -10.10 -8.32 -29.04
N SER A 356 -11.13 -9.14 -28.93
CA SER A 356 -12.20 -9.22 -29.91
C SER A 356 -13.31 -8.19 -29.75
N GLU A 357 -13.24 -7.30 -28.75
CA GLU A 357 -14.14 -6.16 -28.80
C GLU A 357 -13.47 -4.94 -28.16
N ASP A 358 -14.00 -3.77 -28.51
CA ASP A 358 -13.59 -2.50 -27.92
C ASP A 358 -13.94 -2.45 -26.44
N ILE A 359 -12.96 -2.22 -25.59
CA ILE A 359 -13.25 -2.04 -24.18
C ILE A 359 -13.66 -0.59 -23.98
N GLU A 360 -14.67 -0.40 -23.15
CA GLU A 360 -15.20 0.89 -22.78
C GLU A 360 -14.61 1.41 -21.48
N ASP A 361 -14.75 2.72 -21.29
CA ASP A 361 -14.21 3.43 -20.13
C ASP A 361 -14.86 2.94 -18.85
N PHE A 362 -14.06 2.77 -17.81
CA PHE A 362 -14.63 2.38 -16.52
C PHE A 362 -13.76 2.80 -15.35
N GLU A 363 -14.33 2.65 -14.17
CA GLU A 363 -13.79 3.06 -12.88
C GLU A 363 -13.46 1.75 -12.18
N TYR A 364 -12.26 1.66 -11.59
CA TYR A 364 -11.97 0.60 -10.62
C TYR A 364 -11.35 1.08 -9.32
N THR A 365 -12.13 1.05 -8.24
CA THR A 365 -11.78 1.67 -6.96
C THR A 365 -12.02 0.64 -5.89
N PRO A 366 -10.99 -0.10 -5.48
CA PRO A 366 -11.21 -1.22 -4.56
C PRO A 366 -11.31 -0.78 -3.13
N LYS A 367 -10.88 0.44 -2.82
CA LYS A 367 -11.08 1.07 -1.52
C LYS A 367 -11.21 2.56 -1.82
N PRO A 368 -11.98 3.31 -1.01
CA PRO A 368 -12.12 4.76 -1.26
C PRO A 368 -10.81 5.51 -1.28
N GLU A 369 -9.88 5.10 -0.41
CA GLU A 369 -8.51 5.57 -0.42
C GLU A 369 -7.81 5.47 -1.78
N TYR A 370 -8.16 4.46 -2.58
CA TYR A 370 -7.48 4.21 -3.85
C TYR A 370 -8.28 4.43 -5.13
N PRO A 371 -8.66 5.65 -5.51
CA PRO A 371 -9.46 5.86 -6.72
C PRO A 371 -8.74 5.41 -7.99
N GLY A 372 -9.48 4.80 -8.90
CA GLY A 372 -8.99 4.49 -10.23
C GLY A 372 -9.92 4.74 -11.40
N PHE A 373 -9.86 5.90 -12.03
CA PHE A 373 -10.66 6.18 -13.22
C PHE A 373 -9.79 5.88 -14.42
N PHE A 374 -10.18 4.88 -15.22
CA PHE A 374 -9.41 4.44 -16.37
C PHE A 374 -9.95 4.95 -17.70
N THR A 375 -9.07 5.53 -18.50
CA THR A 375 -9.32 5.90 -19.89
C THR A 375 -8.71 4.82 -20.79
N ILE A 376 -9.44 4.44 -21.85
CA ILE A 376 -9.07 3.30 -22.68
C ILE A 376 -8.55 3.81 -24.03
N PHE A 377 -7.52 3.14 -24.55
CA PHE A 377 -6.97 3.39 -25.88
C PHE A 377 -7.00 2.08 -26.65
N ASN A 378 -8.06 1.86 -27.42
CA ASN A 378 -8.19 0.65 -28.23
C ASN A 378 -7.42 0.81 -29.53
N GLU A 379 -6.26 0.18 -29.62
CA GLU A 379 -5.38 0.33 -30.77
C GLU A 379 -5.56 -0.85 -31.71
N ASN A 380 -5.29 -0.60 -33.00
CA ASN A 380 -5.63 -1.60 -34.02
C ASN A 380 -4.76 -2.84 -33.97
N ASP A 381 -3.47 -2.69 -33.65
CA ASP A 381 -2.62 -3.86 -33.66
C ASP A 381 -1.45 -3.69 -32.69
N GLU A 382 -0.50 -4.63 -32.77
CA GLU A 382 0.54 -4.73 -31.75
C GLU A 382 1.51 -3.57 -31.84
N VAL A 383 1.94 -3.25 -33.06
CA VAL A 383 2.94 -2.21 -33.27
C VAL A 383 2.38 -0.85 -32.87
N ALA A 384 1.09 -0.62 -33.16
CA ALA A 384 0.44 0.63 -32.81
C ALA A 384 0.35 0.76 -31.31
N LEU A 385 -0.01 -0.34 -30.65
CA LEU A 385 -0.04 -0.40 -29.18
C LEU A 385 1.31 -0.04 -28.59
N LEU A 386 2.38 -0.60 -29.15
CA LEU A 386 3.73 -0.26 -28.73
C LEU A 386 4.03 1.22 -28.93
N GLN A 387 3.60 1.76 -30.07
CA GLN A 387 3.91 3.16 -30.37
C GLN A 387 3.11 4.09 -29.48
N ARG A 388 1.85 3.76 -29.21
CA ARG A 388 1.06 4.50 -28.23
C ARG A 388 1.67 4.42 -26.84
N PHE A 389 2.23 3.26 -26.47
CA PHE A 389 2.81 3.11 -25.13
C PHE A 389 4.06 3.96 -24.98
N PHE A 390 5.00 3.81 -25.91
CA PHE A 390 6.24 4.57 -25.91
C PHE A 390 5.98 6.05 -26.02
N GLU A 391 5.08 6.42 -26.93
CA GLU A 391 4.72 7.81 -27.13
C GLU A 391 4.10 8.40 -25.86
N HIS A 392 3.21 7.67 -25.20
CA HIS A 392 2.66 8.13 -23.93
C HIS A 392 3.74 8.30 -22.86
N ILE A 393 4.73 7.40 -22.85
CA ILE A 393 5.83 7.51 -21.89
C ILE A 393 6.62 8.79 -22.15
N ARG A 394 6.94 9.02 -23.42
CA ARG A 394 7.59 10.26 -23.85
C ARG A 394 6.75 11.49 -23.50
N ASP A 395 5.44 11.39 -23.67
CA ASP A 395 4.52 12.46 -23.32
C ASP A 395 4.59 12.82 -21.84
N VAL A 396 4.59 11.81 -20.96
CA VAL A 396 4.44 12.10 -19.55
C VAL A 396 5.78 12.17 -18.81
N ARG A 397 6.84 11.56 -19.38
CA ARG A 397 8.26 11.56 -18.95
C ARG A 397 8.42 11.03 -17.52
N PRO A 398 8.09 9.75 -17.26
CA PRO A 398 8.25 9.20 -15.91
C PRO A 398 9.69 9.12 -15.46
N THR A 399 9.90 9.37 -14.17
CA THR A 399 11.18 9.08 -13.55
C THR A 399 11.21 7.87 -12.61
N VAL A 400 10.06 7.27 -12.27
CA VAL A 400 10.01 5.89 -11.81
C VAL A 400 9.09 5.07 -12.68
N ILE A 401 9.56 3.89 -13.10
CA ILE A 401 8.72 2.85 -13.68
C ILE A 401 8.78 1.61 -12.80
N SER A 402 7.62 1.16 -12.34
CA SER A 402 7.54 0.00 -11.45
C SER A 402 6.86 -1.18 -12.15
N THR A 403 7.29 -2.38 -11.74
CA THR A 403 6.70 -3.64 -12.17
C THR A 403 6.67 -4.56 -10.97
N PHE A 404 6.12 -5.75 -11.16
CA PHE A 404 6.28 -6.84 -10.20
C PHE A 404 6.90 -8.05 -10.92
N ASN A 405 8.18 -8.31 -10.68
CA ASN A 405 8.95 -9.35 -11.38
C ASN A 405 9.07 -9.05 -12.87
N GLY A 406 9.11 -7.76 -13.21
CA GLY A 406 9.32 -7.36 -14.59
C GLY A 406 10.69 -7.67 -15.14
N ASP A 407 11.68 -7.78 -14.26
CA ASP A 407 13.03 -8.10 -14.69
C ASP A 407 13.13 -9.52 -15.25
N PHE A 408 12.31 -10.43 -14.76
CA PHE A 408 12.33 -11.80 -15.22
C PHE A 408 11.24 -12.11 -16.23
N PHE A 409 10.14 -11.37 -16.21
CA PHE A 409 9.13 -11.64 -17.22
C PHE A 409 8.89 -10.50 -18.21
N ASP A 410 8.21 -9.43 -17.77
CA ASP A 410 7.80 -8.30 -18.61
C ASP A 410 8.84 -7.76 -19.59
N TRP A 411 9.93 -7.22 -19.04
CA TRP A 411 10.89 -6.46 -19.85
C TRP A 411 11.59 -7.26 -20.96
N PRO A 412 12.24 -8.43 -20.73
CA PRO A 412 12.87 -9.14 -21.86
C PRO A 412 11.91 -9.56 -22.93
N PHE A 413 10.69 -9.86 -22.53
CA PHE A 413 9.62 -10.20 -23.45
C PHE A 413 9.27 -9.02 -24.34
N ILE A 414 9.02 -7.85 -23.72
CA ILE A 414 8.81 -6.61 -24.44
C ILE A 414 9.97 -6.35 -25.40
N HIS A 415 11.21 -6.52 -24.91
CA HIS A 415 12.39 -6.35 -25.74
C HIS A 415 12.39 -7.24 -26.96
N ASN A 416 12.00 -8.48 -26.80
CA ASN A 416 12.13 -9.39 -27.94
C ASN A 416 11.02 -9.14 -28.95
N ARG A 417 9.81 -8.83 -28.50
CA ARG A 417 8.77 -8.43 -29.43
C ARG A 417 9.09 -7.09 -30.09
N SER A 418 9.68 -6.16 -29.34
CA SER A 418 10.13 -4.88 -29.89
C SER A 418 11.11 -5.10 -31.02
N LYS A 419 12.12 -5.93 -30.77
CA LYS A 419 13.10 -6.29 -31.79
C LYS A 419 12.42 -6.95 -32.98
N ILE A 420 11.43 -7.82 -32.70
CA ILE A 420 10.69 -8.49 -33.77
C ILE A 420 9.97 -7.48 -34.66
N HIS A 421 9.43 -6.40 -34.09
CA HIS A 421 8.79 -5.38 -34.92
C HIS A 421 9.75 -4.29 -35.35
N GLY A 422 11.05 -4.53 -35.26
CA GLY A 422 12.02 -3.55 -35.65
C GLY A 422 12.06 -2.29 -34.83
N LEU A 423 11.56 -2.29 -33.61
CA LEU A 423 11.69 -1.10 -32.78
C LEU A 423 12.86 -1.25 -31.82
N ASP A 424 13.51 -0.13 -31.52
CA ASP A 424 14.65 -0.09 -30.61
C ASP A 424 14.25 0.65 -29.35
N MET A 425 13.99 -0.11 -28.26
CA MET A 425 13.43 0.49 -27.05
C MET A 425 14.40 1.48 -26.45
N PHE A 426 15.69 1.15 -26.49
CA PHE A 426 16.71 2.08 -26.05
C PHE A 426 16.58 3.37 -26.83
N ASP A 427 16.43 3.28 -28.15
CA ASP A 427 16.25 4.51 -28.90
C ASP A 427 14.90 5.16 -28.62
N GLU A 428 13.86 4.37 -28.33
CA GLU A 428 12.56 4.98 -28.14
C GLU A 428 12.35 5.62 -26.78
N ILE A 429 12.81 4.99 -25.70
CA ILE A 429 12.59 5.48 -24.34
C ILE A 429 13.76 5.26 -23.42
N GLY A 430 14.88 4.76 -23.93
CA GLY A 430 16.09 4.79 -23.15
C GLY A 430 16.26 3.70 -22.13
N PHE A 431 15.46 2.66 -22.17
CA PHE A 431 15.63 1.52 -21.29
C PHE A 431 16.33 0.40 -22.03
N ALA A 432 17.25 -0.26 -21.36
CA ALA A 432 17.96 -1.37 -21.98
C ALA A 432 18.42 -2.32 -20.89
N PRO A 433 18.68 -3.60 -21.24
CA PRO A 433 19.26 -4.49 -20.25
C PRO A 433 20.71 -4.15 -19.97
N ASP A 434 21.09 -4.29 -18.71
CA ASP A 434 22.46 -4.08 -18.32
C ASP A 434 23.18 -5.42 -18.27
N ALA A 435 24.42 -5.41 -17.76
CA ALA A 435 25.26 -6.61 -17.74
C ALA A 435 24.66 -7.75 -16.92
N GLU A 436 23.80 -7.43 -15.95
CA GLU A 436 23.14 -8.46 -15.18
C GLU A 436 21.87 -8.96 -15.86
N GLY A 437 21.57 -8.45 -17.05
CA GLY A 437 20.29 -8.71 -17.66
C GLY A 437 19.15 -7.91 -17.07
N GLU A 438 19.43 -6.94 -16.21
CA GLU A 438 18.37 -6.14 -15.65
C GLU A 438 18.17 -4.88 -16.48
N TYR A 439 16.93 -4.40 -16.47
CA TYR A 439 16.51 -3.28 -17.30
C TYR A 439 16.62 -1.94 -16.57
N LYS A 440 17.42 -1.05 -17.15
CA LYS A 440 17.83 0.18 -16.50
C LYS A 440 17.71 1.27 -17.56
N SER A 441 17.40 2.47 -17.11
CA SER A 441 17.59 3.64 -17.93
C SER A 441 18.46 4.63 -17.17
N SER A 442 18.83 5.69 -17.86
CA SER A 442 19.55 6.75 -17.20
C SER A 442 18.62 7.63 -16.40
N TYR A 443 17.52 8.03 -17.02
CA TYR A 443 16.66 9.09 -16.51
C TYR A 443 15.50 8.59 -15.67
N CYS A 444 15.25 7.30 -15.65
CA CYS A 444 14.08 6.78 -14.96
C CYS A 444 14.45 5.50 -14.24
N SER A 445 14.25 5.48 -12.93
CA SER A 445 14.58 4.31 -12.13
C SER A 445 13.58 3.22 -12.43
N HIS A 446 14.04 1.98 -12.49
CA HIS A 446 13.15 0.83 -12.59
C HIS A 446 13.01 0.13 -11.25
N MET A 447 11.90 0.38 -10.57
CA MET A 447 11.70 -0.14 -9.22
C MET A 447 10.81 -1.36 -9.31
N ASP A 448 11.43 -2.51 -9.45
CA ASP A 448 10.70 -3.77 -9.49
C ASP A 448 10.41 -4.09 -8.04
N CYS A 449 9.13 -3.99 -7.65
CA CYS A 449 8.70 -4.17 -6.26
C CYS A 449 9.06 -5.54 -5.70
N PHE A 450 9.16 -6.57 -6.55
CA PHE A 450 9.57 -7.90 -6.10
C PHE A 450 10.89 -7.94 -5.36
N ARG A 451 11.84 -7.08 -5.74
CA ARG A 451 13.11 -7.01 -5.03
C ARG A 451 12.90 -6.52 -3.60
N TRP A 452 12.04 -5.51 -3.44
CA TRP A 452 11.71 -4.97 -2.12
C TRP A 452 10.96 -6.01 -1.31
N VAL A 453 10.01 -6.67 -1.93
CA VAL A 453 9.26 -7.77 -1.32
C VAL A 453 10.20 -8.82 -0.76
N LYS A 454 11.16 -9.29 -1.59
CA LYS A 454 12.05 -10.37 -1.16
C LYS A 454 12.99 -9.90 -0.06
N ARG A 455 13.42 -8.66 -0.12
CA ARG A 455 14.45 -8.24 0.82
C ARG A 455 13.89 -7.71 2.14
N ASP A 456 12.83 -6.92 2.08
CA ASP A 456 12.48 -6.06 3.19
C ASP A 456 11.11 -6.29 3.79
N SER A 457 10.21 -7.00 3.11
CA SER A 457 8.85 -7.10 3.61
C SER A 457 8.73 -8.01 4.84
N TYR A 458 9.67 -8.93 5.05
CA TYR A 458 9.65 -9.97 6.09
C TYR A 458 8.47 -10.93 5.89
N LEU A 459 8.56 -11.72 4.81
CA LEU A 459 7.56 -12.76 4.53
C LEU A 459 8.23 -14.02 4.01
N PRO A 460 7.68 -15.19 4.34
CA PRO A 460 8.16 -16.45 3.75
C PRO A 460 7.95 -16.54 2.24
N GLN A 461 8.85 -17.31 1.60
CA GLN A 461 8.83 -17.48 0.14
C GLN A 461 7.52 -18.02 -0.40
N GLY A 462 6.80 -18.82 0.39
CA GLY A 462 5.47 -19.30 0.04
C GLY A 462 4.44 -18.19 -0.15
N SER A 463 4.70 -17.00 0.38
CA SER A 463 3.84 -15.83 0.29
C SER A 463 4.41 -14.71 -0.57
N GLN A 464 5.23 -15.04 -1.57
CA GLN A 464 5.89 -14.01 -2.38
C GLN A 464 5.13 -13.76 -3.68
N GLY A 465 3.98 -14.39 -3.84
CA GLY A 465 3.10 -14.06 -4.93
C GLY A 465 2.40 -12.74 -4.70
N LEU A 466 1.94 -12.15 -5.82
CA LEU A 466 1.26 -10.86 -5.81
C LEU A 466 0.04 -10.87 -4.89
N LYS A 467 -0.68 -11.98 -4.89
CA LYS A 467 -1.85 -12.16 -4.04
C LYS A 467 -1.55 -11.99 -2.56
N ALA A 468 -0.58 -12.76 -2.04
CA ALA A 468 -0.28 -12.67 -0.61
C ALA A 468 0.29 -11.32 -0.19
N VAL A 469 1.12 -10.70 -1.03
CA VAL A 469 1.63 -9.38 -0.68
C VAL A 469 0.50 -8.36 -0.72
N THR A 470 -0.41 -8.51 -1.69
CA THR A 470 -1.53 -7.58 -1.82
C THR A 470 -2.42 -7.67 -0.60
N GLN A 471 -2.76 -8.89 -0.20
CA GLN A 471 -3.65 -9.09 0.93
C GLN A 471 -3.02 -8.64 2.24
N SER A 472 -1.74 -8.99 2.44
CA SER A 472 -1.08 -8.64 3.70
C SER A 472 -0.86 -7.14 3.82
N LYS A 473 -0.42 -6.50 2.74
CA LYS A 473 0.13 -5.16 2.84
C LYS A 473 -0.84 -4.09 2.37
N LEU A 474 -1.68 -4.40 1.40
CA LEU A 474 -2.63 -3.41 0.91
C LEU A 474 -4.02 -3.69 1.45
N GLY A 475 -4.23 -4.91 1.95
CA GLY A 475 -5.36 -5.23 2.80
C GLY A 475 -6.67 -5.57 2.16
N TYR A 476 -6.67 -6.16 0.97
CA TYR A 476 -7.92 -6.56 0.35
C TYR A 476 -7.60 -7.71 -0.59
N ASN A 477 -8.65 -8.33 -1.12
CA ASN A 477 -8.51 -9.58 -1.84
C ASN A 477 -8.83 -9.36 -3.30
N PRO A 478 -7.85 -9.34 -4.20
CA PRO A 478 -8.13 -8.95 -5.58
C PRO A 478 -8.77 -10.10 -6.35
N ILE A 479 -9.22 -9.78 -7.57
CA ILE A 479 -9.83 -10.76 -8.46
C ILE A 479 -8.80 -11.75 -9.00
N GLU A 480 -9.20 -13.02 -9.04
CA GLU A 480 -8.33 -14.12 -9.44
C GLU A 480 -8.96 -14.86 -10.61
N LEU A 481 -8.13 -15.26 -11.57
CA LEU A 481 -8.67 -15.95 -12.75
C LEU A 481 -7.68 -16.97 -13.26
N ASP A 482 -8.17 -18.19 -13.46
CA ASP A 482 -7.37 -19.28 -14.01
C ASP A 482 -6.88 -18.91 -15.41
N PRO A 483 -5.58 -19.04 -15.68
CA PRO A 483 -5.05 -18.65 -17.01
C PRO A 483 -5.66 -19.40 -18.17
N GLU A 484 -5.99 -20.70 -17.97
CA GLU A 484 -6.68 -21.46 -18.99
C GLU A 484 -8.02 -20.85 -19.33
N LEU A 485 -8.65 -20.11 -18.41
CA LEU A 485 -9.88 -19.49 -18.85
C LEU A 485 -9.59 -18.10 -19.37
N MET A 486 -8.36 -17.61 -19.12
CA MET A 486 -8.03 -16.22 -19.43
C MET A 486 -7.86 -16.04 -20.92
N THR A 487 -7.19 -17.01 -21.55
CA THR A 487 -7.00 -16.91 -23.01
C THR A 487 -8.30 -16.98 -23.80
N PRO A 488 -9.17 -18.01 -23.67
CA PRO A 488 -10.47 -17.96 -24.38
C PRO A 488 -11.30 -16.72 -24.11
N TYR A 489 -11.30 -16.25 -22.86
CA TYR A 489 -12.06 -15.07 -22.47
C TYR A 489 -11.60 -13.82 -23.18
N ALA A 490 -10.34 -13.74 -23.60
CA ALA A 490 -9.87 -12.62 -24.43
C ALA A 490 -10.79 -12.41 -25.62
N PHE A 491 -11.14 -13.52 -26.27
CA PHE A 491 -12.08 -13.50 -27.37
C PHE A 491 -13.51 -13.38 -26.85
N GLU A 492 -13.88 -14.25 -25.91
CA GLU A 492 -15.25 -14.50 -25.48
C GLU A 492 -15.79 -13.58 -24.38
N LYS A 493 -14.99 -13.15 -23.41
CA LYS A 493 -15.48 -12.33 -22.29
C LYS A 493 -14.50 -11.20 -21.94
N PRO A 494 -14.31 -10.24 -22.85
CA PRO A 494 -13.17 -9.31 -22.76
C PRO A 494 -13.20 -8.36 -21.57
N GLN A 495 -14.40 -8.02 -21.09
CA GLN A 495 -14.55 -7.16 -19.94
C GLN A 495 -13.97 -7.76 -18.65
N HIS A 496 -14.16 -9.06 -18.44
CA HIS A 496 -13.65 -9.67 -17.21
C HIS A 496 -12.12 -9.71 -17.22
N LEU A 497 -11.53 -10.13 -18.35
CA LEU A 497 -10.08 -10.10 -18.54
C LEU A 497 -9.53 -8.68 -18.31
N SER A 498 -10.26 -7.67 -18.77
CA SER A 498 -9.77 -6.31 -18.62
C SER A 498 -9.86 -5.85 -17.18
N GLU A 499 -10.82 -6.42 -16.44
CA GLU A 499 -10.90 -6.13 -15.02
C GLU A 499 -9.70 -6.69 -14.29
N TYR A 500 -9.26 -7.90 -14.71
CA TYR A 500 -8.06 -8.50 -14.14
C TYR A 500 -6.84 -7.64 -14.38
N SER A 501 -6.64 -7.21 -15.64
CA SER A 501 -5.48 -6.42 -16.01
C SER A 501 -5.38 -5.14 -15.18
N VAL A 502 -6.49 -4.41 -15.08
CA VAL A 502 -6.37 -3.14 -14.36
C VAL A 502 -6.25 -3.38 -12.86
N SER A 503 -6.82 -4.48 -12.33
CA SER A 503 -6.62 -4.77 -10.92
C SER A 503 -5.16 -5.01 -10.59
N ASP A 504 -4.46 -5.76 -11.45
CA ASP A 504 -3.00 -5.91 -11.38
C ASP A 504 -2.29 -4.56 -11.34
N ALA A 505 -2.66 -3.64 -12.23
CA ALA A 505 -1.95 -2.36 -12.27
C ALA A 505 -2.24 -1.51 -11.05
N VAL A 506 -3.45 -1.60 -10.51
CA VAL A 506 -3.81 -0.82 -9.33
C VAL A 506 -3.02 -1.33 -8.14
N ALA A 507 -2.95 -2.66 -7.99
CA ALA A 507 -2.24 -3.25 -6.86
C ALA A 507 -0.78 -2.85 -6.90
N THR A 508 -0.17 -2.87 -8.09
CA THR A 508 1.27 -2.61 -8.17
C THR A 508 1.54 -1.15 -7.85
N TYR A 509 0.71 -0.24 -8.39
CA TYR A 509 0.84 1.19 -8.12
C TYR A 509 0.73 1.50 -6.65
N TYR A 510 -0.30 1.01 -5.97
CA TYR A 510 -0.47 1.49 -4.62
C TYR A 510 0.47 0.80 -3.66
N LEU A 511 0.89 -0.43 -3.98
CA LEU A 511 1.96 -1.07 -3.24
C LEU A 511 3.24 -0.25 -3.30
N TYR A 512 3.59 0.19 -4.51
CA TYR A 512 4.77 1.02 -4.70
C TYR A 512 4.67 2.34 -3.95
N MET A 513 3.57 3.06 -4.15
CA MET A 513 3.41 4.39 -3.58
C MET A 513 3.35 4.36 -2.06
N LYS A 514 2.73 3.34 -1.49
CA LYS A 514 2.57 3.38 -0.04
C LYS A 514 3.79 2.82 0.66
N TYR A 515 4.51 1.89 0.05
CA TYR A 515 5.60 1.24 0.78
C TYR A 515 6.97 1.45 0.17
N VAL A 516 7.15 1.25 -1.13
CA VAL A 516 8.51 1.20 -1.66
C VAL A 516 9.10 2.59 -1.83
N HIS A 517 8.33 3.54 -2.38
CA HIS A 517 8.84 4.87 -2.68
C HIS A 517 9.36 5.61 -1.45
N PRO A 518 8.58 5.82 -0.35
CA PRO A 518 9.17 6.48 0.83
C PRO A 518 10.37 5.75 1.39
N PHE A 519 10.33 4.42 1.40
CA PHE A 519 11.40 3.62 1.98
C PHE A 519 12.71 3.75 1.22
N ILE A 520 12.67 3.52 -0.10
CA ILE A 520 13.90 3.56 -0.90
C ILE A 520 14.47 4.97 -0.91
N PHE A 521 13.63 5.96 -1.18
CA PHE A 521 14.12 7.35 -1.18
C PHE A 521 14.67 7.78 0.16
N SER A 522 14.03 7.39 1.27
CA SER A 522 14.60 7.71 2.57
C SER A 522 15.94 7.01 2.79
N LEU A 523 16.07 5.74 2.40
CA LEU A 523 17.36 5.07 2.46
C LEU A 523 18.46 5.76 1.66
N CYS A 524 18.13 6.26 0.47
CA CYS A 524 19.08 7.05 -0.30
C CYS A 524 19.55 8.31 0.43
N THR A 525 18.73 8.88 1.32
CA THR A 525 19.16 10.11 1.99
C THR A 525 20.30 9.91 2.98
N ILE A 526 20.63 8.67 3.33
CA ILE A 526 21.78 8.42 4.19
C ILE A 526 22.79 7.49 3.54
N ILE A 527 22.42 6.70 2.56
CA ILE A 527 23.34 5.81 1.87
C ILE A 527 23.69 6.41 0.51
N PRO A 528 24.96 6.41 0.11
CA PRO A 528 25.42 7.12 -1.09
C PRO A 528 25.21 6.35 -2.39
N LEU A 529 23.95 6.06 -2.71
CA LEU A 529 23.63 5.24 -3.86
C LEU A 529 22.36 5.76 -4.51
N ASN A 530 22.20 5.41 -5.77
CA ASN A 530 20.97 5.71 -6.49
C ASN A 530 19.89 4.70 -6.12
N PRO A 531 18.63 4.96 -6.46
CA PRO A 531 17.55 4.01 -6.09
C PRO A 531 17.69 2.57 -6.57
N ASP A 532 18.04 2.33 -7.84
CA ASP A 532 18.26 0.98 -8.37
C ASP A 532 19.21 0.15 -7.51
N GLU A 533 20.32 0.76 -7.12
CA GLU A 533 21.36 0.01 -6.44
C GLU A 533 20.92 -0.24 -5.01
N THR A 534 20.39 0.81 -4.37
CA THR A 534 19.88 0.71 -3.01
C THR A 534 18.79 -0.36 -2.92
N LEU A 535 17.98 -0.47 -3.96
CA LEU A 535 17.04 -1.58 -4.07
C LEU A 535 17.71 -2.93 -4.20
N ARG A 536 18.83 -3.05 -4.92
CA ARG A 536 19.19 -4.41 -5.31
C ARG A 536 20.34 -5.02 -4.52
N LYS A 537 21.25 -4.21 -3.98
CA LYS A 537 22.40 -4.73 -3.24
C LYS A 537 21.97 -5.46 -1.98
N GLY A 538 22.80 -6.43 -1.57
CA GLY A 538 22.64 -7.02 -0.25
C GLY A 538 22.69 -5.95 0.83
N THR A 539 21.97 -6.21 1.93
CA THR A 539 22.01 -5.36 3.13
C THR A 539 23.41 -5.21 3.70
N GLY A 540 24.24 -6.25 3.58
CA GLY A 540 25.63 -6.13 3.94
C GLY A 540 26.35 -5.05 3.15
N THR A 541 26.08 -4.95 1.86
CA THR A 541 26.73 -3.91 1.08
C THR A 541 26.26 -2.50 1.48
N LEU A 542 24.97 -2.33 1.80
CA LEU A 542 24.50 -1.06 2.33
C LEU A 542 25.21 -0.67 3.63
N CYS A 543 25.30 -1.61 4.57
CA CYS A 543 26.07 -1.41 5.78
C CYS A 543 27.50 -0.98 5.48
N GLU A 544 28.14 -1.72 4.58
CA GLU A 544 29.50 -1.42 4.13
C GLU A 544 29.61 0.02 3.65
N MET A 545 28.61 0.46 2.88
CA MET A 545 28.66 1.79 2.28
C MET A 545 28.53 2.87 3.33
N LEU A 546 27.62 2.68 4.30
CA LEU A 546 27.49 3.63 5.38
C LEU A 546 28.80 3.74 6.16
N LEU A 547 29.45 2.61 6.41
CA LEU A 547 30.68 2.66 7.18
C LEU A 547 31.78 3.33 6.37
N MET A 548 31.77 3.13 5.06
CA MET A 548 32.75 3.77 4.20
C MET A 548 32.57 5.29 4.26
N VAL A 549 31.32 5.74 4.32
CA VAL A 549 31.06 7.17 4.47
C VAL A 549 31.65 7.68 5.77
N GLN A 550 31.35 6.98 6.85
CA GLN A 550 31.84 7.38 8.17
C GLN A 550 33.36 7.35 8.22
N ALA A 551 33.97 6.41 7.50
CA ALA A 551 35.41 6.28 7.54
C ALA A 551 36.05 7.44 6.77
N TYR A 552 35.55 7.71 5.56
CA TYR A 552 36.00 8.85 4.79
C TYR A 552 35.90 10.14 5.59
N GLN A 553 34.76 10.36 6.26
CA GLN A 553 34.63 11.62 6.99
C GLN A 553 35.52 11.71 8.22
N HIS A 554 35.97 10.58 8.77
CA HIS A 554 36.88 10.62 9.90
C HIS A 554 38.32 10.40 9.48
N ASN A 555 38.60 10.47 8.17
CA ASN A 555 39.92 10.30 7.59
C ASN A 555 40.51 8.93 7.92
N ILE A 556 39.68 7.90 7.94
CA ILE A 556 40.16 6.55 8.21
C ILE A 556 40.37 5.82 6.90
N LEU A 557 41.59 5.31 6.72
CA LEU A 557 41.87 4.48 5.55
C LEU A 557 41.04 3.21 5.62
N LEU A 558 40.34 2.91 4.54
CA LEU A 558 39.55 1.70 4.46
C LEU A 558 40.45 0.47 4.33
N PRO A 559 40.15 -0.59 5.06
CA PRO A 559 40.81 -1.88 4.81
C PRO A 559 40.37 -2.43 3.47
N ASN A 560 41.26 -3.19 2.86
CA ASN A 560 40.91 -4.02 1.73
C ASN A 560 39.93 -5.13 2.07
N LYS A 561 39.26 -5.57 1.02
CA LYS A 561 38.28 -6.67 1.07
C LYS A 561 39.00 -7.93 1.51
N HIS A 562 38.38 -8.68 2.42
CA HIS A 562 38.98 -9.92 2.88
C HIS A 562 38.97 -10.91 1.72
N THR A 563 40.07 -11.66 1.55
CA THR A 563 40.14 -12.70 0.53
C THR A 563 40.62 -14.05 1.06
N ASP A 564 40.79 -14.21 2.38
CA ASP A 564 41.35 -15.45 2.92
C ASP A 564 40.45 -16.65 2.63
N PRO A 565 41.03 -17.82 2.35
CA PRO A 565 40.21 -19.02 2.16
C PRO A 565 39.45 -19.44 3.39
N ILE A 566 38.24 -19.93 3.14
CA ILE A 566 37.30 -20.39 4.15
C ILE A 566 37.85 -21.61 4.87
N LEU A 575 37.98 -26.56 10.05
CA LEU A 575 37.26 -25.31 9.93
C LEU A 575 36.62 -25.17 8.56
N GLU A 576 36.13 -26.28 8.01
CA GLU A 576 35.26 -26.19 6.85
C GLU A 576 33.87 -25.75 7.24
N SER A 577 33.35 -26.26 8.34
CA SER A 577 32.05 -25.81 8.84
C SER A 577 32.34 -24.64 9.76
N GLU A 578 32.36 -23.45 9.17
CA GLU A 578 32.45 -22.21 9.92
C GLU A 578 31.11 -21.76 10.47
N THR A 579 30.12 -22.65 10.51
CA THR A 579 28.74 -22.28 10.79
C THR A 579 28.51 -22.44 12.29
N TYR A 580 29.01 -21.45 13.02
CA TYR A 580 28.89 -21.36 14.47
C TYR A 580 27.42 -21.18 14.82
N VAL A 581 27.10 -21.44 16.09
CA VAL A 581 25.72 -21.21 16.52
C VAL A 581 25.48 -19.70 16.54
N GLY A 582 24.37 -19.29 15.94
CA GLY A 582 24.05 -17.88 15.78
C GLY A 582 23.10 -17.46 16.86
N GLY A 583 22.24 -18.39 17.25
CA GLY A 583 21.26 -18.12 18.27
C GLY A 583 20.93 -19.43 18.95
N HIS A 584 20.44 -19.31 20.16
CA HIS A 584 20.10 -20.46 20.97
C HIS A 584 18.59 -20.55 20.98
N VAL A 585 18.05 -21.74 20.76
CA VAL A 585 16.62 -21.93 20.71
C VAL A 585 16.32 -23.12 21.60
N GLU A 586 15.25 -23.01 22.37
CA GLU A 586 14.83 -24.09 23.24
C GLU A 586 13.32 -24.14 23.28
N SER A 587 12.85 -25.36 23.19
CA SER A 587 11.48 -25.75 23.48
C SER A 587 11.53 -26.33 24.89
N LEU A 588 10.79 -25.72 25.80
CA LEU A 588 10.84 -26.12 27.19
C LEU A 588 9.60 -26.89 27.59
N GLU A 589 8.45 -26.54 27.02
CA GLU A 589 7.19 -27.18 27.31
C GLU A 589 6.41 -27.14 26.01
N ALA A 590 5.54 -28.13 25.83
CA ALA A 590 4.61 -28.10 24.71
C ALA A 590 3.20 -28.15 25.27
N GLY A 591 2.22 -27.80 24.46
CA GLY A 591 0.89 -27.80 25.03
C GLY A 591 0.18 -26.50 24.82
N VAL A 592 -1.03 -26.45 25.36
CA VAL A 592 -1.86 -25.25 25.35
C VAL A 592 -1.73 -24.66 26.74
N PHE A 593 -1.54 -23.35 26.79
CA PHE A 593 -1.48 -22.64 28.04
C PHE A 593 -2.43 -21.47 27.93
N ARG A 594 -3.25 -21.32 28.97
CA ARG A 594 -4.36 -20.41 28.94
C ARG A 594 -4.62 -19.80 30.30
N SER A 595 -5.04 -18.54 30.26
CA SER A 595 -5.21 -17.69 31.44
C SER A 595 -6.37 -18.14 32.33
N ASP A 596 -7.20 -19.07 31.84
CA ASP A 596 -8.33 -19.60 32.56
C ASP A 596 -8.13 -21.07 32.94
N LEU A 597 -6.93 -21.60 32.81
CA LEU A 597 -6.60 -22.93 33.29
C LEU A 597 -5.45 -22.82 34.27
N LYS A 598 -5.52 -23.55 35.38
CA LYS A 598 -4.54 -23.34 36.43
C LYS A 598 -3.29 -24.16 36.15
N ASN A 599 -2.16 -23.61 36.57
CA ASN A 599 -0.89 -24.29 36.46
C ASN A 599 -0.17 -24.35 37.80
N GLU A 600 0.68 -25.36 37.91
CA GLU A 600 1.55 -25.56 39.06
C GLU A 600 2.82 -24.73 38.91
N PHE A 601 3.15 -23.98 39.96
CA PHE A 601 4.40 -23.25 40.07
C PHE A 601 5.15 -23.78 41.28
N LYS A 602 6.47 -23.94 41.11
CA LYS A 602 7.41 -24.27 42.17
C LYS A 602 8.40 -23.12 42.34
N ILE A 603 8.14 -22.25 43.31
CA ILE A 603 9.00 -21.10 43.55
C ILE A 603 10.20 -21.51 44.38
N ASP A 604 11.39 -21.19 43.89
CA ASP A 604 12.67 -21.26 44.58
C ASP A 604 12.67 -20.14 45.61
N PRO A 605 12.53 -20.43 46.92
CA PRO A 605 12.48 -19.36 47.93
C PRO A 605 13.72 -18.47 47.95
N SER A 606 14.87 -18.99 47.55
CA SER A 606 16.06 -18.15 47.52
C SER A 606 16.03 -17.15 46.37
N ALA A 607 15.15 -17.36 45.37
CA ALA A 607 14.95 -16.33 44.37
C ALA A 607 14.17 -15.16 44.93
N ILE A 608 13.10 -15.44 45.69
CA ILE A 608 12.32 -14.37 46.32
C ILE A 608 13.22 -13.64 47.31
N ASP A 609 14.18 -14.37 47.92
CA ASP A 609 15.06 -13.77 48.89
C ASP A 609 16.02 -12.79 48.21
N GLU A 610 16.59 -13.21 47.08
CA GLU A 610 17.39 -12.30 46.25
C GLU A 610 16.59 -11.07 45.82
N LEU A 611 15.36 -11.28 45.35
CA LEU A 611 14.51 -10.16 44.91
C LEU A 611 14.20 -9.17 46.03
N LEU A 612 13.77 -9.67 47.20
CA LEU A 612 13.52 -8.81 48.35
C LEU A 612 14.75 -8.03 48.76
N GLN A 613 15.92 -8.68 48.74
CA GLN A 613 17.14 -7.96 49.09
C GLN A 613 17.42 -6.86 48.07
N GLU A 614 17.29 -7.18 46.77
CA GLU A 614 17.64 -6.20 45.73
C GLU A 614 16.62 -5.09 45.56
N LEU A 615 15.41 -5.26 46.12
CA LEU A 615 14.24 -4.43 45.78
C LEU A 615 14.40 -2.91 45.89
N PRO A 616 14.93 -2.31 47.00
CA PRO A 616 15.09 -0.83 47.01
C PRO A 616 15.93 -0.29 45.87
N GLU A 617 17.10 -0.89 45.65
CA GLU A 617 17.97 -0.47 44.55
C GLU A 617 17.37 -0.80 43.20
N ALA A 618 16.61 -1.89 43.10
CA ALA A 618 15.96 -2.21 41.84
C ALA A 618 14.91 -1.17 41.48
N LEU A 619 14.17 -0.69 42.47
CA LEU A 619 13.19 0.35 42.20
C LEU A 619 13.87 1.70 41.97
N LYS A 620 15.00 1.95 42.65
CA LYS A 620 15.73 3.18 42.43
C LYS A 620 16.29 3.22 41.01
N PHE A 621 16.80 2.08 40.57
CA PHE A 621 17.31 1.91 39.21
C PHE A 621 16.20 2.12 38.19
N SER A 622 15.05 1.48 38.42
CA SER A 622 13.83 1.70 37.64
C SER A 622 13.50 3.18 37.50
N VAL A 623 13.62 3.93 38.59
CA VAL A 623 13.28 5.34 38.55
C VAL A 623 14.32 6.14 37.78
N GLU A 624 15.59 5.86 38.03
CA GLU A 624 16.67 6.75 37.58
C GLU A 624 17.35 6.32 36.29
N VAL A 625 17.49 5.03 36.05
CA VAL A 625 18.10 4.54 34.82
C VAL A 625 17.07 4.15 33.78
N GLU A 626 16.12 3.30 34.14
CA GLU A 626 15.06 2.91 33.21
C GLU A 626 14.21 4.08 32.76
N ASN A 627 13.92 5.02 33.65
CA ASN A 627 13.03 6.11 33.28
C ASN A 627 13.75 7.43 33.06
N LYS A 628 15.07 7.47 33.29
CA LYS A 628 15.89 8.69 33.17
C LYS A 628 15.30 9.82 33.99
N SER A 629 14.94 9.51 35.23
CA SER A 629 14.37 10.49 36.15
C SER A 629 15.19 10.47 37.43
N SER A 630 14.62 10.97 38.51
CA SER A 630 15.30 11.01 39.79
C SER A 630 14.37 10.66 40.94
N VAL A 631 14.88 9.83 41.87
CA VAL A 631 14.10 9.38 43.03
C VAL A 631 13.58 10.58 43.82
N ASP A 632 14.40 11.63 43.95
CA ASP A 632 14.08 12.95 44.49
C ASP A 632 12.65 13.42 44.25
N LYS A 633 12.18 13.27 43.01
CA LYS A 633 10.87 13.75 42.59
C LYS A 633 9.75 12.70 42.64
N VAL A 634 9.94 11.54 43.29
CA VAL A 634 8.88 10.53 43.29
C VAL A 634 8.02 10.68 44.53
N THR A 635 6.71 10.71 44.30
CA THR A 635 5.71 10.89 45.35
C THR A 635 5.47 9.63 46.17
N ASN A 636 5.43 8.46 45.53
CA ASN A 636 4.83 7.28 46.14
C ASN A 636 5.76 6.08 46.33
N PHE A 637 7.05 6.30 46.58
CA PHE A 637 8.03 5.22 46.71
C PHE A 637 7.65 4.20 47.79
N GLU A 638 7.33 4.67 49.00
CA GLU A 638 7.14 3.74 50.12
C GLU A 638 5.84 2.96 50.01
N GLU A 639 4.79 3.59 49.47
CA GLU A 639 3.50 2.92 49.29
C GLU A 639 3.65 1.72 48.37
N ILE A 640 4.09 2.01 47.14
CA ILE A 640 4.40 1.00 46.12
C ILE A 640 5.28 -0.10 46.69
N LYS A 641 6.32 0.31 47.44
CA LYS A 641 7.29 -0.65 47.93
C LYS A 641 6.68 -1.56 49.01
N ASN A 642 5.74 -1.02 49.82
CA ASN A 642 5.03 -1.90 50.75
C ASN A 642 4.13 -2.85 49.99
N GLN A 643 3.43 -2.35 48.96
CA GLN A 643 2.46 -3.18 48.24
C GLN A 643 3.16 -4.37 47.60
N ILE A 644 4.37 -4.11 47.09
CA ILE A 644 5.15 -5.16 46.44
C ILE A 644 5.68 -6.09 47.51
N THR A 645 6.18 -5.52 48.62
CA THR A 645 6.73 -6.31 49.71
C THR A 645 5.69 -7.32 50.19
N GLN A 646 4.44 -6.87 50.34
CA GLN A 646 3.38 -7.76 50.77
C GLN A 646 3.13 -8.84 49.73
N LYS A 647 3.18 -8.48 48.43
CA LYS A 647 2.92 -9.51 47.42
C LYS A 647 4.03 -10.54 47.39
N LEU A 648 5.27 -10.10 47.61
CA LEU A 648 6.36 -11.06 47.54
C LEU A 648 6.35 -11.95 48.78
N LEU A 649 6.08 -11.36 49.95
CA LEU A 649 5.94 -12.13 51.19
C LEU A 649 4.82 -13.17 51.12
N GLU A 650 3.65 -12.79 50.58
CA GLU A 650 2.56 -13.74 50.35
C GLU A 650 3.03 -14.88 49.44
N LEU A 651 3.67 -14.54 48.31
CA LEU A 651 4.25 -15.56 47.42
C LEU A 651 5.28 -16.42 48.15
N LYS A 652 6.02 -15.83 49.08
CA LYS A 652 7.04 -16.49 49.87
C LYS A 652 6.46 -17.56 50.78
N GLU A 653 5.35 -17.24 51.46
CA GLU A 653 4.70 -18.24 52.31
C GLU A 653 4.22 -19.43 51.49
N ASN A 654 3.32 -19.22 50.54
CA ASN A 654 2.74 -20.33 49.80
C ASN A 654 3.48 -20.40 48.46
N ASN A 655 4.63 -21.07 48.49
CA ASN A 655 5.55 -21.04 47.36
C ASN A 655 5.39 -22.25 46.45
N ILE A 656 4.67 -23.27 46.86
CA ILE A 656 4.25 -24.34 45.97
C ILE A 656 2.80 -23.97 45.67
N ARG A 657 2.56 -23.44 44.48
CA ARG A 657 1.23 -22.88 44.24
C ARG A 657 0.63 -23.42 42.96
N ASN A 658 -0.70 -23.43 42.92
CA ASN A 658 -1.45 -23.86 41.72
C ASN A 658 -2.50 -22.80 41.44
N GLU A 659 -2.28 -21.96 40.42
CA GLU A 659 -3.21 -20.87 40.15
C GLU A 659 -3.11 -20.47 38.68
N LEU A 660 -3.91 -19.47 38.31
CA LEU A 660 -3.98 -19.04 36.93
C LEU A 660 -2.72 -18.24 36.58
N PRO A 661 -2.21 -18.38 35.36
CA PRO A 661 -0.96 -17.72 34.97
C PRO A 661 -1.19 -16.34 34.34
N LEU A 662 -0.08 -15.60 34.23
CA LEU A 662 0.05 -14.45 33.35
C LEU A 662 1.01 -14.80 32.24
N ILE A 663 0.51 -14.78 31.01
CA ILE A 663 1.27 -15.14 29.81
C ILE A 663 1.98 -13.90 29.30
N TYR A 664 3.28 -13.78 29.54
CA TYR A 664 4.03 -12.63 29.09
C TYR A 664 5.09 -13.01 28.05
N HIS A 665 5.45 -12.03 27.23
CA HIS A 665 6.61 -12.15 26.36
C HIS A 665 7.53 -11.01 26.76
N VAL A 666 8.78 -11.31 27.05
CA VAL A 666 9.79 -10.29 27.25
C VAL A 666 10.92 -10.43 26.25
N ASP A 667 11.35 -9.27 25.74
CA ASP A 667 12.24 -9.23 24.60
C ASP A 667 13.07 -7.98 24.76
N VAL A 668 14.38 -8.16 24.67
CA VAL A 668 15.31 -7.04 24.69
C VAL A 668 15.12 -6.17 23.46
N ALA A 669 14.95 -4.87 23.68
CA ALA A 669 14.98 -3.89 22.61
C ALA A 669 16.32 -3.93 21.87
N SER A 670 16.26 -4.16 20.55
CA SER A 670 17.40 -4.26 19.62
C SER A 670 18.67 -4.96 20.11
N MET A 671 18.59 -6.27 20.38
CA MET A 671 19.59 -7.02 21.14
C MET A 671 21.01 -6.89 20.63
N TYR A 672 21.26 -7.30 19.40
CA TYR A 672 22.63 -7.32 18.93
C TYR A 672 23.22 -5.90 18.76
N PRO A 673 22.51 -4.90 18.21
CA PRO A 673 23.12 -3.55 18.17
C PRO A 673 23.43 -3.00 19.55
N ASN A 674 22.57 -3.28 20.52
CA ASN A 674 22.83 -2.78 21.86
C ASN A 674 23.98 -3.50 22.52
N ILE A 675 24.18 -4.79 22.21
CA ILE A 675 25.35 -5.50 22.71
C ILE A 675 26.61 -4.90 22.13
N MET A 676 26.56 -4.56 20.86
CA MET A 676 27.70 -3.97 20.17
C MET A 676 28.07 -2.61 20.75
N THR A 677 27.09 -1.71 20.89
CA THR A 677 27.41 -0.39 21.43
C THR A 677 27.78 -0.42 22.92
N THR A 678 27.15 -1.29 23.73
CA THR A 678 27.53 -1.40 25.13
C THR A 678 28.96 -1.87 25.31
N ASN A 679 29.33 -2.91 24.58
CA ASN A 679 30.67 -3.41 24.71
C ASN A 679 31.69 -2.74 23.80
N ARG A 680 31.29 -1.72 23.02
CA ARG A 680 32.20 -0.98 22.14
C ARG A 680 32.88 -1.90 21.13
N LEU A 681 32.12 -2.84 20.62
CA LEU A 681 32.61 -3.82 19.68
C LEU A 681 32.76 -3.26 18.27
N GLN A 682 33.95 -3.46 17.69
CA GLN A 682 34.21 -3.16 16.29
C GLN A 682 35.42 -4.00 15.86
N PRO A 683 35.60 -4.23 14.54
CA PRO A 683 36.68 -5.13 14.06
C PRO A 683 38.08 -4.74 14.45
N ASP A 684 38.37 -3.46 14.53
CA ASP A 684 39.70 -2.92 14.81
C ASP A 684 40.12 -3.11 16.26
N SER A 685 39.19 -3.52 17.14
CA SER A 685 39.50 -3.73 18.54
C SER A 685 40.10 -5.10 18.81
N ILE A 686 40.12 -5.98 17.81
CA ILE A 686 40.65 -7.33 17.93
C ILE A 686 42.17 -7.23 17.85
N LYS A 687 42.84 -7.55 18.98
CA LYS A 687 44.29 -7.52 19.19
C LYS A 687 45.18 -7.91 18.01
N ALA A 688 45.01 -9.15 17.54
CA ALA A 688 45.73 -9.73 16.40
C ALA A 688 47.26 -9.70 16.59
N GLU A 689 47.69 -10.37 17.68
CA GLU A 689 49.02 -10.66 18.24
C GLU A 689 49.73 -9.51 18.95
N ARG A 690 49.07 -8.38 19.20
CA ARG A 690 49.75 -7.27 19.88
C ARG A 690 48.72 -6.30 20.42
N ASP A 691 48.85 -5.91 21.68
CA ASP A 691 48.34 -4.63 22.14
C ASP A 691 49.21 -4.12 23.29
N CYS A 692 48.93 -2.88 23.71
CA CYS A 692 49.60 -2.19 24.83
C CYS A 692 51.12 -2.12 24.69
N ALA A 693 51.66 -2.27 23.47
CA ALA A 693 53.10 -2.21 23.31
C ALA A 693 53.63 -0.80 23.46
N SER A 694 52.88 0.18 22.97
CA SER A 694 53.34 1.55 23.00
C SER A 694 52.37 2.51 23.65
N CYS A 695 51.18 2.05 24.04
CA CYS A 695 50.24 2.90 24.74
C CYS A 695 50.11 2.45 26.19
N ASP A 696 49.91 3.44 27.07
CA ASP A 696 49.87 3.22 28.51
C ASP A 696 48.69 2.36 28.89
N PHE A 697 48.81 1.66 30.03
CA PHE A 697 47.95 0.50 30.25
C PHE A 697 47.26 0.42 31.61
N ASN A 698 47.85 1.01 32.66
CA ASN A 698 47.33 0.81 34.02
C ASN A 698 46.09 1.64 34.35
N ARG A 699 45.53 2.38 33.39
CA ARG A 699 44.46 3.32 33.72
C ARG A 699 43.12 2.64 33.95
N PRO A 700 42.74 1.57 33.22
CA PRO A 700 41.75 0.65 33.78
C PRO A 700 42.36 -0.48 34.59
N GLY A 701 43.69 -0.58 34.63
CA GLY A 701 44.39 -1.52 35.48
C GLY A 701 44.54 -2.92 34.92
N LYS A 702 43.66 -3.31 34.00
CA LYS A 702 43.67 -4.65 33.39
C LYS A 702 44.38 -4.59 32.04
N THR A 703 45.47 -3.80 32.01
CA THR A 703 46.14 -3.24 30.81
C THR A 703 45.12 -2.84 29.75
N CYS A 704 44.18 -1.93 30.09
CA CYS A 704 43.35 -1.19 29.14
C CYS A 704 42.27 -2.02 28.46
N ALA A 705 42.66 -3.23 28.11
CA ALA A 705 41.96 -4.21 27.32
C ALA A 705 40.95 -4.91 28.23
N ARG A 706 39.73 -5.05 27.73
CA ARG A 706 38.66 -5.77 28.41
C ARG A 706 38.40 -7.10 27.72
N LYS A 707 38.62 -8.18 28.47
CA LYS A 707 38.49 -9.53 27.95
C LYS A 707 37.05 -9.97 28.10
N LEU A 708 36.55 -10.58 27.02
CA LEU A 708 35.17 -11.00 26.89
C LEU A 708 35.21 -12.34 26.18
N LYS A 709 34.20 -13.17 26.43
CA LYS A 709 34.23 -14.52 25.91
C LYS A 709 33.49 -14.61 24.58
N TRP A 710 34.00 -15.48 23.73
CA TRP A 710 33.32 -15.99 22.55
C TRP A 710 33.53 -17.49 22.50
N ALA A 711 32.73 -18.15 21.68
CA ALA A 711 32.81 -19.59 21.52
C ALA A 711 33.28 -19.96 20.12
N TRP A 712 34.48 -20.50 20.07
CA TRP A 712 35.15 -20.86 18.84
C TRP A 712 34.69 -22.27 18.48
N ARG A 713 34.48 -22.52 17.20
CA ARG A 713 34.05 -23.85 16.77
C ARG A 713 34.84 -24.29 15.54
N GLY A 714 35.62 -25.36 15.69
CA GLY A 714 36.31 -25.96 14.57
C GLY A 714 35.54 -27.23 14.26
N GLU A 715 35.57 -27.65 12.99
CA GLU A 715 35.05 -28.96 12.64
C GLU A 715 36.10 -29.70 11.82
N PHE A 716 36.49 -30.87 12.30
CA PHE A 716 37.67 -31.53 11.77
C PHE A 716 37.44 -33.04 11.69
N VAL A 779 35.36 -35.07 13.48
CA VAL A 779 35.20 -34.71 14.89
C VAL A 779 35.07 -33.19 15.00
N SER A 780 34.14 -32.75 15.83
CA SER A 780 33.77 -31.34 15.94
C SER A 780 34.14 -30.87 17.34
N GLU A 781 34.66 -29.64 17.46
CA GLU A 781 34.93 -29.20 18.82
C GLU A 781 34.74 -27.70 18.99
N ILE A 782 34.05 -27.36 20.08
CA ILE A 782 33.85 -25.99 20.54
C ILE A 782 34.80 -25.73 21.70
N VAL A 783 35.47 -24.59 21.66
CA VAL A 783 36.38 -24.18 22.72
C VAL A 783 35.98 -22.77 23.13
N GLU A 784 35.75 -22.55 24.43
CA GLU A 784 35.50 -21.20 24.86
C GLU A 784 36.82 -20.43 24.80
N ARG A 785 36.75 -19.24 24.27
CA ARG A 785 37.90 -18.37 24.10
C ARG A 785 37.56 -16.99 24.60
N GLU A 786 38.57 -16.16 24.67
CA GLU A 786 38.43 -14.83 25.23
C GLU A 786 39.25 -13.91 24.36
N ALA A 787 38.75 -12.69 24.20
CA ALA A 787 39.44 -11.70 23.42
C ALA A 787 39.32 -10.34 24.09
N ILE A 788 40.30 -9.53 23.80
CA ILE A 788 40.47 -8.20 24.36
C ILE A 788 39.90 -7.14 23.42
N VAL A 789 39.06 -6.28 23.99
CA VAL A 789 38.48 -5.12 23.32
C VAL A 789 39.09 -3.84 23.90
N CYS A 790 39.86 -3.15 23.05
CA CYS A 790 40.55 -1.94 23.47
C CYS A 790 39.53 -0.86 23.71
N GLN A 791 39.61 -0.21 24.86
CA GLN A 791 38.67 0.82 25.24
C GLN A 791 39.11 2.21 24.80
N ARG A 792 40.24 2.32 24.10
CA ARG A 792 40.71 3.61 23.61
C ARG A 792 40.73 3.70 22.10
N GLU A 793 40.39 2.62 21.39
CA GLU A 793 40.48 2.61 19.94
C GLU A 793 39.50 3.64 19.36
N ASN A 794 39.89 4.26 18.22
CA ASN A 794 39.13 5.23 17.44
C ASN A 794 37.66 4.87 17.23
N PRO A 795 36.75 5.71 17.68
CA PRO A 795 35.34 5.31 17.66
C PRO A 795 34.54 5.74 16.44
N PHE A 796 34.34 4.87 15.46
CA PHE A 796 33.75 5.37 14.22
C PHE A 796 32.62 4.41 13.90
N TYR A 797 32.84 3.14 14.24
CA TYR A 797 31.85 2.11 13.97
C TYR A 797 30.73 2.26 14.97
N VAL A 798 31.12 2.22 16.25
CA VAL A 798 30.18 2.32 17.36
C VAL A 798 29.54 3.69 17.39
N ASP A 799 30.25 4.75 16.98
CA ASP A 799 29.64 6.06 16.92
C ASP A 799 28.56 6.09 15.86
N THR A 800 28.77 5.38 14.75
CA THR A 800 27.73 5.23 13.74
C THR A 800 26.53 4.49 14.29
N VAL A 801 26.77 3.53 15.18
CA VAL A 801 25.64 2.78 15.70
C VAL A 801 24.88 3.56 16.76
N LYS A 802 25.58 4.11 17.76
CA LYS A 802 24.96 5.01 18.74
C LYS A 802 24.21 6.16 18.09
N SER A 803 24.84 6.82 17.11
CA SER A 803 24.27 7.99 16.48
C SER A 803 23.06 7.63 15.65
N PHE A 804 23.15 6.49 14.96
CA PHE A 804 22.06 5.99 14.17
C PHE A 804 20.88 5.59 15.04
N ARG A 805 21.15 4.89 16.14
CA ARG A 805 20.14 4.58 17.13
C ARG A 805 19.44 5.81 17.68
N ASP A 806 20.20 6.86 17.98
CA ASP A 806 19.58 8.08 18.49
C ASP A 806 18.75 8.82 17.46
N ARG A 807 19.22 8.90 16.21
CA ARG A 807 18.41 9.49 15.15
C ARG A 807 17.11 8.71 14.93
N ARG A 808 17.18 7.38 14.95
CA ARG A 808 15.92 6.62 14.85
C ARG A 808 15.00 6.93 16.02
N TYR A 809 15.52 6.92 17.26
CA TYR A 809 14.69 7.30 18.40
C TYR A 809 14.08 8.69 18.19
N GLU A 810 14.90 9.63 17.69
CA GLU A 810 14.49 10.98 17.31
C GLU A 810 13.24 10.94 16.44
N PHE A 811 13.25 10.07 15.43
CA PHE A 811 12.14 10.06 14.48
C PHE A 811 10.92 9.39 15.09
N LYS A 812 11.10 8.32 15.87
CA LYS A 812 9.99 7.79 16.68
C LYS A 812 9.34 8.89 17.53
N GLY A 813 10.17 9.76 18.12
CA GLY A 813 9.66 10.86 18.91
C GLY A 813 8.88 11.84 18.04
N LEU A 814 9.51 12.26 16.93
CA LEU A 814 8.91 13.20 15.99
C LEU A 814 7.58 12.66 15.48
N ALA A 815 7.58 11.39 15.05
CA ALA A 815 6.39 10.61 14.73
C ALA A 815 5.28 10.82 15.76
N LYS A 816 5.60 10.64 17.05
CA LYS A 816 4.58 10.80 18.10
C LYS A 816 4.08 12.25 18.17
N THR A 817 5.00 13.21 18.03
CA THR A 817 4.60 14.62 18.05
C THR A 817 3.68 14.92 16.89
N TRP A 818 4.00 14.34 15.73
CA TRP A 818 3.21 14.52 14.53
C TRP A 818 1.85 13.84 14.69
N LYS A 819 1.82 12.70 15.38
CA LYS A 819 0.55 12.01 15.62
C LYS A 819 -0.37 12.93 16.41
N GLY A 820 0.24 13.67 17.34
CA GLY A 820 -0.53 14.60 18.14
C GLY A 820 -0.99 15.75 17.27
N ASN A 821 -0.11 16.19 16.34
CA ASN A 821 -0.49 17.27 15.43
C ASN A 821 -1.61 16.83 14.49
N LEU A 822 -1.57 15.57 14.00
CA LEU A 822 -2.63 15.10 13.11
C LEU A 822 -3.95 14.92 13.83
N SER A 823 -3.98 15.01 15.16
CA SER A 823 -5.31 14.91 15.73
C SER A 823 -5.77 16.18 16.46
N LYS A 824 -4.83 16.97 17.01
CA LYS A 824 -5.12 18.20 17.77
C LYS A 824 -6.04 19.15 16.99
N ILE A 825 -5.67 19.46 15.74
CA ILE A 825 -6.26 20.43 14.82
C ILE A 825 -7.69 20.15 14.38
N ASP A 826 -8.15 20.96 13.44
CA ASP A 826 -9.49 20.94 12.90
C ASP A 826 -9.69 19.74 11.96
N PRO A 827 -10.93 19.43 11.57
CA PRO A 827 -11.18 18.26 10.70
C PRO A 827 -11.31 18.52 9.21
N SER A 828 -11.11 19.74 8.73
CA SER A 828 -11.21 20.04 7.31
C SER A 828 -9.94 19.46 6.67
N ASP A 829 -10.03 18.16 6.35
CA ASP A 829 -8.95 17.36 5.75
C ASP A 829 -8.22 18.06 4.60
N LYS A 830 -8.95 18.73 3.72
CA LYS A 830 -8.32 19.55 2.68
C LYS A 830 -8.31 20.98 3.20
N HIS A 831 -7.27 21.30 3.96
CA HIS A 831 -7.02 22.67 4.37
C HIS A 831 -5.51 22.87 4.53
N ALA A 832 -4.75 22.39 3.53
CA ALA A 832 -3.28 22.50 3.47
C ALA A 832 -2.64 21.78 4.66
N ARG A 833 -3.21 20.65 5.06
CA ARG A 833 -2.58 19.77 6.04
C ARG A 833 -2.37 18.35 5.50
N ASP A 834 -2.58 18.11 4.21
CA ASP A 834 -2.14 16.84 3.63
C ASP A 834 -0.65 16.80 3.39
N GLU A 835 0.03 17.95 3.50
CA GLU A 835 1.49 17.98 3.49
C GLU A 835 2.02 17.46 4.81
N ALA A 836 1.31 17.76 5.89
CA ALA A 836 1.68 17.28 7.22
C ALA A 836 1.58 15.77 7.27
N LYS A 837 0.57 15.21 6.60
CA LYS A 837 0.43 13.76 6.56
C LYS A 837 1.56 13.15 5.73
N LYS A 838 1.99 13.85 4.68
CA LYS A 838 3.17 13.46 3.92
C LYS A 838 4.41 13.50 4.80
N MET A 839 4.50 14.51 5.67
CA MET A 839 5.57 14.61 6.67
C MET A 839 5.55 13.37 7.58
N ILE A 840 4.37 13.05 8.12
CA ILE A 840 4.18 11.87 8.96
C ILE A 840 4.71 10.62 8.28
N VAL A 841 4.21 10.36 7.06
CA VAL A 841 4.64 9.24 6.22
C VAL A 841 6.16 9.23 6.08
N LEU A 842 6.73 10.41 5.81
CA LEU A 842 8.17 10.59 5.62
C LEU A 842 8.96 10.15 6.86
N TYR A 843 8.68 10.73 8.01
CA TYR A 843 9.38 10.35 9.25
C TYR A 843 9.17 8.90 9.64
N ASP A 844 7.97 8.37 9.40
CA ASP A 844 7.73 6.93 9.45
C ASP A 844 8.73 6.17 8.59
N SER A 845 8.93 6.63 7.36
CA SER A 845 9.81 5.92 6.45
C SER A 845 11.24 6.00 6.93
N LEU A 846 11.65 7.14 7.49
CA LEU A 846 13.04 7.29 7.88
C LEU A 846 13.33 6.44 9.11
N GLN A 847 12.38 6.36 10.03
CA GLN A 847 12.62 5.54 11.21
C GLN A 847 12.61 4.06 10.86
N LEU A 848 11.80 3.64 9.89
CA LEU A 848 11.86 2.23 9.52
C LEU A 848 13.10 1.91 8.70
N ALA A 849 13.57 2.88 7.93
CA ALA A 849 14.82 2.74 7.19
C ALA A 849 16.02 2.67 8.12
N HIS A 850 15.99 3.42 9.21
CA HIS A 850 17.05 3.26 10.17
C HIS A 850 16.95 1.93 10.89
N LYS A 851 15.72 1.41 11.04
CA LYS A 851 15.57 0.15 11.75
C LYS A 851 16.24 -0.98 10.97
N VAL A 852 16.02 -0.99 9.66
CA VAL A 852 16.55 -2.09 8.85
C VAL A 852 18.06 -1.97 8.69
N ILE A 853 18.58 -0.75 8.51
CA ILE A 853 20.04 -0.60 8.39
C ILE A 853 20.73 -0.95 9.69
N LEU A 854 20.15 -0.52 10.81
CA LEU A 854 20.66 -0.84 12.14
C LEU A 854 20.77 -2.35 12.32
N ASN A 855 19.70 -3.07 11.99
CA ASN A 855 19.74 -4.52 12.16
C ASN A 855 20.69 -5.26 11.21
N SER A 856 21.03 -4.69 10.06
CA SER A 856 22.04 -5.30 9.16
C SER A 856 23.49 -5.29 9.68
N PHE A 857 23.78 -4.54 10.75
CA PHE A 857 25.11 -4.51 11.36
C PHE A 857 25.55 -5.79 12.04
N TYR A 858 24.67 -6.66 12.48
CA TYR A 858 25.18 -7.92 13.00
C TYR A 858 25.63 -8.81 11.85
N GLY A 859 24.78 -9.02 10.85
CA GLY A 859 25.13 -9.95 9.80
C GLY A 859 26.30 -9.51 8.95
N TYR A 860 26.55 -8.20 8.86
CA TYR A 860 27.68 -7.72 8.06
C TYR A 860 29.03 -8.32 8.43
N VAL A 861 29.26 -8.55 9.73
CA VAL A 861 30.56 -9.02 10.20
C VAL A 861 30.91 -10.46 9.85
N MET A 862 29.98 -11.24 9.31
CA MET A 862 30.34 -12.58 8.88
C MET A 862 30.33 -12.80 7.37
N ARG A 863 30.09 -11.77 6.57
CA ARG A 863 29.93 -12.00 5.15
C ARG A 863 31.29 -12.24 4.47
N LYS A 864 31.27 -13.12 3.47
CA LYS A 864 32.43 -13.33 2.59
C LYS A 864 32.82 -12.05 1.85
N GLY A 865 34.12 -11.79 1.81
CA GLY A 865 34.68 -10.60 1.20
C GLY A 865 34.39 -9.29 1.90
N SER A 866 33.89 -9.34 3.14
CA SER A 866 33.64 -8.16 3.95
C SER A 866 34.90 -7.34 4.16
N ARG A 867 34.76 -6.01 4.16
CA ARG A 867 35.95 -5.21 4.42
C ARG A 867 36.26 -5.18 5.91
N TRP A 868 35.33 -5.61 6.73
CA TRP A 868 35.46 -5.61 8.15
C TRP A 868 34.94 -6.98 8.59
N TYR A 869 35.71 -8.00 8.25
CA TYR A 869 35.37 -9.40 8.52
C TYR A 869 35.87 -9.69 9.91
N SER A 870 35.03 -10.27 10.76
CA SER A 870 35.50 -10.73 12.06
C SER A 870 34.57 -11.83 12.58
N MET A 871 35.00 -13.09 12.44
CA MET A 871 34.24 -14.20 13.01
C MET A 871 34.18 -14.08 14.52
N GLU A 872 35.27 -13.59 15.13
CA GLU A 872 35.38 -13.45 16.57
C GLU A 872 34.34 -12.50 17.11
N MET A 873 34.09 -11.40 16.38
CA MET A 873 33.13 -10.39 16.80
C MET A 873 31.72 -10.95 16.84
N ALA A 874 31.38 -11.76 15.84
CA ALA A 874 30.09 -12.41 15.80
C ALA A 874 29.96 -13.37 16.96
N GLY A 875 31.05 -14.10 17.25
CA GLY A 875 31.02 -15.03 18.35
C GLY A 875 30.80 -14.31 19.66
N ILE A 876 31.47 -13.16 19.84
CA ILE A 876 31.39 -12.42 21.09
C ILE A 876 29.97 -11.93 21.32
N THR A 877 29.36 -11.36 20.27
CA THR A 877 27.97 -10.91 20.31
C THR A 877 26.98 -12.02 20.65
N CYS A 878 27.05 -13.14 19.91
CA CYS A 878 26.18 -14.28 20.18
C CYS A 878 26.36 -14.87 21.56
N LEU A 879 27.60 -15.04 22.01
CA LEU A 879 27.82 -15.64 23.32
C LEU A 879 27.33 -14.71 24.43
N THR A 880 27.58 -13.40 24.29
CA THR A 880 27.08 -12.43 25.25
C THR A 880 25.57 -12.45 25.34
N GLY A 881 24.89 -12.46 24.19
CA GLY A 881 23.44 -12.49 24.20
C GLY A 881 22.89 -13.77 24.80
N ALA A 882 23.49 -14.92 24.43
CA ALA A 882 23.14 -16.19 25.04
C ALA A 882 23.33 -16.19 26.55
N THR A 883 24.38 -15.53 27.04
CA THR A 883 24.63 -15.49 28.48
C THR A 883 23.61 -14.62 29.19
N ILE A 884 23.28 -13.47 28.59
CA ILE A 884 22.26 -12.59 29.15
C ILE A 884 20.92 -13.30 29.19
N ILE A 885 20.58 -13.97 28.09
CA ILE A 885 19.24 -14.51 27.99
C ILE A 885 19.14 -15.75 28.88
N GLN A 886 20.26 -16.44 29.13
CA GLN A 886 20.22 -17.59 30.02
C GLN A 886 20.15 -17.14 31.46
N MET A 887 20.73 -15.98 31.78
CA MET A 887 20.57 -15.40 33.11
C MET A 887 19.09 -15.08 33.34
N ALA A 888 18.44 -14.54 32.31
CA ALA A 888 17.01 -14.26 32.40
C ALA A 888 16.23 -15.56 32.54
N ARG A 889 16.67 -16.59 31.82
CA ARG A 889 16.07 -17.92 31.94
C ARG A 889 16.20 -18.49 33.35
N ALA A 890 17.35 -18.27 33.98
CA ALA A 890 17.57 -18.82 35.30
C ALA A 890 16.72 -18.12 36.35
N LEU A 891 16.46 -16.82 36.13
CA LEU A 891 15.54 -16.14 37.02
C LEU A 891 14.10 -16.59 36.79
N VAL A 892 13.61 -16.52 35.54
CA VAL A 892 12.22 -16.90 35.28
C VAL A 892 11.97 -18.34 35.73
N GLU A 893 12.94 -19.25 35.51
CA GLU A 893 12.80 -20.65 35.93
C GLU A 893 12.73 -20.75 37.45
N ARG A 894 13.23 -19.75 38.17
CA ARG A 894 13.13 -19.84 39.62
C ARG A 894 11.87 -19.14 40.11
N VAL A 895 11.22 -18.33 39.29
CA VAL A 895 10.06 -17.57 39.73
C VAL A 895 8.82 -17.81 38.87
N GLY A 896 8.90 -18.70 37.88
CA GLY A 896 7.80 -18.87 36.95
C GLY A 896 8.17 -20.00 36.03
N ARG A 897 7.55 -20.05 34.85
CA ARG A 897 7.83 -21.13 33.90
C ARG A 897 8.06 -20.57 32.51
N PRO A 898 9.28 -20.60 32.02
CA PRO A 898 9.55 -20.23 30.63
C PRO A 898 9.05 -21.30 29.68
N LEU A 899 8.45 -20.87 28.58
CA LEU A 899 7.88 -21.83 27.65
C LEU A 899 8.73 -22.02 26.41
N GLU A 900 9.24 -20.95 25.82
CA GLU A 900 10.03 -21.10 24.61
C GLU A 900 10.98 -19.92 24.48
N LEU A 901 12.15 -20.19 23.93
CA LEU A 901 13.19 -19.17 23.85
C LEU A 901 13.79 -19.26 22.46
N ASP A 902 13.88 -18.12 21.78
CA ASP A 902 14.49 -18.08 20.45
C ASP A 902 15.34 -16.83 20.27
N THR A 903 16.66 -17.02 20.38
CA THR A 903 17.73 -16.08 20.04
C THR A 903 17.80 -14.84 20.92
N ASP A 904 16.70 -14.08 20.99
CA ASP A 904 16.62 -12.86 21.79
C ASP A 904 15.26 -12.62 22.46
N GLY A 905 14.43 -13.63 22.55
CA GLY A 905 13.09 -13.48 23.10
C GLY A 905 12.71 -14.60 24.04
N ILE A 906 11.90 -14.28 25.03
CA ILE A 906 11.50 -15.25 26.04
C ILE A 906 10.00 -15.13 26.19
N TRP A 907 9.31 -16.23 25.96
CA TRP A 907 7.91 -16.40 26.25
C TRP A 907 7.80 -17.07 27.61
N CYS A 908 7.04 -16.51 28.55
CA CYS A 908 6.97 -17.16 29.87
C CYS A 908 5.59 -17.00 30.47
N ILE A 909 5.31 -17.79 31.51
CA ILE A 909 4.18 -17.55 32.40
C ILE A 909 4.66 -17.27 33.81
N LEU A 910 4.04 -16.28 34.45
CA LEU A 910 4.25 -15.97 35.85
C LEU A 910 2.98 -16.18 36.66
N PRO A 911 3.09 -16.50 37.96
CA PRO A 911 1.89 -16.58 38.82
C PRO A 911 1.11 -15.26 38.85
N LYS A 912 -0.21 -15.38 38.95
CA LYS A 912 -1.08 -14.21 39.08
C LYS A 912 -0.83 -13.42 40.36
N SER A 913 -0.37 -14.08 41.42
CA SER A 913 -0.01 -13.40 42.66
C SER A 913 1.30 -12.60 42.60
N PHE A 914 2.08 -12.70 41.53
CA PHE A 914 3.32 -11.94 41.44
C PHE A 914 3.04 -10.44 41.28
N PRO A 915 3.77 -9.57 41.98
CA PRO A 915 3.51 -8.12 41.84
C PRO A 915 3.83 -7.67 40.42
N GLU A 916 2.93 -6.88 39.83
CA GLU A 916 2.99 -6.70 38.39
C GLU A 916 3.19 -5.26 37.98
N THR A 917 2.12 -4.53 37.68
CA THR A 917 2.17 -3.20 37.13
C THR A 917 1.68 -2.15 38.11
N TYR A 918 2.43 -1.06 38.19
CA TYR A 918 2.08 0.08 39.01
C TYR A 918 2.41 1.33 38.20
N PHE A 919 2.02 2.47 38.74
CA PHE A 919 2.28 3.74 38.08
C PHE A 919 2.67 4.72 39.18
N PHE A 920 3.92 5.14 39.16
CA PHE A 920 4.37 6.19 40.06
C PHE A 920 3.79 7.51 39.60
N THR A 921 3.45 8.37 40.56
CA THR A 921 2.99 9.70 40.19
C THR A 921 4.13 10.67 40.39
N LEU A 922 4.39 11.45 39.35
CA LEU A 922 5.32 12.56 39.34
C LEU A 922 4.68 13.83 39.90
N GLU A 923 5.56 14.80 40.20
CA GLU A 923 5.12 16.12 40.64
C GLU A 923 4.26 16.86 39.62
N ASN A 924 4.58 16.77 38.31
CA ASN A 924 3.68 17.37 37.32
C ASN A 924 2.33 16.64 37.17
N GLY A 925 2.11 15.55 37.89
CA GLY A 925 0.87 14.83 37.84
C GLY A 925 0.89 13.66 36.89
N LYS A 926 1.86 13.65 35.98
CA LYS A 926 2.08 12.53 35.07
C LYS A 926 2.36 11.24 35.85
N LYS A 927 2.27 10.12 35.15
CA LYS A 927 2.49 8.83 35.77
C LYS A 927 3.50 8.06 34.95
N LEU A 928 4.33 7.28 35.63
CA LEU A 928 5.33 6.48 34.95
C LEU A 928 5.03 5.01 35.21
N TYR A 929 5.14 4.23 34.15
CA TYR A 929 4.69 2.86 34.13
C TYR A 929 5.77 1.97 34.71
N LEU A 930 5.37 0.96 35.46
CA LEU A 930 6.33 0.01 35.98
C LEU A 930 5.75 -1.39 35.89
N SER A 931 6.48 -2.24 35.19
CA SER A 931 6.25 -3.67 35.15
C SER A 931 7.44 -4.30 35.84
N TYR A 932 7.22 -4.90 37.00
CA TYR A 932 8.31 -5.31 37.86
C TYR A 932 9.16 -6.47 37.31
N PRO A 933 8.62 -7.53 36.67
CA PRO A 933 9.52 -8.55 36.08
C PRO A 933 10.53 -7.97 35.10
N CYS A 934 10.10 -6.99 34.33
CA CYS A 934 10.98 -6.31 33.40
C CYS A 934 12.03 -5.49 34.13
N SER A 935 11.64 -4.75 35.17
CA SER A 935 12.64 -3.93 35.84
C SER A 935 13.61 -4.78 36.64
N MET A 936 13.14 -5.88 37.24
CA MET A 936 14.04 -6.78 37.95
C MET A 936 15.05 -7.41 37.00
N LEU A 937 14.63 -7.68 35.75
CA LEU A 937 15.59 -8.25 34.81
C LEU A 937 16.58 -7.20 34.34
N ASN A 938 16.10 -5.99 34.01
CA ASN A 938 17.02 -4.97 33.51
C ASN A 938 18.01 -4.59 34.60
N TYR A 939 17.55 -4.55 35.86
CA TYR A 939 18.43 -4.28 37.00
C TYR A 939 19.53 -5.32 37.10
N ARG A 940 19.16 -6.61 36.97
CA ARG A 940 20.18 -7.66 37.01
C ARG A 940 21.15 -7.57 35.84
N VAL A 941 20.65 -7.23 34.64
CA VAL A 941 21.54 -7.07 33.48
C VAL A 941 22.55 -5.96 33.76
N HIS A 942 22.10 -4.88 34.40
CA HIS A 942 23.01 -3.79 34.69
C HIS A 942 23.93 -4.14 35.84
N GLN A 943 23.50 -5.05 36.72
CA GLN A 943 24.41 -5.51 37.77
C GLN A 943 25.51 -6.38 37.21
N LYS A 944 25.25 -7.13 36.14
CA LYS A 944 26.21 -8.15 35.76
C LYS A 944 26.97 -7.84 34.48
N PHE A 945 26.43 -7.01 33.59
CA PHE A 945 26.98 -6.79 32.27
C PHE A 945 27.22 -5.32 31.93
N THR A 946 27.28 -4.43 32.91
CA THR A 946 27.57 -3.04 32.57
C THR A 946 29.06 -2.95 32.27
N ASN A 947 29.39 -2.22 31.21
CA ASN A 947 30.79 -1.86 30.94
C ASN A 947 31.09 -0.55 31.66
N HIS A 948 31.82 -0.65 32.76
CA HIS A 948 32.26 0.47 33.58
C HIS A 948 33.50 1.12 33.01
N GLN A 949 34.04 0.61 31.91
CA GLN A 949 35.30 1.05 31.35
C GLN A 949 35.16 1.87 30.07
N TYR A 950 33.96 2.36 29.73
CA TYR A 950 33.82 3.10 28.47
C TYR A 950 34.61 4.40 28.61
N GLN A 951 35.58 4.59 27.73
CA GLN A 951 36.37 5.82 27.67
C GLN A 951 36.13 6.63 26.41
N GLU A 952 36.47 7.91 26.50
CA GLU A 952 36.22 8.91 25.47
C GLU A 952 37.22 10.03 25.66
N LEU A 953 37.78 10.49 24.54
CA LEU A 953 38.76 11.58 24.53
C LEU A 953 38.17 12.85 25.11
N LYS A 954 38.71 13.30 26.24
CA LYS A 954 38.30 14.57 26.81
C LYS A 954 39.13 15.72 26.27
N ASP A 955 40.39 15.45 25.89
CA ASP A 955 41.27 16.46 25.34
C ASP A 955 42.08 15.70 24.29
N PRO A 956 41.74 15.83 23.01
CA PRO A 956 42.37 14.96 22.00
C PRO A 956 43.81 15.31 21.70
N LEU A 957 44.17 16.58 21.89
CA LEU A 957 45.51 17.08 21.60
C LEU A 957 46.54 16.48 22.53
N ASN A 958 46.15 16.25 23.78
CA ASN A 958 46.99 15.75 24.84
C ASN A 958 46.80 14.27 25.15
N TYR A 959 45.87 13.59 24.44
CA TYR A 959 45.56 12.17 24.63
C TYR A 959 45.06 11.90 26.04
N ILE A 960 44.15 12.75 26.51
CA ILE A 960 43.53 12.58 27.80
C ILE A 960 42.18 11.90 27.59
N TYR A 961 42.01 10.76 28.25
CA TYR A 961 40.79 9.97 28.28
C TYR A 961 39.95 10.21 29.52
N GLU A 962 38.63 10.12 29.36
CA GLU A 962 37.72 10.13 30.50
C GLU A 962 37.01 8.78 30.49
N THR A 963 36.75 8.24 31.68
CA THR A 963 36.08 6.96 31.85
C THR A 963 34.67 7.17 32.40
N HIS A 964 33.71 6.35 31.94
CA HIS A 964 32.37 6.32 32.49
C HIS A 964 31.72 4.96 32.18
N SER A 965 30.43 4.87 32.52
CA SER A 965 29.67 3.63 32.53
C SER A 965 28.57 3.70 31.47
N GLU A 966 28.54 2.74 30.56
CA GLU A 966 27.56 2.72 29.50
C GLU A 966 26.79 1.41 29.54
N ASN A 967 25.47 1.48 29.30
CA ASN A 967 24.59 0.31 29.18
C ASN A 967 23.24 0.71 28.59
N THR A 968 22.96 0.30 27.35
CA THR A 968 21.68 0.59 26.70
C THR A 968 20.89 -0.67 26.39
N ILE A 969 21.07 -1.74 27.16
CA ILE A 969 20.36 -3.00 26.98
C ILE A 969 19.18 -3.08 27.93
N PHE A 970 17.97 -3.13 27.38
CA PHE A 970 16.79 -3.13 28.22
C PHE A 970 15.78 -4.15 27.69
N PHE A 971 15.31 -5.02 28.57
CA PHE A 971 14.15 -5.84 28.27
C PHE A 971 12.92 -4.95 28.23
N GLU A 972 12.00 -5.24 27.31
CA GLU A 972 10.65 -4.74 27.39
C GLU A 972 9.63 -5.88 27.31
N VAL A 973 8.41 -5.57 27.75
CA VAL A 973 7.37 -6.55 28.01
C VAL A 973 6.22 -6.30 27.03
N ASP A 974 5.69 -7.39 26.47
CA ASP A 974 4.44 -7.37 25.73
C ASP A 974 3.52 -8.46 26.29
N GLY A 975 2.22 -8.18 26.23
CA GLY A 975 1.22 -9.06 26.79
C GLY A 975 0.38 -8.31 27.80
N PRO A 976 -0.43 -9.03 28.60
CA PRO A 976 -0.55 -10.49 28.70
C PRO A 976 -1.44 -11.13 27.65
N TYR A 977 -1.21 -12.42 27.36
CA TYR A 977 -1.90 -13.03 26.24
C TYR A 977 -2.94 -14.03 26.75
N LYS A 978 -3.86 -14.41 25.86
CA LYS A 978 -4.90 -15.36 26.21
C LYS A 978 -4.45 -16.82 26.16
N ALA A 979 -3.58 -17.18 25.21
CA ALA A 979 -3.15 -18.57 25.06
C ALA A 979 -1.91 -18.71 24.21
N MET A 980 -1.29 -19.87 24.38
CA MET A 980 -0.09 -20.30 23.66
C MET A 980 -0.15 -21.78 23.39
N ILE A 981 0.23 -22.17 22.18
CA ILE A 981 0.18 -23.56 21.75
C ILE A 981 1.55 -23.90 21.20
N LEU A 982 2.16 -24.94 21.77
CA LEU A 982 3.49 -25.31 21.37
C LEU A 982 3.57 -26.76 20.92
N PRO A 983 4.24 -27.03 19.81
CA PRO A 983 4.33 -28.39 19.26
C PRO A 983 5.47 -29.20 19.87
N SER A 984 5.46 -30.50 19.59
CA SER A 984 6.52 -31.41 20.01
C SER A 984 7.09 -32.17 18.81
N SER A 985 8.34 -32.63 18.95
CA SER A 985 8.94 -33.47 17.92
C SER A 985 8.47 -34.92 17.96
N LYS A 986 8.67 -35.59 16.83
CA LYS A 986 8.46 -37.02 16.62
C LYS A 986 9.58 -37.85 17.22
N GLU A 987 10.69 -37.20 17.58
CA GLU A 987 11.94 -37.78 18.06
C GLU A 987 12.03 -37.81 19.57
N GLU A 988 12.73 -38.83 20.10
CA GLU A 988 12.79 -39.01 21.55
C GLU A 988 13.55 -37.88 22.21
N GLY A 989 12.99 -37.35 23.32
CA GLY A 989 13.61 -36.33 24.15
C GLY A 989 13.91 -35.03 23.42
N LYS A 990 13.37 -34.89 22.21
CA LYS A 990 13.57 -33.76 21.34
C LYS A 990 12.34 -32.92 21.11
N GLY A 991 12.57 -31.61 21.06
CA GLY A 991 11.57 -30.64 20.76
C GLY A 991 11.70 -30.25 19.30
N ILE A 992 10.99 -29.19 18.94
CA ILE A 992 11.04 -28.62 17.59
C ILE A 992 11.36 -27.14 17.77
N LYS A 993 12.41 -26.69 17.11
CA LYS A 993 12.78 -25.29 17.14
C LYS A 993 12.06 -24.60 16.00
N LYS A 994 11.94 -23.28 16.14
CA LYS A 994 11.42 -22.39 15.09
C LYS A 994 9.96 -22.69 14.78
N ARG A 995 9.17 -23.18 15.74
CA ARG A 995 7.72 -23.40 15.61
C ARG A 995 6.92 -23.17 16.87
N TYR A 996 5.88 -22.32 16.77
CA TYR A 996 4.95 -22.10 17.89
C TYR A 996 3.77 -21.29 17.38
N ALA A 997 2.71 -21.24 18.20
CA ALA A 997 1.55 -20.42 17.93
C ALA A 997 1.20 -19.64 19.19
N VAL A 998 0.86 -18.37 19.03
CA VAL A 998 0.50 -17.52 20.17
C VAL A 998 -0.75 -16.72 19.82
N PHE A 999 -1.62 -16.52 20.80
CA PHE A 999 -2.89 -15.85 20.59
C PHE A 999 -3.06 -14.68 21.53
N ASN A 1000 -3.63 -13.61 20.99
CA ASN A 1000 -3.90 -12.36 21.68
C ASN A 1000 -5.13 -12.52 22.54
N GLU A 1001 -5.35 -11.56 23.44
CA GLU A 1001 -6.50 -11.61 24.35
C GLU A 1001 -7.82 -11.72 23.60
N ASP A 1002 -7.96 -10.95 22.51
CA ASP A 1002 -9.18 -10.98 21.72
C ASP A 1002 -9.36 -12.28 20.94
N GLY A 1003 -8.43 -13.22 21.01
CA GLY A 1003 -8.56 -14.48 20.31
C GLY A 1003 -7.87 -14.52 18.97
N SER A 1004 -7.34 -13.38 18.50
CA SER A 1004 -6.66 -13.36 17.22
C SER A 1004 -5.22 -13.85 17.32
N LEU A 1005 -4.70 -14.25 16.17
CA LEU A 1005 -3.37 -14.85 16.04
C LEU A 1005 -2.28 -13.79 16.00
N ALA A 1006 -1.33 -13.89 16.93
CA ALA A 1006 -0.25 -12.92 17.04
C ALA A 1006 1.01 -13.38 16.31
N GLU A 1007 1.37 -14.66 16.43
CA GLU A 1007 2.52 -15.22 15.73
C GLU A 1007 2.28 -16.71 15.48
N LEU A 1008 2.65 -17.14 14.27
CA LEU A 1008 2.75 -18.55 13.87
C LEU A 1008 4.11 -18.79 13.21
N LYS A 1009 4.93 -19.62 13.82
CA LYS A 1009 6.27 -19.91 13.32
C LYS A 1009 6.37 -21.40 12.98
N GLY A 1010 6.97 -21.70 11.82
CA GLY A 1010 7.40 -23.05 11.50
C GLY A 1010 6.44 -24.06 10.92
N PHE A 1011 5.15 -23.94 11.27
CA PHE A 1011 4.08 -24.87 10.91
C PHE A 1011 4.01 -25.07 9.40
N GLU A 1012 3.27 -26.14 9.01
CA GLU A 1012 3.13 -26.59 7.62
C GLU A 1012 2.73 -25.48 6.66
N LEU A 1013 1.96 -24.48 7.13
CA LEU A 1013 1.59 -23.32 6.31
C LEU A 1013 2.83 -22.70 5.68
N LYS A 1014 3.93 -22.66 6.44
CA LYS A 1014 5.20 -22.04 6.04
C LYS A 1014 6.07 -23.00 5.25
N ARG A 1015 5.92 -24.30 5.50
CA ARG A 1015 6.79 -25.33 4.94
C ARG A 1015 6.40 -25.56 3.49
N ARG A 1016 7.40 -25.85 2.65
CA ARG A 1016 7.12 -26.26 1.28
C ARG A 1016 6.36 -27.59 1.24
N GLY A 1017 5.40 -27.68 0.33
CA GLY A 1017 4.61 -28.88 0.18
C GLY A 1017 3.45 -29.22 1.09
N GLU A 1018 2.34 -28.48 1.07
CA GLU A 1018 1.29 -28.94 1.97
C GLU A 1018 -0.11 -28.81 1.39
N LEU A 1019 -0.92 -29.74 1.85
CA LEU A 1019 -2.32 -29.96 1.54
C LEU A 1019 -3.22 -28.82 2.04
N GLN A 1020 -3.97 -28.17 1.14
CA GLN A 1020 -4.73 -26.97 1.53
C GLN A 1020 -5.73 -27.35 2.61
N LEU A 1021 -6.29 -28.56 2.51
CA LEU A 1021 -7.16 -29.13 3.54
C LEU A 1021 -6.49 -29.09 4.90
N ILE A 1022 -5.19 -29.37 4.96
CA ILE A 1022 -4.45 -29.37 6.22
C ILE A 1022 -4.35 -27.94 6.75
N LYS A 1023 -4.19 -26.97 5.85
CA LYS A 1023 -4.17 -25.56 6.25
C LYS A 1023 -5.52 -25.15 6.81
N ASN A 1024 -6.59 -25.63 6.15
CA ASN A 1024 -7.94 -25.34 6.62
C ASN A 1024 -8.21 -26.00 7.95
N PHE A 1025 -7.75 -27.25 8.11
CA PHE A 1025 -7.72 -27.94 9.38
C PHE A 1025 -7.05 -27.16 10.51
N GLN A 1026 -5.76 -26.80 10.33
CA GLN A 1026 -5.03 -26.13 11.40
C GLN A 1026 -5.66 -24.79 11.76
N SER A 1027 -6.13 -24.05 10.76
CA SER A 1027 -6.81 -22.78 10.97
C SER A 1027 -8.12 -22.96 11.72
N ASP A 1028 -8.79 -24.10 11.50
CA ASP A 1028 -9.90 -24.44 12.37
C ASP A 1028 -9.44 -24.81 13.79
N ILE A 1029 -8.39 -25.63 13.93
CA ILE A 1029 -8.25 -26.29 15.23
C ILE A 1029 -7.65 -25.33 16.25
N PHE A 1030 -6.78 -24.38 15.83
CA PHE A 1030 -5.98 -23.66 16.82
C PHE A 1030 -6.90 -22.87 17.76
N LYS A 1031 -7.89 -22.20 17.17
CA LYS A 1031 -8.79 -21.36 17.95
C LYS A 1031 -9.71 -22.16 18.87
N VAL A 1032 -9.97 -23.45 18.57
CA VAL A 1032 -10.90 -24.20 19.41
C VAL A 1032 -10.33 -24.57 20.77
N PHE A 1033 -9.03 -24.41 20.98
CA PHE A 1033 -8.51 -24.63 22.32
C PHE A 1033 -8.82 -23.49 23.29
N LEU A 1034 -9.42 -22.39 22.84
CA LEU A 1034 -9.79 -21.36 23.80
C LEU A 1034 -11.19 -21.57 24.34
N GLU A 1035 -11.93 -22.53 23.82
CA GLU A 1035 -13.25 -22.82 24.35
C GLU A 1035 -13.15 -23.82 25.49
N GLY A 1036 -14.19 -23.83 26.31
CA GLY A 1036 -14.25 -24.67 27.49
C GLY A 1036 -13.67 -23.96 28.70
N ASP A 1037 -14.04 -24.45 29.88
CA ASP A 1037 -13.50 -23.92 31.13
C ASP A 1037 -12.48 -24.82 31.80
N THR A 1038 -12.32 -26.07 31.38
CA THR A 1038 -11.36 -26.96 32.03
C THR A 1038 -10.43 -27.61 31.02
N LEU A 1039 -9.37 -28.21 31.56
CA LEU A 1039 -8.44 -28.99 30.74
C LEU A 1039 -9.18 -30.14 30.08
N GLU A 1040 -10.02 -30.82 30.86
CA GLU A 1040 -10.76 -31.94 30.31
C GLU A 1040 -11.77 -31.44 29.28
N GLY A 1041 -12.48 -30.35 29.57
CA GLY A 1041 -13.40 -29.80 28.58
C GLY A 1041 -12.74 -29.34 27.29
N CYS A 1042 -11.50 -28.83 27.36
CA CYS A 1042 -10.85 -28.37 26.12
C CYS A 1042 -10.36 -29.57 25.33
N TYR A 1043 -9.75 -30.55 26.02
CA TYR A 1043 -9.36 -31.78 25.37
C TYR A 1043 -10.57 -32.57 24.87
N SER A 1044 -11.74 -32.42 25.50
CA SER A 1044 -12.94 -33.09 25.00
C SER A 1044 -13.37 -32.42 23.72
N ALA A 1045 -13.28 -31.08 23.68
CA ALA A 1045 -13.65 -30.35 22.49
C ALA A 1045 -12.75 -30.70 21.31
N VAL A 1046 -11.45 -30.89 21.58
CA VAL A 1046 -10.60 -31.26 20.46
C VAL A 1046 -10.82 -32.74 20.13
N ALA A 1047 -11.14 -33.59 21.13
CA ALA A 1047 -11.58 -34.95 20.83
C ALA A 1047 -12.77 -34.96 19.87
N SER A 1048 -13.74 -34.08 20.12
CA SER A 1048 -14.94 -34.03 19.28
C SER A 1048 -14.59 -33.61 17.86
N VAL A 1049 -13.69 -32.63 17.70
CA VAL A 1049 -13.26 -32.26 16.35
C VAL A 1049 -12.46 -33.39 15.71
N CYS A 1050 -11.64 -34.09 16.51
CA CYS A 1050 -10.96 -35.29 16.03
C CYS A 1050 -11.95 -36.32 15.54
N ASN A 1051 -13.08 -36.46 16.23
CA ASN A 1051 -14.05 -37.48 15.85
C ASN A 1051 -14.81 -37.05 14.60
N ARG A 1052 -15.01 -35.73 14.46
CA ARG A 1052 -15.52 -35.13 13.23
C ARG A 1052 -14.63 -35.47 12.04
N TRP A 1053 -13.33 -35.31 12.23
CA TRP A 1053 -12.38 -35.57 11.17
C TRP A 1053 -12.28 -37.07 10.93
N LEU A 1054 -12.38 -37.88 12.00
CA LEU A 1054 -12.39 -39.32 11.81
C LEU A 1054 -13.61 -39.76 11.03
N ASP A 1055 -14.76 -39.09 11.21
CA ASP A 1055 -15.90 -39.48 10.40
C ASP A 1055 -15.69 -39.18 8.92
N VAL A 1056 -15.16 -37.97 8.62
CA VAL A 1056 -14.83 -37.66 7.22
C VAL A 1056 -13.76 -38.59 6.60
N LEU A 1057 -12.69 -38.91 7.35
CA LEU A 1057 -11.62 -39.76 6.82
C LEU A 1057 -11.88 -41.27 6.85
N ASP A 1058 -12.54 -41.78 7.90
CA ASP A 1058 -12.92 -43.19 7.97
C ASP A 1058 -13.89 -43.59 6.87
N SER A 1059 -14.75 -42.68 6.45
CA SER A 1059 -15.67 -43.01 5.37
C SER A 1059 -15.05 -42.91 3.98
N HIS A 1060 -13.71 -42.77 3.88
CA HIS A 1060 -12.98 -42.70 2.60
C HIS A 1060 -13.52 -41.63 1.65
N GLY A 1061 -14.05 -40.54 2.22
CA GLY A 1061 -14.53 -39.41 1.45
C GLY A 1061 -15.93 -39.53 0.89
N LEU A 1062 -16.64 -40.64 1.18
CA LEU A 1062 -17.96 -40.89 0.58
C LEU A 1062 -18.96 -39.78 0.89
N MET A 1063 -18.87 -39.15 2.05
CA MET A 1063 -19.77 -38.07 2.46
C MET A 1063 -19.43 -36.72 1.87
N LEU A 1064 -19.09 -36.63 0.58
CA LEU A 1064 -18.44 -35.46 0.02
C LEU A 1064 -18.71 -35.42 -1.47
N GLU A 1065 -19.06 -34.24 -1.98
CA GLU A 1065 -19.35 -34.08 -3.40
C GLU A 1065 -18.09 -34.27 -4.25
N ASP A 1066 -18.31 -34.77 -5.47
CA ASP A 1066 -17.19 -35.16 -6.32
C ASP A 1066 -16.39 -33.96 -6.83
N GLU A 1067 -17.06 -32.83 -7.07
CA GLU A 1067 -16.37 -31.64 -7.55
C GLU A 1067 -15.47 -30.96 -6.50
N ASP A 1068 -15.97 -30.72 -5.29
CA ASP A 1068 -15.15 -30.12 -4.23
C ASP A 1068 -13.88 -30.90 -3.87
N LEU A 1069 -13.87 -32.21 -4.06
CA LEU A 1069 -12.69 -32.99 -3.66
C LEU A 1069 -11.52 -32.78 -4.63
N VAL A 1070 -11.76 -32.95 -5.94
CA VAL A 1070 -10.70 -32.90 -6.97
C VAL A 1070 -9.93 -31.57 -6.95
N SER A 1071 -10.62 -30.43 -6.85
CA SER A 1071 -9.99 -29.13 -6.66
C SER A 1071 -8.98 -29.13 -5.50
N LEU A 1072 -9.42 -29.61 -4.34
CA LEU A 1072 -8.68 -29.70 -3.08
C LEU A 1072 -7.46 -30.63 -3.04
N ILE A 1073 -7.10 -31.27 -4.15
CA ILE A 1073 -6.06 -32.28 -4.12
C ILE A 1073 -4.65 -31.73 -4.29
N CYS A 1074 -4.50 -30.47 -4.65
CA CYS A 1074 -3.18 -29.90 -4.90
C CYS A 1074 -2.28 -29.84 -3.67
N GLU A 1075 -1.04 -30.24 -3.89
CA GLU A 1075 0.12 -30.05 -3.02
C GLU A 1075 1.10 -29.22 -3.83
N ASN A 1076 1.72 -28.20 -3.26
CA ASN A 1076 2.56 -27.30 -4.04
C ASN A 1076 4.02 -27.33 -3.60
N ARG A 1077 4.92 -27.52 -4.57
CA ARG A 1077 6.36 -27.57 -4.28
C ARG A 1077 7.20 -26.80 -5.27
N SER A 1078 8.05 -25.93 -4.71
CA SER A 1078 9.04 -25.20 -5.47
C SER A 1078 10.23 -26.14 -5.68
N MET A 1079 10.78 -26.16 -6.89
CA MET A 1079 12.08 -26.80 -7.06
C MET A 1079 13.12 -25.72 -6.88
N SER A 1080 14.01 -25.89 -5.89
CA SER A 1080 14.97 -24.82 -5.65
C SER A 1080 16.05 -24.80 -6.72
N LYS A 1081 16.35 -25.95 -7.32
CA LYS A 1081 17.26 -26.01 -8.46
C LYS A 1081 16.48 -26.45 -9.70
N THR A 1082 17.22 -26.83 -10.73
CA THR A 1082 16.67 -27.38 -11.95
C THR A 1082 16.70 -28.92 -11.90
N LEU A 1083 15.83 -29.55 -12.71
CA LEU A 1083 15.73 -31.01 -12.78
C LEU A 1083 17.05 -31.65 -13.15
N LYS A 1084 17.81 -30.96 -14.00
CA LYS A 1084 19.10 -31.38 -14.52
C LYS A 1084 20.13 -31.66 -13.43
N SER A 1091 14.53 -36.25 -5.66
CA SER A 1091 13.40 -35.90 -4.81
C SER A 1091 12.08 -36.25 -5.49
N THR A 1092 10.99 -36.21 -4.71
CA THR A 1092 9.68 -36.59 -5.20
C THR A 1092 9.21 -35.63 -6.29
N SER A 1093 9.63 -34.36 -6.18
CA SER A 1093 9.34 -33.33 -7.16
C SER A 1093 10.09 -33.65 -8.46
N ILE A 1094 11.36 -34.04 -8.32
CA ILE A 1094 12.29 -34.33 -9.43
C ILE A 1094 11.70 -35.35 -10.38
N THR A 1095 11.22 -36.49 -9.85
CA THR A 1095 10.68 -37.53 -10.72
C THR A 1095 9.47 -36.99 -11.48
N THR A 1096 8.58 -36.26 -10.77
CA THR A 1096 7.45 -35.59 -11.40
C THR A 1096 7.95 -34.67 -12.48
N ALA A 1097 9.02 -33.94 -12.17
CA ALA A 1097 9.64 -33.00 -13.09
C ALA A 1097 10.13 -33.78 -14.30
N ARG A 1098 10.88 -34.87 -14.02
CA ARG A 1098 11.33 -35.79 -15.05
C ARG A 1098 10.15 -36.25 -15.91
N ARG A 1099 9.04 -36.61 -15.25
CA ARG A 1099 7.87 -37.08 -16.00
C ARG A 1099 7.24 -35.91 -16.75
N LEU A 1100 7.30 -34.72 -16.13
CA LEU A 1100 6.90 -33.48 -16.82
C LEU A 1100 7.83 -33.26 -17.99
N GLY A 1101 9.14 -33.52 -17.78
CA GLY A 1101 10.12 -33.53 -18.85
C GLY A 1101 9.62 -34.41 -19.96
N ASP A 1102 9.22 -35.64 -19.62
CA ASP A 1102 8.75 -36.59 -20.62
C ASP A 1102 7.50 -36.04 -21.29
N PHE A 1103 6.62 -35.38 -20.50
CA PHE A 1103 5.32 -35.00 -21.02
C PHE A 1103 5.33 -33.69 -21.82
N LEU A 1104 5.99 -32.63 -21.35
CA LEU A 1104 5.88 -31.33 -22.02
C LEU A 1104 7.17 -30.86 -22.68
N GLY A 1105 8.22 -31.62 -22.57
CA GLY A 1105 9.58 -31.57 -23.09
C GLY A 1105 10.49 -31.11 -21.96
N GLU A 1106 11.73 -31.64 -21.97
CA GLU A 1106 12.73 -31.23 -20.98
C GLU A 1106 13.04 -29.74 -20.93
N ASP A 1107 12.79 -28.99 -22.03
CA ASP A 1107 13.00 -27.55 -21.99
C ASP A 1107 12.07 -26.89 -20.98
N MET A 1108 10.85 -27.44 -20.85
CA MET A 1108 9.85 -27.00 -19.88
C MET A 1108 10.43 -27.02 -18.47
N VAL A 1109 11.33 -27.96 -18.21
CA VAL A 1109 11.86 -28.15 -16.88
C VAL A 1109 13.34 -27.76 -16.88
N LYS A 1110 13.75 -26.95 -17.87
CA LYS A 1110 15.14 -26.53 -17.91
C LYS A 1110 15.30 -25.38 -16.93
N ASP A 1111 14.20 -24.71 -16.64
CA ASP A 1111 14.07 -23.62 -15.69
C ASP A 1111 13.41 -24.23 -14.47
N LYS A 1112 13.55 -23.59 -13.32
CA LYS A 1112 12.88 -24.22 -12.20
C LYS A 1112 11.42 -23.74 -12.16
N GLY A 1113 10.62 -24.39 -11.32
CA GLY A 1113 9.22 -24.00 -11.16
C GLY A 1113 8.14 -24.27 -12.20
N LEU A 1114 7.77 -25.52 -12.47
CA LEU A 1114 6.72 -25.81 -13.43
C LEU A 1114 5.46 -26.08 -12.57
N GLN A 1115 4.37 -26.59 -13.13
CA GLN A 1115 3.24 -26.93 -12.27
C GLN A 1115 3.42 -28.25 -11.54
N CYS A 1116 3.77 -28.15 -10.27
CA CYS A 1116 4.06 -29.28 -9.39
C CYS A 1116 2.81 -29.65 -8.59
N LYS A 1117 1.69 -29.95 -9.25
CA LYS A 1117 0.46 -30.27 -8.53
C LYS A 1117 0.21 -31.76 -8.41
N TYR A 1118 0.14 -32.26 -7.18
CA TYR A 1118 0.03 -33.70 -7.01
C TYR A 1118 -0.79 -34.10 -5.78
N ILE A 1119 -1.17 -35.38 -5.78
CA ILE A 1119 -1.90 -36.09 -4.72
C ILE A 1119 -1.13 -37.39 -4.53
N ILE A 1120 -1.15 -37.96 -3.32
CA ILE A 1120 -0.56 -39.28 -3.17
C ILE A 1120 -1.69 -40.30 -3.36
N SER A 1121 -1.55 -41.17 -4.33
CA SER A 1121 -2.57 -42.17 -4.62
C SER A 1121 -2.24 -43.45 -3.88
N SER A 1122 -3.27 -44.21 -3.50
CA SER A 1122 -3.00 -45.53 -2.92
C SER A 1122 -2.32 -46.43 -3.93
N LYS A 1123 -2.78 -46.37 -5.17
CA LYS A 1123 -2.27 -47.26 -6.17
C LYS A 1123 -1.35 -46.49 -7.12
N PRO A 1124 -0.32 -47.14 -7.71
CA PRO A 1124 0.14 -48.52 -7.61
C PRO A 1124 0.78 -48.83 -6.24
N PHE A 1125 0.47 -50.00 -5.68
CA PHE A 1125 1.12 -50.47 -4.48
C PHE A 1125 2.62 -50.68 -4.72
N ASN A 1126 3.42 -50.35 -3.69
CA ASN A 1126 4.88 -50.52 -3.60
C ASN A 1126 5.68 -49.52 -4.42
N ALA A 1127 5.08 -48.43 -4.93
CA ALA A 1127 5.88 -47.43 -5.61
C ALA A 1127 6.91 -46.78 -4.67
N PRO A 1128 8.09 -46.41 -5.20
CA PRO A 1128 9.10 -45.75 -4.37
C PRO A 1128 8.73 -44.35 -3.94
N VAL A 1129 9.40 -43.92 -2.87
CA VAL A 1129 9.16 -42.62 -2.24
C VAL A 1129 9.33 -41.50 -3.28
N THR A 1130 10.34 -41.65 -4.14
CA THR A 1130 10.60 -40.56 -5.08
C THR A 1130 9.53 -40.51 -6.16
N GLU A 1131 8.76 -41.58 -6.30
CA GLU A 1131 7.62 -41.66 -7.20
C GLU A 1131 6.34 -41.12 -6.57
N ARG A 1132 6.36 -40.76 -5.26
CA ARG A 1132 5.13 -40.34 -4.58
C ARG A 1132 4.45 -39.15 -5.24
N ALA A 1133 5.19 -38.12 -5.68
CA ALA A 1133 4.47 -37.15 -6.47
C ALA A 1133 4.36 -37.66 -7.91
N ILE A 1134 3.12 -37.92 -8.29
CA ILE A 1134 2.67 -38.33 -9.61
C ILE A 1134 1.92 -37.14 -10.20
N PRO A 1135 2.20 -36.72 -11.43
CA PRO A 1135 1.40 -35.61 -11.99
C PRO A 1135 -0.04 -36.11 -12.10
N VAL A 1136 -0.95 -35.35 -11.49
CA VAL A 1136 -2.35 -35.73 -11.41
C VAL A 1136 -3.32 -34.73 -12.01
N ALA A 1137 -2.97 -33.43 -12.11
CA ALA A 1137 -3.87 -32.46 -12.74
C ALA A 1137 -4.31 -32.93 -14.12
N ILE A 1138 -3.41 -33.62 -14.85
CA ILE A 1138 -3.70 -34.19 -16.17
C ILE A 1138 -4.89 -35.16 -16.09
N PHE A 1139 -5.03 -35.84 -14.94
CA PHE A 1139 -6.08 -36.83 -14.68
C PHE A 1139 -7.42 -36.12 -14.51
N ASP A 1163 -13.05 -44.43 -9.85
CA ASP A 1163 -13.40 -44.23 -8.45
C ASP A 1163 -12.20 -43.69 -7.69
N ILE A 1164 -11.92 -42.40 -7.91
CA ILE A 1164 -10.96 -41.57 -7.16
C ILE A 1164 -10.92 -41.85 -5.66
N ARG A 1165 -12.10 -42.12 -5.05
CA ARG A 1165 -12.22 -42.33 -3.61
C ARG A 1165 -11.50 -43.59 -3.17
N THR A 1166 -11.28 -44.51 -4.10
CA THR A 1166 -10.54 -45.75 -3.90
C THR A 1166 -9.10 -45.60 -4.36
N ILE A 1167 -8.82 -44.56 -5.13
CA ILE A 1167 -7.46 -44.26 -5.55
C ILE A 1167 -6.71 -43.61 -4.40
N ILE A 1168 -7.38 -42.76 -3.63
CA ILE A 1168 -6.74 -41.95 -2.61
C ILE A 1168 -6.20 -42.87 -1.51
N ASP A 1169 -5.00 -42.61 -0.98
CA ASP A 1169 -4.53 -43.41 0.16
C ASP A 1169 -4.95 -42.68 1.44
N TRP A 1170 -6.17 -42.98 1.92
CA TRP A 1170 -6.69 -42.24 3.08
C TRP A 1170 -5.89 -42.51 4.35
N GLY A 1171 -5.36 -43.72 4.48
CA GLY A 1171 -4.55 -44.03 5.64
C GLY A 1171 -3.28 -43.24 5.67
N TYR A 1172 -2.67 -43.04 4.47
CA TYR A 1172 -1.49 -42.19 4.36
C TYR A 1172 -1.81 -40.79 4.81
N TYR A 1173 -2.96 -40.27 4.35
CA TYR A 1173 -3.31 -38.91 4.71
C TYR A 1173 -3.72 -38.82 6.15
N ARG A 1174 -4.30 -39.91 6.69
CA ARG A 1174 -4.62 -39.87 8.11
C ARG A 1174 -3.32 -39.90 8.89
N GLU A 1175 -2.34 -40.65 8.36
CA GLU A 1175 -0.99 -40.63 8.93
C GLU A 1175 -0.36 -39.27 8.76
N ARG A 1176 -0.55 -38.64 7.59
CA ARG A 1176 -0.10 -37.26 7.41
C ARG A 1176 -0.78 -36.36 8.42
N LEU A 1177 -2.10 -36.52 8.54
CA LEU A 1177 -2.82 -35.74 9.53
C LEU A 1177 -2.39 -36.17 10.92
N GLY A 1178 -2.16 -37.47 11.09
CA GLY A 1178 -1.64 -37.99 12.35
C GLY A 1178 -0.34 -37.35 12.72
N SER A 1179 0.59 -37.29 11.74
CA SER A 1179 1.86 -36.59 11.94
C SER A 1179 1.60 -35.18 12.44
N ALA A 1180 0.73 -34.46 11.73
CA ALA A 1180 0.41 -33.08 12.11
C ALA A 1180 -0.25 -33.07 13.48
N ILE A 1181 -1.10 -34.08 13.73
CA ILE A 1181 -1.83 -34.13 14.99
C ILE A 1181 -0.87 -34.47 16.10
N GLN A 1182 0.11 -35.34 15.79
CA GLN A 1182 1.18 -35.68 16.74
C GLN A 1182 1.89 -34.40 17.13
N LYS A 1183 2.29 -33.62 16.12
CA LYS A 1183 2.99 -32.38 16.43
C LYS A 1183 2.04 -31.41 17.14
N ILE A 1184 0.76 -31.37 16.75
CA ILE A 1184 -0.10 -30.32 17.30
C ILE A 1184 -0.99 -30.71 18.48
N ILE A 1185 -1.49 -31.95 18.51
CA ILE A 1185 -2.45 -32.28 19.56
C ILE A 1185 -2.01 -33.36 20.54
N THR A 1186 -1.65 -34.54 20.04
CA THR A 1186 -1.57 -35.70 20.92
C THR A 1186 -0.29 -35.73 21.74
N ILE A 1187 0.85 -35.44 21.14
CA ILE A 1187 2.09 -35.55 21.90
C ILE A 1187 2.14 -34.42 22.95
N PRO A 1188 1.76 -33.16 22.66
CA PRO A 1188 1.72 -32.22 23.81
C PRO A 1188 0.74 -32.63 24.89
N ALA A 1189 -0.43 -33.15 24.50
CA ALA A 1189 -1.39 -33.74 25.45
C ALA A 1189 -0.73 -34.76 26.34
N ALA A 1190 0.07 -35.64 25.75
CA ALA A 1190 0.81 -36.65 26.50
C ALA A 1190 1.75 -35.96 27.47
N LEU A 1191 2.43 -34.90 27.01
CA LEU A 1191 3.33 -34.19 27.89
C LEU A 1191 2.55 -33.40 28.93
N GLN A 1192 1.27 -33.15 28.67
CA GLN A 1192 0.37 -32.59 29.67
C GLN A 1192 -0.45 -33.68 30.35
N GLY A 1193 -0.04 -34.94 30.18
CA GLY A 1193 -0.63 -36.05 30.91
C GLY A 1193 -2.03 -36.40 30.46
N VAL A 1194 -2.36 -36.18 29.20
CA VAL A 1194 -3.66 -36.54 28.64
C VAL A 1194 -3.49 -37.72 27.70
N SER A 1195 -4.37 -38.72 27.83
CA SER A 1195 -4.21 -39.94 27.06
C SER A 1195 -4.81 -39.78 25.67
N ASN A 1196 -4.11 -40.33 24.68
CA ASN A 1196 -4.21 -40.26 23.22
C ASN A 1196 -5.62 -40.03 22.67
N PRO A 1197 -5.95 -38.79 22.29
CA PRO A 1197 -7.29 -38.52 21.74
C PRO A 1197 -7.48 -38.97 20.31
N VAL A 1198 -6.41 -39.42 19.63
CA VAL A 1198 -6.41 -39.90 18.25
C VAL A 1198 -5.78 -41.28 18.31
N PRO A 1199 -6.55 -42.29 18.72
CA PRO A 1199 -6.00 -43.65 18.93
C PRO A 1199 -5.31 -44.26 17.72
N ARG A 1200 -5.70 -43.91 16.49
CA ARG A 1200 -4.99 -44.49 15.35
C ARG A 1200 -3.52 -44.07 15.26
N VAL A 1201 -3.06 -43.05 16.00
CA VAL A 1201 -1.63 -42.79 16.13
C VAL A 1201 -1.26 -43.05 17.60
N GLU A 1202 -0.56 -44.15 17.84
CA GLU A 1202 -0.33 -44.57 19.21
C GLU A 1202 0.85 -43.84 19.86
N HIS A 1203 0.69 -43.52 21.14
CA HIS A 1203 1.70 -42.91 22.02
C HIS A 1203 2.84 -43.91 22.23
N PRO A 1204 4.03 -43.71 21.68
CA PRO A 1204 5.15 -44.56 22.08
C PRO A 1204 5.63 -44.35 23.52
N ASP A 1205 6.37 -45.37 23.98
CA ASP A 1205 6.74 -45.51 25.40
C ASP A 1205 7.60 -44.35 25.84
N TRP A 1206 8.55 -43.98 24.96
CA TRP A 1206 9.51 -42.91 25.20
C TRP A 1206 8.85 -41.61 25.63
N LEU A 1207 7.66 -41.30 25.08
CA LEU A 1207 7.11 -39.98 25.40
C LEU A 1207 6.54 -40.01 26.81
N LYS A 1208 6.04 -41.17 27.24
CA LYS A 1208 5.67 -41.33 28.64
C LYS A 1208 6.91 -41.14 29.52
N ARG A 1209 7.99 -41.86 29.17
CA ARG A 1209 9.28 -41.81 29.86
C ARG A 1209 9.81 -40.39 30.02
N LYS A 1210 9.82 -39.61 28.92
CA LYS A 1210 10.19 -38.19 28.93
C LYS A 1210 9.65 -37.43 30.15
N ILE A 1211 8.35 -37.59 30.45
CA ILE A 1211 7.77 -36.77 31.51
C ILE A 1211 7.98 -37.56 32.79
N ALA A 1212 7.69 -36.96 33.94
CA ALA A 1212 7.73 -37.69 35.18
C ALA A 1212 6.60 -38.72 35.28
N THR A 1213 6.86 -39.91 34.76
CA THR A 1213 5.92 -41.04 34.77
C THR A 1213 6.74 -42.32 34.75
N PRO B 2 -35.57 10.37 -21.52
CA PRO B 2 -36.73 9.87 -20.76
C PRO B 2 -36.58 10.12 -19.26
N SER B 3 -37.66 9.95 -18.50
CA SER B 3 -37.63 10.20 -17.07
C SER B 3 -38.81 9.52 -16.37
N VAL B 4 -38.61 9.12 -15.12
CA VAL B 4 -39.66 8.44 -14.35
C VAL B 4 -39.42 8.59 -12.84
N ASP B 5 -40.52 8.82 -12.10
CA ASP B 5 -40.50 8.96 -10.64
C ASP B 5 -40.36 7.64 -9.90
N ILE B 6 -39.76 7.70 -8.72
CA ILE B 6 -39.75 6.59 -7.78
C ILE B 6 -41.00 6.70 -6.91
N ASP B 7 -41.85 5.70 -6.89
CA ASP B 7 -43.01 5.80 -6.01
C ASP B 7 -42.59 5.21 -4.67
N ALA B 8 -42.57 6.03 -3.62
CA ALA B 8 -42.20 5.54 -2.30
C ALA B 8 -43.25 5.86 -1.26
N SER B 9 -44.46 6.20 -1.68
CA SER B 9 -45.53 6.58 -0.75
C SER B 9 -46.00 5.41 0.12
N GLN B 10 -46.24 4.26 -0.49
CA GLN B 10 -46.73 3.10 0.26
C GLN B 10 -45.74 2.62 1.32
N TRP B 11 -44.45 2.49 0.94
CA TRP B 11 -43.45 2.06 1.91
C TRP B 11 -43.31 3.08 3.02
N GLN B 12 -43.40 4.38 2.67
CA GLN B 12 -43.27 5.44 3.66
C GLN B 12 -44.42 5.43 4.65
N LYS B 13 -45.66 5.32 4.14
CA LYS B 13 -46.84 5.28 4.99
C LYS B 13 -46.78 4.06 5.90
N LEU B 14 -46.38 2.91 5.35
CA LEU B 14 -46.27 1.70 6.17
C LEU B 14 -45.17 1.86 7.21
N THR B 15 -44.06 2.53 6.86
CA THR B 15 -42.97 2.75 7.80
C THR B 15 -43.39 3.65 8.96
N GLN B 16 -44.05 4.78 8.68
CA GLN B 16 -44.47 5.68 9.75
C GLN B 16 -45.53 5.04 10.66
N SER B 17 -46.41 4.22 10.10
CA SER B 17 -47.49 3.64 10.90
C SER B 17 -47.09 2.38 11.64
N ARG B 18 -45.91 1.83 11.37
CA ARG B 18 -45.45 0.62 12.04
C ARG B 18 -44.20 0.93 12.83
N GLU B 19 -43.93 0.08 13.82
CA GLU B 19 -42.86 0.33 14.78
C GLU B 19 -41.48 0.21 14.09
N LYS B 20 -40.46 0.60 14.85
CA LYS B 20 -39.08 0.51 14.37
C LYS B 20 -38.67 -0.95 14.18
N GLN B 21 -37.70 -1.16 13.27
CA GLN B 21 -37.25 -2.52 12.97
C GLN B 21 -36.55 -3.06 14.20
N THR B 22 -37.01 -4.21 14.68
CA THR B 22 -36.48 -4.82 15.88
C THR B 22 -35.47 -5.94 15.61
N THR B 23 -35.84 -6.95 14.85
CA THR B 23 -34.90 -8.01 14.58
C THR B 23 -34.27 -7.83 13.20
N VAL B 24 -33.68 -8.91 12.68
CA VAL B 24 -33.03 -8.87 11.38
C VAL B 24 -34.06 -8.81 10.26
N ILE B 25 -35.26 -9.33 10.49
CA ILE B 25 -36.35 -9.28 9.52
C ILE B 25 -37.26 -8.09 9.81
N THR B 26 -37.51 -7.29 8.77
CA THR B 26 -38.42 -6.15 8.84
C THR B 26 -39.85 -6.65 9.08
N PRO B 27 -40.74 -5.77 9.58
CA PRO B 27 -42.16 -6.18 9.72
C PRO B 27 -42.85 -6.62 8.44
N LEU B 28 -42.33 -6.26 7.27
CA LEU B 28 -42.93 -6.70 6.02
C LEU B 28 -42.37 -8.04 5.56
N GLY B 29 -41.41 -8.59 6.30
CA GLY B 29 -40.91 -9.93 6.04
C GLY B 29 -39.85 -10.07 4.98
N MET B 30 -38.71 -9.41 5.14
CA MET B 30 -37.70 -9.39 4.10
C MET B 30 -36.35 -9.82 4.66
N MET B 31 -35.55 -10.46 3.80
CA MET B 31 -34.18 -10.80 4.15
C MET B 31 -33.34 -10.88 2.89
N MET B 32 -32.10 -10.41 2.99
CA MET B 32 -31.10 -10.62 1.96
C MET B 32 -30.14 -11.71 2.40
N LEU B 33 -29.18 -12.02 1.53
CA LEU B 33 -28.25 -13.13 1.73
C LEU B 33 -27.11 -13.01 0.73
N GLU B 34 -25.87 -13.15 1.18
CA GLU B 34 -24.69 -13.05 0.32
C GLU B 34 -23.82 -14.27 0.56
N ILE B 35 -23.40 -14.91 -0.53
CA ILE B 35 -22.59 -16.12 -0.48
C ILE B 35 -21.35 -15.92 -1.35
N GLN B 36 -20.17 -16.18 -0.79
CA GLN B 36 -18.93 -16.11 -1.54
C GLN B 36 -18.80 -17.36 -2.42
N GLY B 37 -19.54 -17.37 -3.51
CA GLY B 37 -19.52 -18.50 -4.41
C GLY B 37 -20.74 -18.51 -5.32
N GLU B 38 -20.85 -19.60 -6.06
CA GLU B 38 -21.96 -19.81 -6.99
C GLU B 38 -22.82 -20.94 -6.46
N LEU B 39 -24.11 -20.67 -6.32
CA LEU B 39 -25.05 -21.69 -5.86
C LEU B 39 -25.43 -22.60 -7.02
N GLU B 40 -24.90 -23.82 -7.03
CA GLU B 40 -25.12 -24.74 -8.13
C GLU B 40 -26.46 -25.44 -7.92
N LEU B 41 -27.45 -25.03 -8.71
CA LEU B 41 -28.80 -25.54 -8.75
C LEU B 41 -29.12 -26.23 -10.09
N PRO B 42 -30.08 -27.16 -10.08
CA PRO B 42 -30.52 -27.84 -11.31
C PRO B 42 -31.03 -26.84 -12.35
N LYS B 43 -30.85 -27.20 -13.61
CA LYS B 43 -31.28 -26.33 -14.69
C LYS B 43 -32.78 -26.42 -14.95
N ASP B 44 -33.44 -27.46 -14.43
CA ASP B 44 -34.85 -27.69 -14.65
C ASP B 44 -35.48 -27.94 -13.30
N PHE B 45 -36.75 -27.64 -13.17
CA PHE B 45 -37.31 -27.93 -11.86
C PHE B 45 -38.61 -28.70 -11.87
N ALA B 46 -39.51 -28.45 -12.84
CA ALA B 46 -40.84 -29.07 -12.84
C ALA B 46 -40.72 -30.59 -12.92
N SER B 47 -39.82 -31.08 -13.76
CA SER B 47 -39.63 -32.51 -13.92
C SER B 47 -39.03 -33.11 -12.66
N LEU B 48 -38.04 -32.44 -12.07
CA LEU B 48 -37.35 -32.97 -10.91
C LEU B 48 -38.13 -32.81 -9.62
N ALA B 49 -39.06 -31.85 -9.54
CA ALA B 49 -39.85 -31.69 -8.32
C ALA B 49 -40.81 -32.86 -8.09
N ARG B 50 -41.22 -33.51 -9.18
CA ARG B 50 -42.11 -34.67 -9.16
C ARG B 50 -41.46 -35.98 -8.75
N ARG B 51 -40.15 -36.16 -8.93
CA ARG B 51 -39.60 -37.45 -8.53
C ARG B 51 -39.16 -37.49 -7.07
N ASP B 52 -39.22 -36.37 -6.37
CA ASP B 52 -38.83 -36.30 -4.96
C ASP B 52 -39.84 -37.14 -4.19
N SER B 53 -39.38 -38.08 -3.37
CA SER B 53 -40.34 -38.87 -2.60
C SER B 53 -41.19 -37.99 -1.66
N PRO B 54 -42.41 -38.43 -1.35
CA PRO B 54 -43.30 -37.67 -0.44
C PRO B 54 -42.80 -37.40 0.97
N ASN B 55 -42.06 -38.33 1.58
CA ASN B 55 -41.56 -38.13 2.93
C ASN B 55 -40.57 -36.98 3.06
N GLU B 56 -39.71 -36.77 2.07
CA GLU B 56 -38.69 -35.72 2.18
C GLU B 56 -39.27 -34.33 2.01
N GLY B 57 -40.12 -34.12 1.00
CA GLY B 57 -40.70 -32.83 0.69
C GLY B 57 -39.66 -31.75 0.48
N ARG B 58 -38.59 -32.11 -0.23
CA ARG B 58 -37.40 -31.30 -0.44
C ARG B 58 -37.59 -30.41 -1.66
N PHE B 59 -38.56 -30.78 -2.48
CA PHE B 59 -38.95 -30.12 -3.72
C PHE B 59 -40.46 -30.05 -3.54
N SER B 60 -40.97 -28.96 -2.98
CA SER B 60 -42.43 -28.89 -2.89
C SER B 60 -43.05 -28.05 -3.99
N GLU B 61 -44.36 -28.23 -4.15
CA GLU B 61 -45.17 -27.45 -5.09
C GLU B 61 -46.09 -26.52 -4.30
N GLN B 62 -46.02 -25.22 -4.58
CA GLN B 62 -46.86 -24.22 -3.93
C GLN B 62 -47.44 -23.31 -5.01
N ASP B 63 -48.78 -23.32 -5.13
CA ASP B 63 -49.58 -22.50 -6.06
C ASP B 63 -49.10 -22.62 -7.51
N GLY B 64 -48.79 -23.84 -7.92
CA GLY B 64 -48.36 -24.08 -9.27
C GLY B 64 -46.91 -23.77 -9.55
N GLU B 65 -46.14 -23.40 -8.53
CA GLU B 65 -44.72 -23.12 -8.71
C GLU B 65 -43.94 -24.17 -7.95
N THR B 66 -42.91 -24.71 -8.58
CA THR B 66 -42.06 -25.69 -7.92
C THR B 66 -40.96 -25.00 -7.13
N LEU B 67 -41.12 -24.99 -5.81
CA LEU B 67 -40.14 -24.39 -4.92
C LEU B 67 -39.22 -25.49 -4.46
N ILE B 68 -37.94 -25.19 -4.35
CA ILE B 68 -37.01 -26.13 -3.79
C ILE B 68 -36.75 -25.73 -2.35
N ARG B 69 -36.79 -26.71 -1.47
CA ARG B 69 -36.45 -26.48 -0.08
C ARG B 69 -34.95 -26.67 -0.01
N PHE B 70 -34.22 -25.57 0.01
CA PHE B 70 -32.79 -25.74 -0.15
C PHE B 70 -32.05 -25.66 1.16
N GLY B 71 -32.69 -25.21 2.24
CA GLY B 71 -31.99 -25.16 3.51
C GLY B 71 -32.89 -24.72 4.62
N SER B 72 -32.26 -24.53 5.77
CA SER B 72 -32.90 -24.09 7.02
C SER B 72 -32.00 -23.05 7.67
N LEU B 73 -32.61 -22.08 8.34
CA LEU B 73 -31.83 -21.04 9.02
C LEU B 73 -32.15 -21.01 10.50
N GLN B 74 -31.10 -20.99 11.31
CA GLN B 74 -31.24 -20.94 12.76
C GLN B 74 -30.40 -19.77 13.25
N ILE B 75 -31.07 -18.82 13.87
CA ILE B 75 -30.45 -17.59 14.34
C ILE B 75 -30.29 -17.67 15.85
N ASP B 76 -29.04 -17.65 16.32
CA ASP B 76 -28.70 -17.59 17.75
C ASP B 76 -27.95 -16.30 18.04
N GLY B 77 -28.71 -15.27 18.41
CA GLY B 77 -28.14 -13.96 18.66
C GLY B 77 -27.55 -13.34 17.43
N GLU B 78 -26.26 -13.03 17.47
CA GLU B 78 -25.61 -12.52 16.28
C GLU B 78 -25.20 -13.67 15.36
N ARG B 79 -24.94 -14.84 15.94
CA ARG B 79 -24.52 -15.99 15.16
C ARG B 79 -25.70 -16.54 14.36
N ALA B 80 -25.42 -17.06 13.17
CA ALA B 80 -26.47 -17.63 12.35
C ALA B 80 -25.94 -18.84 11.61
N THR B 81 -26.78 -19.85 11.45
CA THR B 81 -26.38 -21.03 10.68
C THR B 81 -27.40 -21.40 9.64
N LEU B 82 -26.89 -21.71 8.45
CA LEU B 82 -27.72 -22.05 7.30
C LEU B 82 -27.35 -23.48 6.92
N PHE B 83 -28.32 -24.37 6.95
CA PHE B 83 -28.11 -25.74 6.51
C PHE B 83 -28.60 -25.86 5.07
N VAL B 84 -27.75 -26.36 4.17
CA VAL B 84 -28.15 -26.52 2.78
C VAL B 84 -28.03 -27.98 2.39
N GLY B 85 -29.12 -28.51 1.83
CA GLY B 85 -29.22 -29.90 1.41
C GLY B 85 -29.03 -30.87 2.55
N LYS B 86 -28.33 -31.95 2.24
CA LYS B 86 -27.98 -32.99 3.19
C LYS B 86 -26.52 -32.90 3.56
N LYS B 87 -25.73 -32.11 2.82
CA LYS B 87 -24.29 -32.16 2.93
C LYS B 87 -23.63 -30.81 3.17
N GLN B 88 -24.39 -29.72 3.33
CA GLN B 88 -23.77 -28.42 3.51
C GLN B 88 -24.23 -27.75 4.81
N ARG B 89 -23.28 -27.10 5.50
CA ARG B 89 -23.53 -26.30 6.69
C ARG B 89 -22.77 -25.00 6.56
N LEU B 90 -23.42 -23.85 6.72
CA LEU B 90 -22.74 -22.58 6.59
C LEU B 90 -22.89 -21.80 7.89
N LEU B 91 -21.77 -21.29 8.39
CA LEU B 91 -21.73 -20.47 9.59
C LEU B 91 -21.59 -19.00 9.20
N GLY B 92 -22.42 -18.14 9.77
CA GLY B 92 -22.29 -16.75 9.42
C GLY B 92 -22.75 -15.82 10.51
N LYS B 93 -22.93 -14.55 10.15
CA LYS B 93 -23.25 -13.55 11.14
C LYS B 93 -24.27 -12.56 10.60
N VAL B 94 -25.02 -11.98 11.52
CA VAL B 94 -25.90 -10.85 11.26
C VAL B 94 -25.11 -9.57 11.50
N THR B 95 -24.90 -8.80 10.45
CA THR B 95 -24.13 -7.57 10.54
C THR B 95 -25.04 -6.40 10.18
N LYS B 96 -24.88 -5.31 10.92
CA LYS B 96 -25.64 -4.10 10.66
C LYS B 96 -25.00 -3.38 9.48
N LEU B 97 -25.82 -3.07 8.48
CA LEU B 97 -25.32 -2.40 7.29
C LEU B 97 -24.84 -0.99 7.57
N ASP B 98 -23.62 -0.69 7.12
CA ASP B 98 -23.09 0.67 7.16
C ASP B 98 -23.95 1.60 6.30
N VAL B 99 -24.31 1.15 5.11
CA VAL B 99 -25.19 1.86 4.20
C VAL B 99 -26.48 1.05 4.08
N PRO B 100 -27.60 1.54 4.62
CA PRO B 100 -28.89 0.85 4.51
C PRO B 100 -29.28 0.62 3.06
N MET B 101 -29.34 -0.65 2.67
CA MET B 101 -29.70 -0.97 1.31
C MET B 101 -31.19 -0.77 1.08
N GLY B 102 -31.56 -0.52 -0.17
CA GLY B 102 -32.95 -0.38 -0.51
C GLY B 102 -33.30 -1.16 -1.76
N ILE B 103 -34.29 -2.01 -1.64
CA ILE B 103 -34.83 -2.73 -2.79
C ILE B 103 -35.98 -1.93 -3.39
N MET B 104 -35.97 -1.82 -4.72
CA MET B 104 -36.99 -1.16 -5.52
C MET B 104 -37.51 -2.14 -6.58
N HIS B 105 -38.32 -1.63 -7.51
CA HIS B 105 -39.03 -2.47 -8.46
C HIS B 105 -39.42 -1.64 -9.67
N PHE B 106 -38.91 -2.00 -10.84
CA PHE B 106 -39.16 -1.26 -12.09
C PHE B 106 -40.32 -1.87 -12.86
N ASN B 107 -41.51 -1.27 -12.76
CA ASN B 107 -42.65 -1.79 -13.53
C ASN B 107 -42.52 -1.31 -14.96
N SER B 108 -41.98 -2.16 -15.83
CA SER B 108 -41.74 -1.77 -17.22
C SER B 108 -43.04 -1.46 -17.95
N LYS B 109 -44.09 -2.23 -17.61
CA LYS B 109 -45.42 -2.13 -18.22
C LYS B 109 -46.00 -0.71 -18.13
N ASP B 110 -46.06 -0.17 -16.93
CA ASP B 110 -46.67 1.13 -16.72
C ASP B 110 -45.64 2.24 -16.56
N ASN B 111 -44.35 1.92 -16.75
CA ASN B 111 -43.22 2.81 -16.51
C ASN B 111 -43.29 3.46 -15.13
N LYS B 112 -43.59 2.63 -14.13
CA LYS B 112 -43.66 3.06 -12.74
C LYS B 112 -42.54 2.38 -11.95
N VAL B 113 -41.95 3.11 -11.01
CA VAL B 113 -40.91 2.56 -10.16
C VAL B 113 -41.45 2.58 -8.74
N GLU B 114 -41.32 1.46 -8.03
CA GLU B 114 -41.84 1.40 -6.68
C GLU B 114 -40.76 0.99 -5.70
N LEU B 115 -40.66 1.75 -4.60
CA LEU B 115 -39.77 1.41 -3.51
C LEU B 115 -40.33 0.19 -2.80
N VAL B 116 -39.56 -0.90 -2.74
CA VAL B 116 -40.12 -2.07 -2.09
C VAL B 116 -39.83 -2.01 -0.59
N ASP B 117 -38.55 -1.91 -0.23
CA ASP B 117 -38.22 -1.83 1.18
C ASP B 117 -36.80 -1.31 1.36
N VAL B 118 -36.44 -1.04 2.61
CA VAL B 118 -35.11 -0.60 3.01
C VAL B 118 -34.55 -1.61 4.00
N MET B 119 -33.34 -2.09 3.73
CA MET B 119 -32.66 -3.00 4.65
C MET B 119 -31.85 -2.21 5.68
N LYS B 120 -31.50 -2.91 6.77
CA LYS B 120 -30.49 -2.47 7.74
C LYS B 120 -29.53 -3.57 8.16
N TYR B 121 -29.82 -4.85 7.92
CA TYR B 121 -28.94 -5.93 8.33
C TYR B 121 -28.69 -6.86 7.16
N LYS B 122 -27.63 -7.66 7.28
CA LYS B 122 -27.39 -8.72 6.31
C LYS B 122 -26.77 -9.92 6.99
N VAL B 123 -27.09 -11.10 6.45
CA VAL B 123 -26.56 -12.38 6.90
C VAL B 123 -25.45 -12.88 5.98
N ILE B 124 -24.20 -12.85 6.46
CA ILE B 124 -23.06 -13.14 5.61
C ILE B 124 -22.43 -14.45 6.07
N PHE B 125 -21.94 -15.21 5.08
CA PHE B 125 -21.28 -16.50 5.28
C PHE B 125 -19.97 -16.47 4.50
N LYS B 126 -18.85 -16.31 5.19
CA LYS B 126 -17.56 -16.14 4.54
C LYS B 126 -16.64 -17.35 4.59
N ASP B 127 -17.04 -18.44 5.23
CA ASP B 127 -16.17 -19.61 5.39
C ASP B 127 -16.65 -20.76 4.52
N ARG B 128 -15.72 -21.64 4.15
CA ARG B 128 -16.03 -22.77 3.27
C ARG B 128 -17.11 -23.65 3.90
N PRO B 129 -18.14 -24.04 3.15
CA PRO B 129 -19.19 -24.91 3.70
C PRO B 129 -18.70 -26.26 4.23
N LEU B 130 -19.31 -26.69 5.31
CA LEU B 130 -18.97 -27.95 5.95
C LEU B 130 -20.16 -28.87 5.84
N PRO B 131 -19.99 -30.18 6.04
CA PRO B 131 -21.16 -31.06 6.23
C PRO B 131 -22.04 -30.63 7.40
N ILE B 132 -23.32 -31.05 7.36
CA ILE B 132 -24.34 -30.59 8.30
C ILE B 132 -24.15 -31.01 9.76
N MET B 133 -23.16 -31.84 10.09
CA MET B 133 -23.05 -32.37 11.44
C MET B 133 -22.61 -31.35 12.49
N THR C 7 -31.59 -34.95 -6.80
CA THR C 7 -32.38 -34.52 -5.66
C THR C 7 -31.50 -33.95 -4.54
N VAL C 8 -30.25 -34.40 -4.49
CA VAL C 8 -29.26 -33.94 -3.51
C VAL C 8 -28.16 -33.31 -4.35
N LYS C 9 -28.54 -32.57 -5.38
CA LYS C 9 -27.55 -32.00 -6.28
C LYS C 9 -27.55 -30.48 -6.22
N ILE C 10 -27.57 -29.94 -5.00
CA ILE C 10 -27.59 -28.50 -4.77
C ILE C 10 -26.41 -28.18 -3.86
N TRP C 11 -25.56 -27.25 -4.29
CA TRP C 11 -24.39 -26.89 -3.50
C TRP C 11 -23.85 -25.56 -3.96
N VAL C 12 -22.86 -25.07 -3.22
CA VAL C 12 -22.17 -23.82 -3.49
C VAL C 12 -20.75 -24.14 -3.91
N LYS C 13 -20.37 -23.66 -5.10
CA LYS C 13 -18.97 -23.74 -5.51
C LYS C 13 -18.28 -22.55 -4.89
N TYR C 14 -17.48 -22.81 -3.86
CA TYR C 14 -16.86 -21.77 -3.06
C TYR C 14 -15.81 -20.97 -3.81
N ASN C 15 -15.98 -19.64 -3.77
CA ASN C 15 -14.98 -18.72 -4.23
C ASN C 15 -13.99 -18.49 -3.11
N GLU C 16 -12.70 -18.66 -3.40
CA GLU C 16 -11.65 -18.55 -2.39
C GLU C 16 -11.59 -17.17 -1.73
N GLY C 17 -11.88 -16.11 -2.47
CA GLY C 17 -11.87 -14.78 -1.90
C GLY C 17 -12.96 -13.90 -2.46
N PHE C 18 -13.37 -12.93 -1.65
CA PHE C 18 -14.43 -12.01 -2.04
C PHE C 18 -13.87 -11.03 -3.05
N SER C 19 -14.59 -10.83 -4.13
CA SER C 19 -14.17 -9.89 -5.14
C SER C 19 -15.31 -8.92 -5.39
N ASN C 20 -15.00 -7.63 -5.44
CA ASN C 20 -15.96 -6.63 -5.90
C ASN C 20 -15.45 -6.03 -7.19
N ALA C 21 -16.28 -6.10 -8.24
CA ALA C 21 -16.01 -5.62 -9.58
C ALA C 21 -16.00 -4.10 -9.71
N VAL C 22 -15.54 -3.69 -10.89
CA VAL C 22 -15.44 -2.30 -11.28
C VAL C 22 -16.78 -1.58 -11.37
N ARG C 23 -16.82 -0.34 -10.90
CA ARG C 23 -18.01 0.49 -11.07
C ARG C 23 -18.32 0.70 -12.55
N LYS C 24 -19.58 0.64 -12.94
CA LYS C 24 -19.93 0.85 -14.34
C LYS C 24 -20.96 1.96 -14.45
N ASN C 25 -20.97 2.65 -15.59
CA ASN C 25 -22.01 3.63 -15.86
C ASN C 25 -23.33 2.92 -16.11
N VAL C 26 -24.44 3.65 -15.97
CA VAL C 26 -25.76 3.06 -16.17
C VAL C 26 -26.48 3.77 -17.30
N THR C 27 -27.02 3.00 -18.23
CA THR C 27 -27.83 3.56 -19.29
C THR C 27 -29.29 3.23 -18.99
N TRP C 28 -30.18 3.83 -19.77
CA TRP C 28 -31.62 3.60 -19.58
C TRP C 28 -31.94 2.14 -19.87
N ASN C 29 -31.25 1.56 -20.86
CA ASN C 29 -31.43 0.17 -21.25
C ASN C 29 -30.88 -0.77 -20.19
N ASN C 30 -29.93 -0.29 -19.36
CA ASN C 30 -29.41 -1.11 -18.28
C ASN C 30 -30.49 -1.41 -17.27
N LEU C 31 -31.43 -0.49 -17.09
CA LEU C 31 -32.50 -0.71 -16.13
C LEU C 31 -33.57 -1.59 -16.76
N TRP C 32 -33.98 -1.27 -17.97
CA TRP C 32 -34.92 -2.10 -18.69
C TRP C 32 -34.23 -2.96 -19.75
N SER D 2 -37.68 -21.88 13.51
CA SER D 2 -36.80 -21.55 12.40
C SER D 2 -37.61 -21.14 11.18
N ILE D 3 -36.96 -20.59 10.17
CA ILE D 3 -37.62 -20.23 8.92
C ILE D 3 -37.04 -21.07 7.79
N ASN D 4 -37.93 -21.77 7.08
CA ASN D 4 -37.57 -22.53 5.88
C ASN D 4 -37.29 -21.63 4.68
N LEU D 5 -36.13 -21.83 4.05
CA LEU D 5 -35.74 -21.05 2.87
C LEU D 5 -35.97 -21.85 1.60
N HIS D 6 -36.82 -21.31 0.73
CA HIS D 6 -37.21 -21.83 -0.57
C HIS D 6 -36.80 -20.92 -1.73
N SER D 7 -36.74 -21.49 -2.93
CA SER D 7 -36.40 -20.72 -4.12
C SER D 7 -37.33 -21.10 -5.25
N ALA D 8 -37.79 -20.08 -5.96
CA ALA D 8 -38.62 -20.13 -7.15
C ALA D 8 -37.78 -20.45 -8.39
N PRO D 9 -38.38 -21.06 -9.42
CA PRO D 9 -37.62 -21.33 -10.65
C PRO D 9 -37.31 -20.11 -11.49
N GLU D 10 -37.99 -18.98 -11.25
CA GLU D 10 -37.81 -17.79 -12.08
C GLU D 10 -37.89 -16.54 -11.20
N TYR D 11 -36.83 -15.74 -11.27
CA TYR D 11 -36.71 -14.51 -10.50
C TYR D 11 -37.21 -13.31 -11.32
N ASP D 12 -37.68 -12.28 -10.62
CA ASP D 12 -38.08 -11.06 -11.29
C ASP D 12 -36.87 -10.15 -11.39
N PRO D 13 -36.38 -9.83 -12.59
CA PRO D 13 -35.19 -8.98 -12.72
C PRO D 13 -35.46 -7.50 -12.52
N SER D 14 -36.72 -7.11 -12.30
CA SER D 14 -37.04 -5.70 -12.06
C SER D 14 -36.52 -5.21 -10.71
N TYR D 15 -36.35 -6.10 -9.75
CA TYR D 15 -35.85 -5.74 -8.43
C TYR D 15 -34.34 -5.51 -8.45
N LYS D 16 -33.92 -4.29 -8.08
CA LYS D 16 -32.51 -3.90 -8.06
C LYS D 16 -32.18 -3.18 -6.76
N LEU D 17 -30.91 -3.29 -6.34
CA LEU D 17 -30.42 -2.71 -5.10
C LEU D 17 -29.72 -1.35 -5.29
N ILE D 18 -30.18 -0.34 -4.55
CA ILE D 18 -29.60 1.00 -4.59
C ILE D 18 -29.11 1.37 -3.19
N GLN D 19 -27.87 1.80 -3.08
CA GLN D 19 -27.32 2.25 -1.80
C GLN D 19 -28.01 3.50 -1.30
N LEU D 20 -28.44 3.52 -0.04
CA LEU D 20 -29.08 4.70 0.53
C LEU D 20 -28.21 5.31 1.63
N THR D 21 -27.54 6.40 1.28
CA THR D 21 -26.78 7.22 2.21
C THR D 21 -27.71 7.86 3.26
N PRO D 22 -27.15 8.27 4.43
CA PRO D 22 -27.96 8.95 5.48
C PRO D 22 -28.82 10.09 4.96
N GLU D 23 -28.27 10.88 4.04
CA GLU D 23 -28.97 12.01 3.45
C GLU D 23 -30.13 11.50 2.61
N LEU D 24 -29.88 10.45 1.83
CA LEU D 24 -30.94 9.82 1.06
C LEU D 24 -32.04 9.31 1.97
N LEU D 25 -31.68 8.78 3.13
CA LEU D 25 -32.67 8.30 4.09
C LEU D 25 -33.52 9.45 4.59
N ASP D 26 -32.90 10.58 4.93
CA ASP D 26 -33.64 11.77 5.36
C ASP D 26 -34.60 12.24 4.28
N ILE D 27 -34.14 12.24 3.02
CA ILE D 27 -34.96 12.61 1.88
C ILE D 27 -36.12 11.66 1.73
N ILE D 28 -35.83 10.36 1.82
CA ILE D 28 -36.80 9.29 1.70
C ILE D 28 -37.87 9.41 2.77
N GLN D 29 -37.49 9.75 3.99
CA GLN D 29 -38.53 9.86 5.01
C GLN D 29 -39.13 11.27 5.05
N ASP D 30 -39.30 11.95 3.92
CA ASP D 30 -39.93 13.28 3.94
C ASP D 30 -41.22 13.34 3.12
N PRO D 31 -42.39 13.28 3.76
CA PRO D 31 -43.65 13.32 2.99
C PRO D 31 -43.97 14.69 2.37
N VAL D 32 -43.30 15.75 2.83
CA VAL D 32 -43.50 17.13 2.43
C VAL D 32 -43.24 17.41 0.95
N GLN D 33 -42.14 16.85 0.39
CA GLN D 33 -41.71 17.05 -1.00
C GLN D 33 -42.82 16.93 -2.05
N ASN D 34 -42.71 17.78 -3.08
CA ASN D 34 -43.60 17.75 -4.23
C ASN D 34 -43.27 16.49 -4.99
N HIS D 35 -42.04 16.44 -5.50
CA HIS D 35 -41.52 15.30 -6.20
C HIS D 35 -40.55 14.65 -5.23
N GLN D 36 -40.68 13.35 -5.03
CA GLN D 36 -39.76 12.72 -4.10
C GLN D 36 -38.44 12.39 -4.78
N LEU D 37 -38.46 11.50 -5.75
CA LEU D 37 -37.27 11.12 -6.49
C LEU D 37 -37.65 10.69 -7.89
N ARG D 38 -36.74 10.95 -8.82
CA ARG D 38 -37.02 10.70 -10.23
C ARG D 38 -35.74 10.28 -10.92
N PHE D 39 -35.82 9.20 -11.70
CA PHE D 39 -34.70 8.80 -12.54
C PHE D 39 -34.78 9.60 -13.82
N LYS D 40 -33.68 10.21 -14.21
CA LYS D 40 -33.61 11.06 -15.39
C LYS D 40 -32.42 10.71 -16.28
N SER D 41 -32.62 10.85 -17.58
CA SER D 41 -31.56 10.65 -18.54
C SER D 41 -31.87 11.49 -19.77
N LEU D 42 -30.80 11.94 -20.43
CA LEU D 42 -30.99 12.76 -21.63
C LEU D 42 -31.52 11.94 -22.78
N ASP D 43 -31.04 10.70 -22.92
CA ASP D 43 -31.47 9.80 -23.97
C ASP D 43 -31.50 8.39 -23.40
N LYS D 44 -31.85 7.44 -24.26
CA LYS D 44 -32.05 6.08 -23.82
C LYS D 44 -30.80 5.22 -23.95
N ASP D 45 -29.95 5.50 -24.93
CA ASP D 45 -28.86 4.59 -25.26
C ASP D 45 -27.47 5.10 -24.92
N LYS D 46 -27.27 6.40 -24.73
CA LYS D 46 -25.94 6.95 -24.60
C LYS D 46 -25.69 7.62 -23.26
N SER D 47 -26.54 8.55 -22.86
CA SER D 47 -26.26 9.40 -21.72
C SER D 47 -26.38 8.65 -20.39
N GLU D 48 -25.75 9.24 -19.38
CA GLU D 48 -25.74 8.73 -18.02
C GLU D 48 -27.12 8.85 -17.42
N VAL D 49 -27.39 8.04 -16.40
CA VAL D 49 -28.65 8.14 -15.66
C VAL D 49 -28.38 8.76 -14.29
N VAL D 50 -29.22 9.74 -13.95
CA VAL D 50 -29.13 10.40 -12.67
C VAL D 50 -30.39 10.16 -11.86
N LEU D 51 -30.23 10.29 -10.55
CA LEU D 51 -31.27 10.24 -9.56
C LEU D 51 -31.45 11.62 -8.96
N CYS D 52 -32.66 12.15 -8.99
CA CYS D 52 -32.86 13.52 -8.54
C CYS D 52 -33.91 13.55 -7.45
N SER D 53 -33.61 14.32 -6.41
CA SER D 53 -34.60 14.74 -5.42
C SER D 53 -35.22 16.05 -5.86
N HIS D 54 -35.86 16.77 -4.93
CA HIS D 54 -36.50 18.01 -5.31
C HIS D 54 -35.49 19.14 -5.45
N ASP D 55 -34.30 18.96 -4.91
CA ASP D 55 -33.33 20.04 -4.95
C ASP D 55 -31.90 19.57 -5.11
N LYS D 56 -31.65 18.28 -5.32
CA LYS D 56 -30.28 17.81 -5.47
C LYS D 56 -30.26 16.70 -6.52
N THR D 57 -29.08 16.45 -7.09
CA THR D 57 -28.89 15.45 -8.15
C THR D 57 -27.68 14.59 -7.86
N TRP D 58 -27.85 13.28 -8.05
CA TRP D 58 -26.82 12.27 -7.91
C TRP D 58 -26.70 11.51 -9.23
N VAL D 59 -25.50 11.12 -9.60
CA VAL D 59 -25.31 10.30 -10.78
C VAL D 59 -25.21 8.87 -10.28
N LEU D 60 -25.83 7.95 -11.01
CA LEU D 60 -25.83 6.55 -10.63
C LEU D 60 -24.69 5.78 -11.27
N LYS D 61 -24.09 4.91 -10.49
CA LYS D 61 -23.03 4.02 -10.97
C LYS D 61 -23.32 2.62 -10.44
N GLN D 62 -23.40 1.67 -11.34
CA GLN D 62 -23.63 0.29 -10.97
C GLN D 62 -22.30 -0.36 -10.66
N ARG D 63 -22.31 -1.18 -9.63
CA ARG D 63 -21.10 -1.85 -9.20
C ARG D 63 -21.45 -3.30 -9.04
N LYS D 64 -20.85 -4.10 -9.91
CA LYS D 64 -21.00 -5.53 -9.95
C LYS D 64 -20.13 -6.15 -8.87
N HIS D 65 -20.59 -7.28 -8.37
CA HIS D 65 -19.83 -8.04 -7.39
C HIS D 65 -19.83 -9.49 -7.86
N SER D 66 -18.93 -10.28 -7.28
CA SER D 66 -18.74 -11.65 -7.75
C SER D 66 -19.52 -12.64 -6.91
N ASN D 67 -20.34 -12.17 -5.99
CA ASN D 67 -21.08 -13.07 -5.13
C ASN D 67 -22.49 -13.34 -5.64
N THR D 68 -23.09 -14.38 -5.08
CA THR D 68 -24.49 -14.71 -5.28
C THR D 68 -25.25 -14.02 -4.15
N VAL D 69 -26.08 -13.05 -4.49
CA VAL D 69 -26.87 -12.35 -3.50
C VAL D 69 -28.34 -12.63 -3.73
N LEU D 70 -28.96 -13.29 -2.75
CA LEU D 70 -30.36 -13.69 -2.79
C LEU D 70 -31.18 -12.90 -1.78
N LEU D 71 -32.19 -12.19 -2.27
CA LEU D 71 -33.19 -11.56 -1.40
C LEU D 71 -34.34 -12.51 -1.17
N MET D 72 -34.71 -12.69 0.11
CA MET D 72 -35.83 -13.54 0.49
C MET D 72 -36.96 -12.68 1.03
N ARG D 73 -38.18 -12.95 0.58
CA ARG D 73 -39.36 -12.38 1.19
C ARG D 73 -40.14 -13.46 1.92
N GLU D 74 -40.79 -13.06 3.01
CA GLU D 74 -41.59 -13.97 3.79
C GLU D 74 -42.85 -14.33 3.03
N PHE D 75 -43.24 -15.59 3.10
CA PHE D 75 -44.49 -15.98 2.48
C PHE D 75 -45.22 -16.95 3.37
N VAL D 76 -46.53 -16.96 3.19
CA VAL D 76 -47.45 -17.87 3.88
C VAL D 76 -47.81 -18.99 2.91
N PRO D 77 -47.33 -20.22 3.13
CA PRO D 77 -47.63 -21.32 2.22
C PRO D 77 -49.14 -21.53 2.12
N GLU D 78 -49.62 -21.63 0.87
CA GLU D 78 -51.03 -21.82 0.58
C GLU D 78 -51.58 -23.11 1.16
N GLN D 79 -50.80 -24.17 1.16
CA GLN D 79 -51.29 -25.35 1.83
C GLN D 79 -50.28 -25.77 2.89
N PRO D 80 -50.74 -26.31 4.02
CA PRO D 80 -49.80 -26.74 5.07
C PRO D 80 -48.79 -27.73 4.49
N ILE D 81 -47.52 -27.48 4.74
CA ILE D 81 -46.45 -28.32 4.24
C ILE D 81 -45.52 -28.71 5.38
N THR D 82 -45.24 -30.01 5.47
CA THR D 82 -44.42 -30.57 6.52
C THR D 82 -43.18 -31.10 5.83
N PHE D 83 -42.03 -30.77 6.37
CA PHE D 83 -40.75 -31.25 5.88
C PHE D 83 -40.16 -32.30 6.80
N ASP D 84 -39.46 -33.27 6.20
CA ASP D 84 -38.79 -34.29 6.97
C ASP D 84 -37.60 -33.71 7.71
N GLU D 85 -37.25 -34.33 8.82
CA GLU D 85 -36.08 -33.93 9.55
C GLU D 85 -34.89 -34.75 9.07
N THR D 86 -33.81 -34.06 8.73
CA THR D 86 -32.58 -34.64 8.23
C THR D 86 -31.65 -34.56 9.43
N LEU D 87 -30.39 -34.98 9.31
CA LEU D 87 -29.48 -34.87 10.45
C LEU D 87 -29.06 -33.41 10.72
N LEU D 88 -30.04 -32.54 10.96
CA LEU D 88 -29.85 -31.11 11.18
C LEU D 88 -30.01 -30.81 12.66
N PHE D 89 -29.06 -30.07 13.22
CA PHE D 89 -28.99 -29.83 14.66
C PHE D 89 -29.24 -28.37 14.97
N GLY D 90 -30.08 -28.12 15.97
CA GLY D 90 -30.38 -26.76 16.35
C GLY D 90 -31.44 -26.25 15.41
N LEU D 91 -32.64 -26.83 15.52
CA LEU D 91 -33.78 -26.51 14.66
C LEU D 91 -34.99 -26.26 15.54
N SER D 92 -35.47 -25.03 15.54
CA SER D 92 -36.69 -24.69 16.27
C SER D 92 -37.88 -24.96 15.34
N LYS D 93 -39.07 -24.95 15.94
CA LYS D 93 -40.30 -25.17 15.19
C LYS D 93 -40.45 -24.11 14.10
N PRO D 94 -40.86 -24.51 12.88
CA PRO D 94 -41.12 -23.50 11.84
C PRO D 94 -42.31 -22.64 12.21
N TYR D 95 -42.13 -21.34 12.07
CA TYR D 95 -43.13 -20.33 12.36
C TYR D 95 -43.45 -19.40 11.20
N MET D 96 -42.49 -19.13 10.31
CA MET D 96 -42.79 -18.49 9.03
C MET D 96 -41.88 -19.08 7.97
N ASP D 97 -42.08 -18.62 6.73
CA ASP D 97 -41.46 -19.19 5.56
C ASP D 97 -40.98 -18.05 4.67
N VAL D 98 -39.73 -18.10 4.21
CA VAL D 98 -39.24 -17.11 3.25
C VAL D 98 -38.77 -17.80 1.98
N VAL D 99 -38.93 -17.10 0.87
CA VAL D 99 -38.51 -17.57 -0.45
C VAL D 99 -37.54 -16.58 -1.10
N GLY D 100 -36.40 -17.08 -1.61
CA GLY D 100 -35.51 -16.21 -2.35
C GLY D 100 -36.20 -15.90 -3.67
N PHE D 101 -36.62 -14.65 -3.85
CA PHE D 101 -37.30 -14.24 -5.07
C PHE D 101 -36.45 -13.49 -6.09
N ALA D 102 -35.28 -12.99 -5.69
CA ALA D 102 -34.40 -12.28 -6.60
C ALA D 102 -32.95 -12.64 -6.38
N LYS D 103 -32.17 -12.57 -7.46
CA LYS D 103 -30.73 -12.79 -7.41
C LYS D 103 -30.03 -11.63 -8.10
N THR D 104 -29.50 -10.72 -7.27
CA THR D 104 -28.88 -9.47 -7.73
C THR D 104 -27.37 -9.58 -7.73
N GLU D 105 -26.77 -9.02 -8.77
CA GLU D 105 -25.33 -9.01 -8.92
C GLU D 105 -24.71 -7.63 -8.79
N SER D 106 -25.51 -6.60 -8.51
CA SER D 106 -24.93 -5.27 -8.47
C SER D 106 -25.70 -4.32 -7.56
N GLU D 107 -25.03 -3.23 -7.22
CA GLU D 107 -25.61 -2.15 -6.44
C GLU D 107 -25.54 -0.85 -7.23
N PHE D 108 -26.44 0.07 -6.92
CA PHE D 108 -26.43 1.40 -7.53
C PHE D 108 -25.94 2.50 -6.57
N GLU D 109 -24.70 2.91 -6.74
CA GLU D 109 -24.08 3.94 -5.93
C GLU D 109 -24.48 5.32 -6.47
N THR D 110 -24.67 6.28 -5.58
CA THR D 110 -25.04 7.64 -5.93
C THR D 110 -23.93 8.62 -5.58
N ARG D 111 -23.45 9.37 -6.58
CA ARG D 111 -22.41 10.37 -6.36
C ARG D 111 -22.95 11.75 -6.75
N GLU D 112 -22.87 12.72 -5.83
CA GLU D 112 -23.30 14.09 -6.10
C GLU D 112 -22.57 14.76 -7.26
N THR D 113 -23.34 15.36 -8.16
CA THR D 113 -22.80 15.98 -9.38
C THR D 113 -23.65 17.22 -9.69
N HIS D 114 -23.09 18.15 -10.45
CA HIS D 114 -23.79 19.37 -10.83
C HIS D 114 -24.79 19.08 -11.94
N GLY D 115 -26.07 19.27 -11.64
CA GLY D 115 -27.10 19.12 -12.64
C GLY D 115 -26.99 20.16 -13.74
N GLU D 116 -27.24 19.71 -14.97
CA GLU D 116 -27.13 20.57 -16.14
C GLU D 116 -28.37 20.37 -17.00
N LEU D 117 -28.73 21.42 -17.74
CA LEU D 117 -29.90 21.36 -18.60
C LEU D 117 -29.51 20.75 -19.94
N ASN D 118 -30.41 19.96 -20.49
CA ASN D 118 -30.24 19.39 -21.83
C ASN D 118 -30.86 20.37 -22.81
N LEU D 119 -30.02 21.20 -23.44
CA LEU D 119 -30.47 22.27 -24.32
C LEU D 119 -30.36 21.88 -25.77
N ASN D 120 -30.69 20.61 -26.06
CA ASN D 120 -30.55 20.06 -27.40
C ASN D 120 -31.42 20.78 -28.42
N SER D 121 -32.73 20.74 -28.22
CA SER D 121 -33.67 21.25 -29.20
C SER D 121 -34.16 22.65 -28.89
N VAL D 122 -33.56 23.34 -27.94
CA VAL D 122 -33.99 24.68 -27.54
C VAL D 122 -33.29 25.68 -28.45
N PRO D 123 -34.03 26.43 -29.27
CA PRO D 123 -33.40 27.38 -30.20
C PRO D 123 -32.98 28.66 -29.49
N ILE D 124 -32.23 29.48 -30.21
CA ILE D 124 -31.76 30.76 -29.71
C ILE D 124 -32.62 31.90 -30.28
N TYR D 125 -33.09 32.74 -29.38
CA TYR D 125 -33.93 33.88 -29.71
C TYR D 125 -33.12 35.16 -29.63
N ASN D 126 -33.19 35.98 -30.67
CA ASN D 126 -32.41 37.20 -30.77
C ASN D 126 -33.28 38.44 -30.75
N GLY D 127 -34.57 38.29 -30.48
CA GLY D 127 -35.46 39.41 -30.40
C GLY D 127 -36.11 39.74 -31.72
N GLU D 128 -36.20 38.75 -32.62
CA GLU D 128 -36.81 38.96 -33.92
C GLU D 128 -38.30 39.24 -33.78
N LEU D 129 -38.79 40.13 -34.64
CA LEU D 129 -40.20 40.48 -34.67
C LEU D 129 -41.02 39.30 -35.19
N ASP D 130 -42.17 39.03 -34.56
CA ASP D 130 -43.17 38.07 -35.07
C ASP D 130 -42.61 36.65 -35.11
N PHE D 131 -41.86 36.27 -34.06
CA PHE D 131 -41.11 35.02 -33.98
C PHE D 131 -41.98 33.77 -34.12
N SER D 132 -43.30 33.86 -33.83
CA SER D 132 -44.19 32.69 -33.94
C SER D 132 -44.15 32.13 -35.35
N ASP D 133 -44.07 33.02 -36.34
CA ASP D 133 -43.96 32.62 -37.73
C ASP D 133 -42.65 31.87 -37.95
N LYS D 134 -41.56 32.39 -37.37
CA LYS D 134 -40.24 31.80 -37.52
C LYS D 134 -40.13 30.41 -36.91
N ILE D 135 -40.85 30.12 -35.82
CA ILE D 135 -40.80 28.76 -35.26
C ILE D 135 -41.39 27.73 -36.23
N MET D 136 -42.23 28.15 -37.19
CA MET D 136 -42.70 27.29 -38.27
C MET D 136 -41.95 27.53 -39.57
N LYS D 137 -41.17 28.61 -39.67
CA LYS D 137 -40.17 28.71 -40.74
C LYS D 137 -39.11 27.63 -40.58
N ARG D 138 -38.87 27.20 -39.36
CA ARG D 138 -37.96 26.10 -39.09
C ARG D 138 -38.85 24.90 -38.78
N SER D 139 -38.27 23.71 -38.87
CA SER D 139 -39.02 22.50 -38.56
C SER D 139 -38.64 21.93 -37.20
N SER D 140 -39.15 22.56 -36.13
CA SER D 140 -38.81 22.06 -34.80
C SER D 140 -39.98 21.18 -34.37
N THR D 141 -39.78 19.86 -34.43
CA THR D 141 -40.82 18.93 -34.02
C THR D 141 -41.01 18.94 -32.51
N LYS D 142 -39.90 19.10 -31.79
CA LYS D 142 -39.88 19.14 -30.33
C LYS D 142 -40.73 20.29 -29.82
N VAL D 143 -41.65 19.99 -28.90
CA VAL D 143 -42.55 21.00 -28.38
C VAL D 143 -42.27 21.18 -26.90
N ILE D 144 -42.22 22.44 -26.46
CA ILE D 144 -42.01 22.77 -25.07
C ILE D 144 -42.99 23.91 -24.81
N GLY D 145 -44.17 23.56 -24.31
CA GLY D 145 -45.16 24.56 -23.98
C GLY D 145 -44.79 25.43 -22.81
N THR D 146 -44.46 24.79 -21.69
CA THR D 146 -44.20 25.47 -20.43
C THR D 146 -42.85 25.00 -19.93
N LEU D 147 -42.29 25.75 -18.98
CA LEU D 147 -40.96 25.46 -18.44
C LEU D 147 -40.97 24.20 -17.59
N GLU D 148 -42.09 23.91 -16.92
CA GLU D 148 -42.20 22.71 -16.10
C GLU D 148 -42.03 21.46 -16.95
N GLU D 149 -42.55 21.48 -18.18
CA GLU D 149 -42.34 20.36 -19.09
C GLU D 149 -40.86 20.22 -19.43
N LEU D 150 -40.17 21.35 -19.62
CA LEU D 150 -38.74 21.33 -19.88
C LEU D 150 -37.96 20.72 -18.73
N LEU D 151 -38.27 21.18 -17.50
CA LEU D 151 -37.64 20.68 -16.29
C LEU D 151 -37.91 19.21 -16.11
N GLU D 152 -39.13 18.78 -16.45
CA GLU D 152 -39.50 17.38 -16.34
C GLU D 152 -38.63 16.52 -17.24
N ASN D 153 -38.28 17.03 -18.43
CA ASN D 153 -37.45 16.31 -19.38
C ASN D 153 -35.99 16.76 -19.33
N SER D 154 -35.55 17.29 -18.21
CA SER D 154 -34.18 17.72 -18.09
C SER D 154 -33.53 16.95 -16.95
N PRO D 155 -32.25 16.63 -17.04
CA PRO D 155 -31.59 15.93 -15.91
C PRO D 155 -31.17 16.84 -14.76
N CYS D 156 -32.16 17.39 -14.06
CA CYS D 156 -31.93 18.27 -12.93
C CYS D 156 -33.19 18.39 -12.09
N SER D 157 -33.02 18.90 -10.89
CA SER D 157 -34.11 19.19 -9.98
C SER D 157 -34.76 20.53 -10.35
N ALA D 158 -35.92 20.78 -9.74
CA ALA D 158 -36.68 22.00 -10.00
C ALA D 158 -35.88 23.25 -9.67
N LEU D 159 -35.25 23.28 -8.48
CA LEU D 159 -34.53 24.47 -8.06
C LEU D 159 -33.27 24.67 -8.90
N GLU D 160 -32.53 23.59 -9.14
CA GLU D 160 -31.38 23.62 -10.03
C GLU D 160 -31.78 24.06 -11.42
N GLY D 161 -32.92 23.56 -11.90
CA GLY D 161 -33.41 23.89 -13.22
C GLY D 161 -33.73 25.36 -13.36
N ILE D 162 -34.47 25.91 -12.40
CA ILE D 162 -34.82 27.33 -12.45
C ILE D 162 -33.58 28.19 -12.32
N SER D 163 -32.65 27.81 -11.44
CA SER D 163 -31.41 28.57 -11.28
C SER D 163 -30.58 28.58 -12.56
N LYS D 164 -30.39 27.41 -13.18
CA LYS D 164 -29.62 27.36 -14.42
C LYS D 164 -30.33 28.06 -15.55
N TRP D 165 -31.66 27.90 -15.62
CA TRP D 165 -32.48 28.54 -16.64
C TRP D 165 -32.41 30.05 -16.56
N HIS D 166 -32.43 30.58 -15.34
CA HIS D 166 -32.26 32.01 -15.15
C HIS D 166 -30.84 32.43 -15.44
N LYS D 167 -29.88 31.56 -15.16
CA LYS D 167 -28.48 31.91 -15.33
C LYS D 167 -28.12 32.03 -16.81
N ILE D 168 -28.75 31.24 -17.67
CA ILE D 168 -28.41 31.24 -19.09
C ILE D 168 -29.35 32.20 -19.82
N GLY D 169 -30.19 32.90 -19.06
CA GLY D 169 -31.14 33.86 -19.62
C GLY D 169 -32.28 33.24 -20.40
N GLY D 170 -32.86 32.18 -19.87
CA GLY D 170 -33.99 31.54 -20.51
C GLY D 170 -35.28 32.33 -20.40
N SER D 171 -36.11 32.25 -21.44
CA SER D 171 -37.36 33.00 -21.43
C SER D 171 -38.39 32.24 -22.24
N VAL D 172 -39.49 32.92 -22.54
CA VAL D 172 -40.56 32.38 -23.36
C VAL D 172 -41.19 33.57 -24.08
N LYS D 173 -41.34 33.43 -25.39
CA LYS D 173 -41.92 34.47 -26.24
C LYS D 173 -43.04 33.86 -27.04
N ASP D 174 -44.21 34.51 -26.97
CA ASP D 174 -45.43 34.12 -27.69
C ASP D 174 -45.80 32.67 -27.44
N GLY D 175 -45.55 32.18 -26.22
CA GLY D 175 -45.93 30.82 -25.91
C GLY D 175 -44.90 29.80 -26.31
N VAL D 176 -43.77 30.22 -26.87
CA VAL D 176 -42.69 29.32 -27.28
C VAL D 176 -41.50 29.56 -26.38
N LEU D 177 -41.00 28.49 -25.77
CA LEU D 177 -39.83 28.56 -24.91
C LEU D 177 -38.62 28.97 -25.73
N CYS D 178 -37.73 29.78 -25.14
CA CYS D 178 -36.57 30.27 -25.90
C CYS D 178 -35.38 30.59 -25.00
N ILE D 179 -34.23 30.86 -25.63
CA ILE D 179 -33.03 31.34 -24.96
C ILE D 179 -32.61 32.63 -25.65
N LEU D 180 -32.54 33.71 -24.88
CA LEU D 180 -32.17 35.02 -25.41
C LEU D 180 -30.73 35.10 -25.87
N SER D 181 -30.50 35.75 -27.02
CA SER D 181 -29.14 36.03 -27.46
C SER D 181 -28.50 36.97 -26.45
N GLN D 182 -27.16 36.95 -26.41
CA GLN D 182 -26.40 37.83 -25.53
C GLN D 182 -26.65 39.31 -25.81
N ASP D 183 -26.57 39.67 -27.10
CA ASP D 183 -26.76 41.03 -27.58
C ASP D 183 -28.11 41.62 -27.21
N PHE D 184 -29.20 40.93 -27.59
CA PHE D 184 -30.52 41.48 -27.35
C PHE D 184 -30.86 41.49 -25.87
N LEU D 185 -30.36 40.52 -25.10
CA LEU D 185 -30.59 40.50 -23.67
C LEU D 185 -29.97 41.73 -23.02
N PHE D 186 -28.71 42.02 -23.36
CA PHE D 186 -28.09 43.18 -22.75
C PHE D 186 -28.68 44.48 -23.27
N LYS D 187 -29.16 44.48 -24.51
CA LYS D 187 -29.83 45.67 -25.03
C LYS D 187 -31.11 45.92 -24.25
N ALA D 188 -31.86 44.86 -23.96
CA ALA D 188 -33.09 44.99 -23.17
C ALA D 188 -32.77 45.45 -21.76
N LEU D 189 -31.64 44.97 -21.23
CA LEU D 189 -31.17 45.44 -19.93
C LEU D 189 -30.87 46.93 -19.95
N HIS D 190 -30.15 47.37 -21.00
CA HIS D 190 -29.76 48.77 -21.13
C HIS D 190 -30.97 49.69 -21.20
N VAL D 191 -31.95 49.34 -22.04
CA VAL D 191 -33.16 50.16 -22.15
C VAL D 191 -33.92 50.14 -20.83
N LEU D 192 -33.99 48.98 -20.16
CA LEU D 192 -34.67 48.89 -18.87
C LEU D 192 -34.03 49.78 -17.84
N LEU D 193 -32.70 49.75 -17.72
CA LEU D 193 -32.01 50.60 -16.75
C LEU D 193 -32.22 52.07 -17.06
N MET D 194 -32.19 52.43 -18.35
CA MET D 194 -32.46 53.80 -18.76
C MET D 194 -33.86 54.23 -18.36
N SER D 195 -34.83 53.34 -18.48
CA SER D 195 -36.19 53.69 -18.11
C SER D 195 -36.37 53.71 -16.59
N ALA D 196 -35.70 52.79 -15.90
CA ALA D 196 -35.81 52.68 -14.44
C ALA D 196 -35.24 53.92 -13.77
N MET D 197 -34.04 54.31 -14.17
CA MET D 197 -33.46 55.55 -13.67
C MET D 197 -34.13 56.78 -14.26
N ALA D 198 -34.82 56.62 -15.40
CA ALA D 198 -35.56 57.75 -15.96
C ALA D 198 -36.82 58.02 -15.17
N GLU D 199 -37.36 57.01 -14.49
CA GLU D 199 -38.57 57.18 -13.71
C GLU D 199 -38.31 57.15 -12.22
N SER D 200 -37.03 57.16 -11.82
CA SER D 200 -36.55 57.14 -10.43
C SER D 200 -37.18 56.01 -9.61
N LEU D 201 -37.15 54.80 -10.17
CA LEU D 201 -37.66 53.64 -9.47
C LEU D 201 -36.65 53.13 -8.44
N ASP D 202 -37.19 52.53 -7.38
CA ASP D 202 -36.36 51.89 -6.37
C ASP D 202 -35.76 50.63 -6.99
N LEU D 203 -34.46 50.68 -7.28
CA LEU D 203 -33.77 49.55 -7.93
C LEU D 203 -33.68 48.34 -7.03
N GLN D 204 -33.89 48.50 -5.75
CA GLN D 204 -33.87 47.41 -4.80
C GLN D 204 -35.25 46.81 -4.58
N HIS D 205 -36.31 47.46 -5.09
CA HIS D 205 -37.66 46.96 -4.91
C HIS D 205 -38.44 47.11 -6.22
N LEU D 206 -37.96 46.40 -7.24
CA LEU D 206 -38.59 46.35 -8.55
C LEU D 206 -39.63 45.25 -8.63
N ASN D 207 -40.75 45.53 -9.30
CA ASN D 207 -41.73 44.50 -9.61
C ASN D 207 -41.88 44.43 -11.12
N VAL D 208 -42.51 43.36 -11.59
CA VAL D 208 -42.64 43.09 -13.02
C VAL D 208 -43.51 44.10 -13.75
N GLU D 209 -44.69 44.39 -13.20
CA GLU D 209 -45.67 45.25 -13.87
C GLU D 209 -45.18 46.67 -14.12
N ASP D 210 -44.69 47.35 -13.09
CA ASP D 210 -44.26 48.74 -13.26
C ASP D 210 -43.11 48.88 -14.25
N THR D 211 -42.13 47.99 -14.21
CA THR D 211 -41.01 48.10 -15.15
C THR D 211 -41.45 47.75 -16.57
N HIS D 212 -42.23 46.67 -16.73
CA HIS D 212 -42.76 46.28 -18.04
C HIS D 212 -43.56 47.42 -18.65
N HIS D 213 -44.39 48.07 -17.83
CA HIS D 213 -45.14 49.22 -18.31
C HIS D 213 -44.20 50.35 -18.72
N ALA D 214 -43.16 50.59 -17.91
CA ALA D 214 -42.18 51.63 -18.21
C ALA D 214 -41.40 51.37 -19.51
N VAL D 215 -41.10 50.13 -19.84
CA VAL D 215 -40.31 49.86 -21.05
C VAL D 215 -41.16 49.98 -22.31
N GLY D 216 -42.35 49.38 -22.34
CA GLY D 216 -43.18 49.35 -23.52
C GLY D 216 -44.25 50.42 -23.60
N LYS D 217 -44.01 51.53 -22.92
CA LYS D 217 -44.98 52.63 -22.85
C LYS D 217 -45.23 53.25 -24.22
N ASP D 218 -44.17 53.58 -24.96
CA ASP D 218 -44.30 54.33 -26.20
C ASP D 218 -43.89 53.56 -27.45
N ILE D 219 -44.05 52.23 -27.45
CA ILE D 219 -43.76 51.43 -28.62
C ILE D 219 -44.97 50.53 -28.87
N GLU D 220 -45.21 50.16 -30.13
CA GLU D 220 -46.35 49.31 -30.46
C GLU D 220 -46.12 47.91 -29.91
N ASP D 221 -47.20 47.28 -29.44
CA ASP D 221 -47.12 45.94 -28.85
C ASP D 221 -46.65 44.86 -29.84
N GLU D 222 -47.06 44.96 -31.11
CA GLU D 222 -46.63 43.95 -32.09
C GLU D 222 -45.13 43.99 -32.34
N PHE D 223 -44.51 45.16 -32.15
CA PHE D 223 -43.10 45.41 -32.36
C PHE D 223 -42.35 45.68 -31.06
N ASN D 224 -42.99 45.36 -29.93
CA ASN D 224 -42.39 45.55 -28.62
C ASN D 224 -42.09 44.14 -28.17
N PRO D 225 -40.83 43.72 -28.25
CA PRO D 225 -40.47 42.38 -27.84
C PRO D 225 -40.25 42.27 -26.35
N TYR D 226 -40.17 43.41 -25.66
CA TYR D 226 -39.90 43.40 -24.23
C TYR D 226 -41.23 43.14 -23.54
N THR D 227 -41.66 41.88 -23.62
CA THR D 227 -42.87 41.42 -22.98
C THR D 227 -42.66 41.23 -21.48
N ARG D 228 -43.73 40.82 -20.79
CA ARG D 228 -43.67 40.59 -19.36
C ARG D 228 -42.74 39.44 -19.01
N GLU D 229 -42.66 38.43 -19.89
CA GLU D 229 -41.81 37.27 -19.66
C GLU D 229 -40.34 37.66 -19.80
N ILE D 230 -40.06 38.56 -20.73
CA ILE D 230 -38.72 39.11 -20.91
C ILE D 230 -38.33 39.83 -19.65
N ILE D 231 -39.26 40.63 -19.13
CA ILE D 231 -39.06 41.33 -17.86
C ILE D 231 -38.75 40.34 -16.74
N GLU D 232 -39.50 39.24 -16.66
CA GLU D 232 -39.22 38.24 -15.63
C GLU D 232 -37.82 37.65 -15.79
N THR D 233 -37.39 37.43 -17.03
CA THR D 233 -36.05 36.92 -17.25
C THR D 233 -34.95 37.89 -16.84
N VAL D 234 -35.04 39.15 -17.31
CA VAL D 234 -34.04 40.16 -16.92
C VAL D 234 -33.98 40.33 -15.41
N LEU D 235 -35.15 40.36 -14.75
CA LEU D 235 -35.14 40.46 -13.30
C LEU D 235 -34.54 39.21 -12.66
N ASN D 236 -34.89 38.03 -13.15
CA ASN D 236 -34.35 36.81 -12.59
C ASN D 236 -32.90 36.56 -12.98
N LYS D 237 -32.36 37.31 -13.93
CA LYS D 237 -30.96 37.17 -14.34
C LYS D 237 -30.06 38.20 -13.69
N PHE D 238 -30.48 39.45 -13.64
CA PHE D 238 -29.61 40.52 -13.18
C PHE D 238 -30.05 41.07 -11.84
N ALA D 239 -31.07 40.49 -11.23
CA ALA D 239 -31.53 40.86 -9.91
C ALA D 239 -31.85 39.59 -9.13
N VAL D 240 -32.10 39.76 -7.84
CA VAL D 240 -32.47 38.68 -6.94
C VAL D 240 -33.84 39.03 -6.37
N GLN D 241 -34.74 38.06 -6.35
CA GLN D 241 -36.10 38.32 -5.93
C GLN D 241 -36.28 38.06 -4.44
N GLU D 242 -37.11 38.90 -3.81
CA GLU D 242 -37.48 38.89 -2.40
C GLU D 242 -36.26 39.21 -1.54
N ASN D 247 -45.05 38.19 -1.73
CA ASN D 247 -44.53 39.54 -1.79
C ASN D 247 -43.05 39.54 -2.11
N ASN D 248 -42.68 39.08 -3.30
CA ASN D 248 -41.29 39.00 -3.67
C ASN D 248 -40.97 40.03 -4.75
N THR D 249 -39.96 40.86 -4.48
CA THR D 249 -39.56 41.94 -5.36
C THR D 249 -38.08 41.76 -5.67
N TRP D 250 -37.58 42.44 -6.69
CA TRP D 250 -36.19 42.25 -7.09
C TRP D 250 -35.29 43.38 -6.62
N ARG D 251 -34.05 43.02 -6.27
CA ARG D 251 -32.98 43.97 -6.02
C ARG D 251 -31.80 43.65 -6.93
N LEU D 252 -31.27 44.68 -7.59
CA LEU D 252 -30.23 44.50 -8.58
C LEU D 252 -28.92 44.00 -7.98
N ARG D 253 -28.27 43.06 -8.70
CA ARG D 253 -26.92 42.59 -8.40
C ARG D 253 -25.93 43.53 -9.08
N ILE D 254 -25.70 44.71 -8.47
CA ILE D 254 -24.92 45.78 -9.12
C ILE D 254 -23.51 45.38 -9.57
N PRO D 255 -22.65 44.73 -8.73
CA PRO D 255 -21.32 44.35 -9.25
C PRO D 255 -21.43 43.34 -10.38
N PHE D 256 -22.45 42.48 -10.31
CA PHE D 256 -22.68 41.47 -11.34
C PHE D 256 -23.08 42.14 -12.64
N ILE D 257 -23.97 43.13 -12.56
CA ILE D 257 -24.40 43.88 -13.73
C ILE D 257 -23.19 44.55 -14.38
N ALA D 258 -22.38 45.23 -13.58
CA ALA D 258 -21.16 45.85 -14.11
C ALA D 258 -20.25 44.82 -14.78
N GLN D 259 -20.14 43.62 -14.21
CA GLN D 259 -19.33 42.57 -14.79
C GLN D 259 -19.88 42.10 -16.13
N TRP D 260 -21.20 41.94 -16.21
CA TRP D 260 -21.87 41.56 -17.45
C TRP D 260 -21.63 42.60 -18.52
N TYR D 261 -21.84 43.85 -18.14
CA TYR D 261 -21.62 45.00 -18.98
C TYR D 261 -20.19 45.03 -19.50
N GLY D 262 -19.23 44.59 -18.67
CA GLY D 262 -17.85 44.54 -19.10
C GLY D 262 -17.63 43.46 -20.13
N ILE D 263 -18.34 42.34 -19.96
CA ILE D 263 -18.26 41.24 -20.93
C ILE D 263 -18.84 41.68 -22.26
N GLN D 264 -19.99 42.36 -22.22
CA GLN D 264 -20.61 42.94 -23.41
C GLN D 264 -19.69 43.91 -24.13
N ALA D 265 -19.01 44.78 -23.38
CA ALA D 265 -18.08 45.74 -23.99
C ALA D 265 -16.94 45.03 -24.69
N LEU D 266 -16.38 44.02 -24.02
CA LEU D 266 -15.33 43.20 -24.61
C LEU D 266 -15.80 42.53 -25.89
N ARG D 267 -17.00 41.93 -25.88
CA ARG D 267 -17.43 41.25 -27.08
C ARG D 267 -17.77 42.20 -28.23
N LYS D 268 -18.22 43.41 -27.94
CA LYS D 268 -18.57 44.25 -29.08
C LYS D 268 -17.43 45.09 -29.62
N TYR D 269 -16.63 45.70 -28.76
CA TYR D 269 -15.72 46.73 -29.21
C TYR D 269 -14.24 46.36 -29.25
N VAL D 270 -13.77 45.50 -28.36
CA VAL D 270 -12.34 45.20 -28.30
C VAL D 270 -12.07 43.70 -28.48
N SER D 271 -12.82 43.08 -29.38
CA SER D 271 -12.58 41.67 -29.68
C SER D 271 -11.66 41.44 -30.88
N GLY D 272 -10.97 42.47 -31.36
CA GLY D 272 -10.12 42.27 -32.51
C GLY D 272 -8.79 42.97 -32.41
N ILE D 273 -8.67 43.83 -31.40
CA ILE D 273 -7.47 44.63 -31.18
C ILE D 273 -7.21 44.69 -29.69
N SER D 274 -5.95 44.84 -29.33
CA SER D 274 -5.52 44.93 -27.94
C SER D 274 -5.36 46.40 -27.54
N MET D 275 -6.47 47.03 -27.14
CA MET D 275 -6.44 48.42 -26.75
C MET D 275 -5.73 48.59 -25.40
N PRO D 276 -5.03 49.70 -25.20
CA PRO D 276 -4.68 50.13 -23.84
C PRO D 276 -5.90 50.22 -22.94
N ILE D 277 -5.69 49.81 -21.70
CA ILE D 277 -6.76 49.70 -20.70
C ILE D 277 -7.45 51.03 -20.40
N ASP D 278 -6.69 52.13 -20.38
CA ASP D 278 -7.27 53.45 -20.05
C ASP D 278 -8.37 53.88 -21.01
N GLU D 279 -8.12 53.82 -22.31
CA GLU D 279 -9.11 54.24 -23.30
C GLU D 279 -10.34 53.34 -23.26
N PHE D 280 -10.11 52.04 -23.09
CA PHE D 280 -11.21 51.10 -22.97
C PHE D 280 -12.04 51.36 -21.74
N LEU D 281 -11.42 51.71 -20.61
CA LEU D 281 -12.17 52.04 -19.42
C LEU D 281 -13.01 53.30 -19.63
N ILE D 282 -12.44 54.30 -20.34
CA ILE D 282 -13.20 55.52 -20.62
C ILE D 282 -14.43 55.23 -21.48
N LYS D 283 -14.24 54.50 -22.59
CA LYS D 283 -15.37 54.20 -23.48
C LYS D 283 -16.40 53.32 -22.79
N TRP D 284 -15.91 52.29 -22.10
CA TRP D 284 -16.72 51.42 -21.27
C TRP D 284 -17.57 52.20 -20.28
N LYS D 285 -16.95 53.11 -19.54
CA LYS D 285 -17.65 53.97 -18.58
C LYS D 285 -18.70 54.82 -19.25
N SER D 286 -18.41 55.33 -20.46
CA SER D 286 -19.34 56.20 -21.16
C SER D 286 -20.57 55.48 -21.70
N LEU D 287 -20.50 54.16 -21.88
CA LEU D 287 -21.65 53.39 -22.36
C LEU D 287 -22.77 53.23 -21.33
N PHE D 288 -22.50 53.38 -20.02
CA PHE D 288 -23.59 53.19 -19.05
C PHE D 288 -24.69 54.24 -19.13
N PRO D 289 -25.90 53.87 -18.72
CA PRO D 289 -26.94 54.87 -18.46
C PRO D 289 -26.52 55.81 -17.34
N PRO D 290 -26.83 57.09 -17.47
CA PRO D 290 -26.45 58.12 -16.48
C PRO D 290 -26.77 57.79 -15.03
N PHE D 291 -25.83 58.13 -14.15
CA PHE D 291 -25.85 58.05 -12.68
C PHE D 291 -25.81 56.63 -12.13
N PHE D 292 -25.56 55.63 -12.95
CA PHE D 292 -25.47 54.27 -12.48
C PHE D 292 -24.27 54.08 -11.52
N PRO D 293 -24.50 53.70 -10.26
CA PRO D 293 -23.46 53.62 -9.23
C PRO D 293 -22.56 52.40 -9.38
N CYS D 294 -21.33 52.61 -9.85
CA CYS D 294 -20.36 51.51 -9.92
C CYS D 294 -18.92 51.98 -10.17
N ASP D 295 -17.98 51.30 -9.52
CA ASP D 295 -16.54 51.45 -9.73
C ASP D 295 -16.04 50.29 -10.58
N ILE D 296 -14.77 50.34 -11.00
CA ILE D 296 -14.27 49.30 -11.90
C ILE D 296 -12.78 49.04 -11.69
N ASP D 297 -12.38 47.81 -12.01
CA ASP D 297 -11.02 47.31 -12.04
C ASP D 297 -11.02 46.18 -13.06
N ILE D 298 -9.90 45.99 -13.76
CA ILE D 298 -9.90 44.99 -14.82
C ILE D 298 -10.05 43.55 -14.31
N ASP D 299 -9.71 43.27 -13.05
CA ASP D 299 -9.85 41.92 -12.50
C ASP D 299 -11.28 41.45 -12.36
N MET D 300 -12.24 42.36 -12.43
CA MET D 300 -13.63 41.95 -12.48
C MET D 300 -14.04 41.41 -13.84
N LEU D 301 -13.13 41.32 -14.80
CA LEU D 301 -13.35 40.57 -16.01
C LEU D 301 -12.29 39.48 -16.22
N ARG D 302 -11.64 39.05 -15.13
CA ARG D 302 -10.65 37.98 -15.21
C ARG D 302 -11.33 36.70 -15.65
N GLY D 303 -10.74 36.04 -16.64
CA GLY D 303 -11.34 34.85 -17.22
C GLY D 303 -12.10 35.10 -18.50
N TYR D 304 -12.23 36.37 -18.89
CA TYR D 304 -12.93 36.76 -20.10
C TYR D 304 -12.04 37.56 -21.03
N HIS D 305 -10.78 37.75 -20.65
CA HIS D 305 -9.86 38.57 -21.40
C HIS D 305 -8.46 38.03 -21.20
N PHE D 306 -7.54 38.51 -22.04
CA PHE D 306 -6.13 38.20 -21.88
C PHE D 306 -5.33 39.46 -22.17
N LYS D 307 -4.05 39.42 -21.77
CA LYS D 307 -3.14 40.55 -21.89
C LYS D 307 -1.96 40.27 -22.83
N PRO D 308 -2.02 40.74 -24.08
CA PRO D 308 -0.86 40.57 -24.99
C PRO D 308 0.44 41.14 -24.40
N THR D 309 0.37 42.32 -23.80
CA THR D 309 1.44 42.88 -22.99
C THR D 309 0.86 43.15 -21.61
N ASP D 310 1.72 43.55 -20.67
CA ASP D 310 1.29 43.77 -19.29
C ASP D 310 0.31 44.92 -19.09
N LYS D 311 0.24 45.89 -20.01
CA LYS D 311 -0.63 47.04 -19.79
C LYS D 311 -1.78 47.13 -20.79
N THR D 312 -2.09 46.06 -21.52
CA THR D 312 -3.18 46.07 -22.48
C THR D 312 -4.11 44.88 -22.23
N VAL D 313 -5.31 44.96 -22.78
CA VAL D 313 -6.33 43.93 -22.60
C VAL D 313 -6.99 43.62 -23.94
N GLN D 314 -7.36 42.35 -24.12
CA GLN D 314 -8.07 41.91 -25.30
C GLN D 314 -9.02 40.78 -24.94
N TYR D 315 -10.21 40.79 -25.54
CA TYR D 315 -11.24 39.79 -25.26
C TYR D 315 -10.88 38.39 -25.76
N ILE D 316 -11.30 37.39 -25.00
CA ILE D 316 -11.21 35.98 -25.35
C ILE D 316 -12.46 35.29 -24.82
N ALA D 317 -13.07 34.43 -25.63
CA ALA D 317 -14.23 33.67 -25.19
C ALA D 317 -13.77 32.28 -24.79
N LYS D 318 -14.17 31.84 -23.58
CA LYS D 318 -13.75 30.53 -23.07
C LYS D 318 -14.26 29.38 -23.93
N SER D 319 -15.42 29.56 -24.57
CA SER D 319 -16.02 28.53 -25.41
C SER D 319 -15.15 28.16 -26.61
N THR D 320 -14.32 29.08 -27.09
CA THR D 320 -13.52 28.80 -28.28
C THR D 320 -12.25 28.03 -27.93
N LEU D 321 -11.97 27.85 -26.66
CA LEU D 321 -10.76 27.19 -26.26
C LEU D 321 -10.89 25.68 -26.43
N PRO D 322 -9.78 25.02 -26.78
CA PRO D 322 -9.77 23.55 -26.89
C PRO D 322 -10.13 22.82 -25.61
N MET D 323 -10.50 21.55 -25.79
CA MET D 323 -10.69 20.63 -24.68
C MET D 323 -9.48 19.73 -24.48
N ASP D 324 -8.58 19.64 -25.45
CA ASP D 324 -7.34 18.92 -25.14
C ASP D 324 -6.44 19.81 -24.31
N PRO D 325 -5.97 19.32 -23.14
CA PRO D 325 -5.15 20.13 -22.23
C PRO D 325 -3.91 20.78 -22.85
N LYS D 326 -3.06 19.94 -23.46
CA LYS D 326 -1.81 20.41 -24.07
C LYS D 326 -2.04 21.43 -25.16
N GLU D 327 -3.07 21.22 -26.00
CA GLU D 327 -3.37 22.16 -27.08
C GLU D 327 -3.84 23.50 -26.53
N ARG D 328 -4.75 23.46 -25.54
CA ARG D 328 -5.27 24.68 -24.95
C ARG D 328 -4.15 25.46 -24.29
N PHE D 329 -3.26 24.77 -23.56
CA PHE D 329 -2.12 25.44 -22.95
C PHE D 329 -1.19 26.02 -24.02
N LYS D 330 -1.04 25.31 -25.14
CA LYS D 330 -0.21 25.78 -26.26
C LYS D 330 -0.75 27.10 -26.81
N VAL D 331 -2.06 27.16 -27.02
CA VAL D 331 -2.69 28.35 -27.60
C VAL D 331 -2.68 29.48 -26.57
N LEU D 332 -2.82 29.14 -25.28
CA LEU D 332 -2.74 30.14 -24.23
C LEU D 332 -1.35 30.75 -24.17
N PHE D 333 -0.32 29.94 -24.30
CA PHE D 333 1.04 30.45 -24.29
C PHE D 333 1.36 31.19 -25.57
N ARG D 334 0.63 30.87 -26.64
CA ARG D 334 0.80 31.61 -27.88
C ARG D 334 0.22 33.00 -27.73
N LEU D 335 -0.91 33.10 -27.04
CA LEU D 335 -1.49 34.42 -26.80
C LEU D 335 -0.63 35.22 -25.82
N GLN D 336 -0.08 34.57 -24.79
CA GLN D 336 0.73 35.26 -23.78
C GLN D 336 1.85 34.38 -23.28
N SER D 337 3.10 34.76 -23.54
CA SER D 337 4.24 33.95 -23.14
C SER D 337 4.29 33.81 -21.60
N GLN D 338 4.09 34.92 -20.90
CA GLN D 338 4.13 35.00 -19.44
C GLN D 338 2.76 35.47 -18.95
N TRP D 339 2.14 34.68 -18.06
CA TRP D 339 0.82 34.97 -17.52
C TRP D 339 0.84 35.35 -16.05
N ASP D 340 -0.08 36.21 -15.65
CA ASP D 340 -0.34 36.38 -14.23
C ASP D 340 -1.24 35.26 -13.74
N LEU D 341 -0.95 34.78 -12.52
CA LEU D 341 -1.63 33.62 -11.95
C LEU D 341 -3.15 33.80 -11.84
N GLU D 342 -3.59 34.96 -11.36
CA GLU D 342 -5.02 35.19 -11.16
C GLU D 342 -5.76 35.36 -12.48
N ASP D 343 -5.02 35.62 -13.56
CA ASP D 343 -5.61 35.77 -14.87
C ASP D 343 -5.82 34.41 -15.50
N ILE D 344 -4.93 33.46 -15.22
CA ILE D 344 -4.97 32.17 -15.87
C ILE D 344 -5.78 31.16 -15.07
N LYS D 345 -5.96 31.38 -13.75
CA LYS D 345 -6.70 30.43 -12.91
C LYS D 345 -8.14 30.18 -13.39
N PRO D 346 -9.01 31.19 -13.62
CA PRO D 346 -10.40 30.87 -14.03
C PRO D 346 -10.48 30.25 -15.43
N LEU D 347 -9.40 30.35 -16.19
CA LEU D 347 -9.25 29.82 -17.54
C LEU D 347 -8.93 28.33 -17.54
N ILE D 348 -8.45 27.77 -16.43
CA ILE D 348 -8.03 26.38 -16.40
C ILE D 348 -8.89 25.55 -15.47
N GLU D 349 -9.87 26.16 -14.81
CA GLU D 349 -10.74 25.50 -13.82
C GLU D 349 -11.46 24.31 -14.47
N GLU D 350 -11.84 24.48 -15.73
CA GLU D 350 -12.63 23.55 -16.53
C GLU D 350 -11.90 22.26 -16.90
N LEU D 351 -10.58 22.16 -16.77
CA LEU D 351 -9.97 20.92 -17.25
C LEU D 351 -9.91 19.74 -16.28
N ASN D 352 -9.58 19.91 -15.01
CA ASN D 352 -9.59 18.69 -14.21
C ASN D 352 -10.11 18.94 -12.80
N SER D 353 -11.17 18.21 -12.47
CA SER D 353 -11.96 18.28 -11.25
C SER D 353 -11.31 17.58 -10.05
N ARG D 354 -9.99 17.33 -10.07
CA ARG D 354 -9.40 16.53 -8.99
C ARG D 354 -9.27 17.29 -7.68
N GLY D 355 -9.38 18.61 -7.69
CA GLY D 355 -9.35 19.33 -6.45
C GLY D 355 -7.97 19.60 -5.91
N MET D 356 -6.93 19.40 -6.73
CA MET D 356 -5.56 19.56 -6.27
C MET D 356 -5.23 21.03 -6.10
N LYS D 357 -4.02 21.28 -5.60
CA LYS D 357 -3.43 22.60 -5.70
C LYS D 357 -3.25 22.98 -7.16
N ILE D 358 -3.71 24.19 -7.50
CA ILE D 358 -3.78 24.71 -8.87
C ILE D 358 -2.39 24.70 -9.52
N ASP D 359 -1.36 24.89 -8.70
CA ASP D 359 0.02 24.86 -9.18
C ASP D 359 0.39 23.47 -9.68
N SER D 360 -0.08 22.42 -8.98
CA SER D 360 0.15 21.05 -9.42
C SER D 360 -0.57 20.78 -10.73
N PHE D 361 -1.79 21.32 -10.88
CA PHE D 361 -2.55 21.21 -12.13
C PHE D 361 -1.75 21.79 -13.28
N ILE D 362 -1.14 22.95 -13.06
CA ILE D 362 -0.30 23.58 -14.08
C ILE D 362 0.96 22.75 -14.34
N MET D 363 1.44 22.00 -13.35
CA MET D 363 2.70 21.29 -13.51
C MET D 363 2.61 19.99 -14.32
N LYS D 364 1.60 19.74 -15.15
CA LYS D 364 1.69 18.50 -15.91
C LYS D 364 2.52 18.69 -17.18
N TYR D 365 2.35 19.83 -17.86
CA TYR D 365 3.04 20.10 -19.12
C TYR D 365 4.02 21.25 -18.96
N ALA D 366 3.48 22.41 -18.60
CA ALA D 366 4.14 23.69 -18.45
C ALA D 366 4.74 23.83 -17.07
N ARG D 367 5.56 24.87 -16.88
CA ARG D 367 6.21 25.07 -15.60
C ARG D 367 6.10 26.51 -15.12
N ARG D 368 6.03 26.66 -13.80
CA ARG D 368 5.94 27.92 -13.08
C ARG D 368 7.32 28.50 -12.85
N LYS D 369 7.35 29.82 -12.68
CA LYS D 369 8.59 30.53 -12.42
C LYS D 369 8.14 31.81 -11.73
N ARG D 370 8.69 32.06 -10.55
CA ARG D 370 8.30 33.24 -9.82
C ARG D 370 9.30 34.38 -9.97
N LEU D 371 8.88 35.52 -9.42
CA LEU D 371 9.59 36.77 -9.37
C LEU D 371 9.12 37.45 -8.08
N GLY D 372 9.23 38.77 -8.01
CA GLY D 372 8.83 39.52 -6.82
C GLY D 372 7.44 39.18 -6.29
N LYS D 373 6.39 39.54 -7.03
CA LYS D 373 5.07 39.17 -6.56
C LYS D 373 4.36 38.23 -7.53
N LYS D 374 4.62 38.38 -8.82
CA LYS D 374 3.94 37.56 -9.81
C LYS D 374 4.68 36.25 -10.05
N THR D 375 3.89 35.22 -10.37
CA THR D 375 4.36 33.90 -10.76
C THR D 375 3.88 33.65 -12.17
N VAL D 376 4.77 33.46 -13.13
CA VAL D 376 4.26 33.26 -14.46
C VAL D 376 4.52 31.82 -14.85
N VAL D 377 3.95 31.44 -16.00
CA VAL D 377 4.09 30.06 -16.41
C VAL D 377 4.70 30.01 -17.80
N THR D 378 5.80 29.26 -17.94
CA THR D 378 6.44 29.09 -19.22
C THR D 378 6.52 27.60 -19.55
N SER D 379 5.98 27.20 -20.71
CA SER D 379 6.07 25.81 -21.20
C SER D 379 7.51 25.42 -21.54
N ARG D 380 8.39 25.49 -20.55
CA ARG D 380 9.72 26.10 -20.73
C ARG D 380 9.75 27.13 -21.86
FE1 SF4 E . 44.44 -0.01 25.66
FE2 SF4 E . 46.33 0.52 24.16
FE3 SF4 E . 44.52 -1.13 23.44
FE4 SF4 E . 46.30 -1.69 25.13
S1 SF4 E . 46.63 -1.28 23.06
S2 SF4 E . 44.25 -2.10 25.30
S3 SF4 E . 46.51 0.13 26.23
S4 SF4 E . 44.26 0.95 23.80
#